data_5AQG
#
_entry.id   5AQG
#
_cell.length_a   232.864
_cell.length_b   40.772
_cell.length_c   205.792
_cell.angle_alpha   90.00
_cell.angle_beta   122.48
_cell.angle_gamma   90.00
#
_symmetry.space_group_name_H-M   'C 1 2 1'
#
loop_
_entity.id
_entity.type
_entity.pdbx_description
1 polymer 'HEAT SHOCK COGNATE 71 KDA PROTEIN'
2 polymer 'BAG FAMILY MOLECULAR CHAPERONE REGULATOR 1'
3 non-polymer (2R,3R,4S,5R)-2-(3-AMINO-5-METHYL-1,4,5,6,8-PENTAAZAACENAPHTHYLEN-1(5H)-YL)-5-(HYDROXYMETHYL)TETRAHYDROFURAN-3,4-DIOL
4 non-polymer GLYCEROL
5 non-polymer 2-AMINO-2-HYDROXYMETHYL-PROPANE-1,3-DIOL
6 non-polymer 'CHLORIDE ION'
7 water water
#
loop_
_entity_poly.entity_id
_entity_poly.type
_entity_poly.pdbx_seq_one_letter_code
_entity_poly.pdbx_strand_id
1 'polypeptide(L)'
;GPLGSMSKGPAVGIDLGTTYSCVGVFQHGKVEIIANDQGNRTTPSYVAFTDTERLIGDAAKNQVAMNPTNTVFDAKRLIG
RRFDDAVVQSDMKHWPFMVVNDAGRPKVQVEYKGETKSFYPEEVSSMVLTKMKEIAEAYLGKTVTNAVVTVPAYFNDSQR
QATKDAGTIAGLNVLRIINEPTAAAIAYGLDKKVGAERNVLIFDLGGGTFDVSILTIEDGIFEVKSTAGDTHLGGEDFDN
RMVNHFIAEFKRKHKKDISENKRAVRRLRTACERAKRTLSSSTQASIEIDSLYEGIDFYTSITRARFEELNADLFRGTLD
PVEKALRDAKLDKSQIHDIVLVGGSTRIPKIQKLLQDFFNGKELNKSINPDEAVAYGAAVQAAILS
;
A,C,E
2 'polypeptide(L)'
;GPLGSNSPQEEVELKKLKHLEKSVEKIADQLEELNKELTGIQQGFLPKDLQAEALCKLDRRVKATIEQFMKILEEIDTLI
LPENFKDSRLKRKGLVKKVQAFLAECDTVEQNICQETE
;
B,D,F
#
# COMPACT_ATOMS: atom_id res chain seq x y z
N MET A 6 -34.84 -25.17 -20.81
CA MET A 6 -34.89 -24.10 -19.80
C MET A 6 -36.30 -23.52 -19.68
N SER A 7 -36.89 -23.57 -18.46
CA SER A 7 -38.21 -23.01 -18.15
C SER A 7 -38.18 -21.49 -18.25
N LYS A 8 -39.36 -20.83 -18.39
CA LYS A 8 -39.45 -19.36 -18.47
C LYS A 8 -39.26 -18.76 -17.08
N GLY A 9 -38.38 -17.77 -16.99
CA GLY A 9 -38.04 -17.11 -15.75
C GLY A 9 -38.67 -15.76 -15.48
N PRO A 10 -38.28 -15.12 -14.36
CA PRO A 10 -38.86 -13.82 -13.99
C PRO A 10 -38.33 -12.64 -14.81
N ALA A 11 -38.82 -11.42 -14.47
CA ALA A 11 -38.39 -10.18 -15.08
C ALA A 11 -37.23 -9.65 -14.25
N VAL A 12 -36.24 -9.04 -14.93
CA VAL A 12 -35.03 -8.51 -14.31
C VAL A 12 -34.94 -7.02 -14.45
N GLY A 13 -34.16 -6.42 -13.57
CA GLY A 13 -33.85 -5.01 -13.61
C GLY A 13 -32.42 -4.84 -14.05
N ILE A 14 -32.18 -4.04 -15.10
CA ILE A 14 -30.84 -3.81 -15.62
C ILE A 14 -30.44 -2.33 -15.53
N ASP A 15 -29.30 -2.08 -14.89
CA ASP A 15 -28.64 -0.79 -14.86
C ASP A 15 -27.62 -0.88 -15.99
N LEU A 16 -27.94 -0.30 -17.14
CA LEU A 16 -27.02 -0.28 -18.29
C LEU A 16 -26.14 0.98 -18.12
N GLY A 17 -24.91 0.78 -17.63
CA GLY A 17 -24.00 1.88 -17.30
C GLY A 17 -22.95 2.23 -18.31
N THR A 18 -22.27 3.35 -18.05
CA THR A 18 -21.22 3.87 -18.91
C THR A 18 -20.02 2.91 -18.98
N THR A 19 -19.48 2.53 -17.84
CA THR A 19 -18.29 1.66 -17.76
C THR A 19 -18.61 0.29 -17.18
N TYR A 20 -19.67 0.21 -16.35
CA TYR A 20 -20.14 -1.02 -15.72
C TYR A 20 -21.66 -1.14 -15.78
N SER A 21 -22.15 -2.36 -15.95
CA SER A 21 -23.57 -2.70 -15.93
C SER A 21 -23.84 -3.65 -14.76
N CYS A 22 -25.10 -3.70 -14.31
CA CYS A 22 -25.52 -4.48 -13.16
C CYS A 22 -26.93 -5.01 -13.41
N VAL A 23 -27.16 -6.30 -13.06
CA VAL A 23 -28.47 -6.96 -13.22
C VAL A 23 -28.94 -7.56 -11.89
N GLY A 24 -30.22 -7.34 -11.58
CA GLY A 24 -30.85 -7.84 -10.37
C GLY A 24 -32.20 -8.47 -10.65
N VAL A 25 -32.64 -9.32 -9.72
CA VAL A 25 -33.92 -10.02 -9.78
C VAL A 25 -34.63 -10.03 -8.42
N PHE A 26 -35.96 -9.83 -8.43
CA PHE A 26 -36.81 -9.86 -7.25
C PHE A 26 -37.37 -11.26 -7.12
N GLN A 27 -37.02 -11.95 -6.03
CA GLN A 27 -37.48 -13.32 -5.73
C GLN A 27 -37.45 -13.56 -4.23
N HIS A 28 -38.44 -14.34 -3.73
CA HIS A 28 -38.64 -14.66 -2.31
C HIS A 28 -38.68 -13.37 -1.47
N GLY A 29 -39.43 -12.38 -1.97
CA GLY A 29 -39.64 -11.07 -1.33
C GLY A 29 -38.44 -10.16 -1.23
N LYS A 30 -37.34 -10.45 -1.95
CA LYS A 30 -36.13 -9.63 -1.89
C LYS A 30 -35.41 -9.55 -3.22
N VAL A 31 -34.62 -8.48 -3.45
CA VAL A 31 -33.82 -8.34 -4.66
C VAL A 31 -32.48 -9.05 -4.46
N GLU A 32 -32.04 -9.83 -5.46
CA GLU A 32 -30.74 -10.50 -5.52
C GLU A 32 -29.99 -9.91 -6.69
N ILE A 33 -28.83 -9.34 -6.41
CA ILE A 33 -27.95 -8.75 -7.43
C ILE A 33 -27.15 -9.93 -7.94
N ILE A 34 -27.29 -10.22 -9.24
CA ILE A 34 -26.69 -11.40 -9.86
C ILE A 34 -25.22 -11.24 -10.22
N ALA A 35 -24.37 -12.15 -9.73
CA ALA A 35 -22.93 -12.18 -10.06
C ALA A 35 -22.72 -12.81 -11.44
N ASN A 36 -21.71 -12.32 -12.19
CA ASN A 36 -21.40 -12.88 -13.50
C ASN A 36 -20.52 -14.13 -13.37
N ASP A 37 -20.07 -14.70 -14.51
CA ASP A 37 -19.23 -15.89 -14.64
C ASP A 37 -17.89 -15.79 -13.88
N GLN A 38 -17.42 -14.55 -13.57
CA GLN A 38 -16.18 -14.31 -12.82
C GLN A 38 -16.47 -14.03 -11.33
N GLY A 39 -17.76 -14.05 -10.97
CA GLY A 39 -18.24 -13.83 -9.60
C GLY A 39 -18.41 -12.37 -9.24
N ASN A 40 -18.36 -11.48 -10.24
CA ASN A 40 -18.48 -10.04 -10.06
C ASN A 40 -19.94 -9.58 -10.16
N ARG A 41 -20.38 -8.76 -9.20
CA ARG A 41 -21.75 -8.24 -9.15
C ARG A 41 -22.00 -7.09 -10.15
N THR A 42 -20.92 -6.54 -10.76
CA THR A 42 -20.95 -5.58 -11.87
C THR A 42 -20.13 -6.14 -13.04
N THR A 43 -20.54 -5.82 -14.28
CA THR A 43 -19.89 -6.29 -15.49
C THR A 43 -19.41 -5.07 -16.32
N PRO A 44 -18.13 -5.04 -16.78
CA PRO A 44 -17.69 -3.92 -17.63
C PRO A 44 -18.54 -3.78 -18.89
N SER A 45 -18.90 -2.55 -19.26
CA SER A 45 -19.69 -2.27 -20.46
C SER A 45 -18.70 -2.19 -21.65
N TYR A 46 -17.92 -3.29 -21.84
CA TYR A 46 -16.87 -3.41 -22.84
C TYR A 46 -17.16 -4.52 -23.82
N VAL A 47 -16.85 -4.27 -25.10
CA VAL A 47 -17.03 -5.22 -26.19
C VAL A 47 -15.72 -5.18 -26.99
N ALA A 48 -15.07 -6.31 -27.18
CA ALA A 48 -13.84 -6.38 -27.96
C ALA A 48 -14.03 -7.26 -29.17
N PHE A 49 -13.44 -6.85 -30.28
CA PHE A 49 -13.49 -7.57 -31.55
C PHE A 49 -12.09 -8.03 -31.83
N THR A 50 -11.90 -9.33 -32.00
CA THR A 50 -10.58 -9.91 -32.24
C THR A 50 -10.56 -10.54 -33.63
N ASP A 51 -9.47 -11.23 -33.96
CA ASP A 51 -9.28 -11.95 -35.22
C ASP A 51 -10.15 -13.20 -35.30
N THR A 52 -10.67 -13.68 -34.15
CA THR A 52 -11.45 -14.92 -34.09
C THR A 52 -12.80 -14.83 -33.41
N GLU A 53 -12.93 -13.97 -32.39
CA GLU A 53 -14.18 -13.85 -31.62
C GLU A 53 -14.55 -12.44 -31.22
N ARG A 54 -15.72 -12.34 -30.56
CA ARG A 54 -16.29 -11.13 -30.00
C ARG A 54 -16.36 -11.38 -28.49
N LEU A 55 -15.61 -10.60 -27.71
CA LEU A 55 -15.60 -10.71 -26.25
C LEU A 55 -16.45 -9.60 -25.61
N ILE A 56 -17.21 -9.94 -24.57
CA ILE A 56 -18.07 -8.98 -23.88
C ILE A 56 -17.81 -9.05 -22.37
N GLY A 57 -17.81 -7.89 -21.69
CA GLY A 57 -17.66 -7.83 -20.24
C GLY A 57 -16.25 -7.97 -19.73
N ASP A 58 -16.08 -8.77 -18.66
CA ASP A 58 -14.77 -8.98 -18.05
C ASP A 58 -13.71 -9.49 -19.04
N ALA A 59 -14.08 -10.43 -19.93
CA ALA A 59 -13.17 -10.97 -20.97
C ALA A 59 -12.70 -9.85 -21.92
N ALA A 60 -13.60 -8.90 -22.27
CA ALA A 60 -13.22 -7.81 -23.17
C ALA A 60 -12.31 -6.80 -22.43
N LYS A 61 -12.65 -6.41 -21.18
CA LYS A 61 -11.82 -5.48 -20.39
C LYS A 61 -10.42 -6.06 -20.10
N ASN A 62 -10.31 -7.37 -19.83
CA ASN A 62 -9.03 -8.03 -19.49
C ASN A 62 -7.99 -8.06 -20.63
N GLN A 63 -8.41 -7.86 -21.88
CA GLN A 63 -7.47 -7.86 -23.01
C GLN A 63 -7.37 -6.46 -23.66
N VAL A 64 -7.86 -5.41 -22.96
CA VAL A 64 -7.86 -4.02 -23.47
C VAL A 64 -6.41 -3.52 -23.81
N ALA A 65 -5.43 -3.87 -22.99
CA ALA A 65 -4.05 -3.46 -23.26
C ALA A 65 -3.58 -4.08 -24.57
N MET A 66 -3.93 -5.35 -24.77
CA MET A 66 -3.58 -6.08 -25.97
C MET A 66 -4.24 -5.57 -27.25
N ASN A 67 -5.52 -5.20 -27.15
CA ASN A 67 -6.29 -4.76 -28.32
C ASN A 67 -6.99 -3.44 -28.05
N PRO A 68 -6.24 -2.35 -27.94
CA PRO A 68 -6.82 -1.03 -27.65
C PRO A 68 -7.77 -0.44 -28.70
N THR A 69 -7.41 -0.54 -29.97
CA THR A 69 -8.20 0.00 -31.08
C THR A 69 -9.51 -0.71 -31.39
N ASN A 70 -9.58 -2.00 -31.06
CA ASN A 70 -10.75 -2.84 -31.36
C ASN A 70 -11.59 -3.19 -30.12
N THR A 71 -11.29 -2.56 -28.96
CA THR A 71 -12.04 -2.73 -27.72
C THR A 71 -12.85 -1.46 -27.49
N VAL A 72 -14.18 -1.60 -27.58
CA VAL A 72 -15.16 -0.53 -27.45
C VAL A 72 -15.74 -0.50 -26.02
N PHE A 73 -15.93 0.71 -25.50
CA PHE A 73 -16.48 1.04 -24.20
C PHE A 73 -17.09 2.45 -24.34
N ASP A 74 -17.81 2.96 -23.32
CA ASP A 74 -18.44 4.30 -23.34
C ASP A 74 -19.50 4.49 -24.43
N ALA A 75 -20.05 3.41 -25.01
CA ALA A 75 -21.10 3.50 -26.04
C ALA A 75 -22.30 4.31 -25.53
N LYS A 76 -22.55 4.31 -24.19
CA LYS A 76 -23.60 5.11 -23.57
C LYS A 76 -23.42 6.62 -23.86
N ARG A 77 -22.15 7.09 -23.99
CA ARG A 77 -21.84 8.49 -24.27
C ARG A 77 -22.16 8.84 -25.72
N LEU A 78 -22.38 7.81 -26.59
CA LEU A 78 -22.67 7.98 -28.02
C LEU A 78 -24.12 7.69 -28.39
N ILE A 79 -24.81 6.86 -27.59
CA ILE A 79 -26.17 6.38 -27.86
C ILE A 79 -27.19 7.52 -27.97
N GLY A 80 -27.95 7.48 -29.07
CA GLY A 80 -29.00 8.44 -29.38
C GLY A 80 -28.51 9.80 -29.80
N ARG A 81 -27.19 9.97 -29.93
CA ARG A 81 -26.60 11.24 -30.30
C ARG A 81 -26.27 11.32 -31.80
N ARG A 82 -26.20 12.55 -32.31
CA ARG A 82 -25.82 12.87 -33.68
C ARG A 82 -24.29 12.97 -33.66
N PHE A 83 -23.64 12.79 -34.80
CA PHE A 83 -22.18 12.84 -34.91
C PHE A 83 -21.61 14.18 -34.49
N ASP A 84 -22.28 15.24 -34.89
CA ASP A 84 -21.88 16.62 -34.65
C ASP A 84 -22.20 17.13 -33.23
N ASP A 85 -22.65 16.24 -32.31
CA ASP A 85 -22.93 16.54 -30.92
C ASP A 85 -21.61 16.94 -30.22
N ALA A 86 -21.61 18.06 -29.45
CA ALA A 86 -20.47 18.54 -28.69
C ALA A 86 -19.83 17.41 -27.85
N VAL A 87 -20.68 16.59 -27.18
CA VAL A 87 -20.25 15.42 -26.35
C VAL A 87 -19.44 14.40 -27.19
N VAL A 88 -19.98 13.98 -28.36
CA VAL A 88 -19.34 13.03 -29.28
C VAL A 88 -17.99 13.59 -29.73
N GLN A 89 -17.95 14.86 -30.18
CA GLN A 89 -16.72 15.50 -30.68
C GLN A 89 -15.63 15.64 -29.62
N SER A 90 -16.02 15.89 -28.35
CA SER A 90 -15.12 16.08 -27.22
C SER A 90 -14.59 14.75 -26.70
N ASP A 91 -15.45 13.73 -26.60
CA ASP A 91 -15.11 12.41 -26.07
C ASP A 91 -14.26 11.54 -27.00
N MET A 92 -14.42 11.67 -28.33
CA MET A 92 -13.68 10.84 -29.27
C MET A 92 -12.17 11.19 -29.33
N LYS A 93 -11.79 12.42 -28.88
CA LYS A 93 -10.40 12.87 -28.78
C LYS A 93 -9.59 12.00 -27.78
N HIS A 94 -10.29 11.28 -26.87
CA HIS A 94 -9.70 10.46 -25.83
C HIS A 94 -9.85 8.94 -26.04
N TRP A 95 -10.78 8.49 -26.92
CA TRP A 95 -11.00 7.08 -27.17
C TRP A 95 -9.95 6.48 -28.09
N PRO A 96 -9.48 5.24 -27.82
CA PRO A 96 -8.49 4.61 -28.73
C PRO A 96 -9.13 3.98 -29.97
N PHE A 97 -10.45 3.75 -29.95
CA PHE A 97 -11.20 3.19 -31.09
C PHE A 97 -11.71 4.34 -31.98
N MET A 98 -12.00 4.05 -33.26
CA MET A 98 -12.47 5.00 -34.26
C MET A 98 -13.97 5.23 -34.17
N VAL A 99 -14.38 6.49 -34.30
CA VAL A 99 -15.79 6.90 -34.35
C VAL A 99 -15.94 7.60 -35.72
N VAL A 100 -16.78 7.02 -36.60
CA VAL A 100 -17.02 7.54 -37.95
C VAL A 100 -18.41 8.19 -38.04
N ASN A 101 -18.67 8.92 -39.12
CA ASN A 101 -19.94 9.58 -39.37
C ASN A 101 -20.66 8.88 -40.51
N ASP A 102 -21.83 8.34 -40.24
CA ASP A 102 -22.66 7.68 -41.24
C ASP A 102 -23.97 8.45 -41.30
N ALA A 103 -24.11 9.30 -42.34
CA ALA A 103 -25.28 10.14 -42.58
C ALA A 103 -25.76 10.91 -41.33
N GLY A 104 -24.81 11.53 -40.63
CA GLY A 104 -25.10 12.31 -39.43
C GLY A 104 -25.08 11.53 -38.13
N ARG A 105 -25.05 10.20 -38.20
CA ARG A 105 -25.05 9.29 -37.04
C ARG A 105 -23.65 8.75 -36.75
N PRO A 106 -23.20 8.71 -35.48
CA PRO A 106 -21.88 8.11 -35.19
C PRO A 106 -21.93 6.58 -35.23
N LYS A 107 -20.81 5.96 -35.57
CA LYS A 107 -20.62 4.50 -35.62
C LYS A 107 -19.21 4.20 -35.16
N VAL A 108 -19.03 3.15 -34.36
CA VAL A 108 -17.68 2.74 -33.94
C VAL A 108 -17.11 1.85 -35.02
N GLN A 109 -15.84 2.08 -35.43
CA GLN A 109 -15.20 1.31 -36.48
C GLN A 109 -14.03 0.49 -35.95
N VAL A 110 -14.10 -0.82 -36.19
CA VAL A 110 -13.13 -1.79 -35.70
C VAL A 110 -12.70 -2.78 -36.79
N GLU A 111 -11.70 -3.60 -36.47
CA GLU A 111 -11.22 -4.71 -37.29
C GLU A 111 -11.75 -5.93 -36.54
N TYR A 112 -12.66 -6.68 -37.18
CA TYR A 112 -13.29 -7.86 -36.61
C TYR A 112 -13.18 -9.01 -37.58
N LYS A 113 -12.39 -10.03 -37.19
CA LYS A 113 -12.05 -11.25 -37.97
C LYS A 113 -11.36 -10.88 -39.31
N GLY A 114 -10.42 -9.95 -39.23
CA GLY A 114 -9.63 -9.47 -40.37
C GLY A 114 -10.33 -8.48 -41.29
N GLU A 115 -11.60 -8.14 -41.00
CA GLU A 115 -12.40 -7.21 -41.81
C GLU A 115 -12.74 -5.94 -41.06
N THR A 116 -12.73 -4.79 -41.77
CA THR A 116 -13.10 -3.50 -41.21
C THR A 116 -14.63 -3.46 -41.14
N LYS A 117 -15.16 -3.35 -39.91
CA LYS A 117 -16.59 -3.33 -39.63
C LYS A 117 -16.96 -2.10 -38.81
N SER A 118 -18.21 -1.64 -38.93
CA SER A 118 -18.73 -0.51 -38.16
C SER A 118 -20.05 -0.87 -37.50
N PHE A 119 -20.26 -0.38 -36.27
CA PHE A 119 -21.47 -0.67 -35.50
C PHE A 119 -22.05 0.59 -34.91
N TYR A 120 -23.39 0.68 -34.86
CA TYR A 120 -24.06 1.82 -34.26
C TYR A 120 -23.94 1.70 -32.72
N PRO A 121 -23.98 2.81 -31.93
CA PRO A 121 -23.89 2.67 -30.45
C PRO A 121 -24.92 1.72 -29.81
N GLU A 122 -26.15 1.64 -30.33
CA GLU A 122 -27.19 0.74 -29.80
C GLU A 122 -26.90 -0.71 -30.12
N GLU A 123 -26.06 -0.97 -31.14
CA GLU A 123 -25.66 -2.36 -31.46
C GLU A 123 -24.63 -2.81 -30.44
N VAL A 124 -23.72 -1.91 -30.02
CA VAL A 124 -22.69 -2.21 -29.01
C VAL A 124 -23.40 -2.40 -27.66
N SER A 125 -24.35 -1.50 -27.29
CA SER A 125 -25.13 -1.59 -26.05
C SER A 125 -26.03 -2.85 -26.00
N SER A 126 -26.50 -3.33 -27.17
CA SER A 126 -27.31 -4.53 -27.29
C SER A 126 -26.46 -5.77 -26.91
N MET A 127 -25.16 -5.78 -27.31
CA MET A 127 -24.22 -6.85 -26.96
C MET A 127 -23.99 -6.90 -25.45
N VAL A 128 -23.95 -5.72 -24.78
CA VAL A 128 -23.79 -5.61 -23.33
C VAL A 128 -25.06 -6.11 -22.66
N LEU A 129 -26.23 -5.76 -23.23
CA LEU A 129 -27.51 -6.20 -22.70
C LEU A 129 -27.69 -7.70 -22.82
N THR A 130 -27.24 -8.29 -23.95
CA THR A 130 -27.26 -9.74 -24.21
C THR A 130 -26.44 -10.44 -23.12
N LYS A 131 -25.26 -9.88 -22.78
CA LYS A 131 -24.40 -10.43 -21.73
C LYS A 131 -25.11 -10.36 -20.37
N MET A 132 -25.80 -9.23 -20.07
CA MET A 132 -26.57 -9.07 -18.82
C MET A 132 -27.71 -10.12 -18.76
N LYS A 133 -28.40 -10.36 -19.90
CA LYS A 133 -29.47 -11.35 -20.05
C LYS A 133 -28.89 -12.76 -19.70
N GLU A 134 -27.72 -13.09 -20.27
CA GLU A 134 -27.05 -14.39 -20.06
C GLU A 134 -26.55 -14.61 -18.64
N ILE A 135 -26.12 -13.53 -17.95
CA ILE A 135 -25.70 -13.52 -16.54
C ILE A 135 -26.88 -13.94 -15.67
N ALA A 136 -28.07 -13.35 -15.92
CA ALA A 136 -29.31 -13.65 -15.22
C ALA A 136 -29.73 -15.10 -15.47
N GLU A 137 -29.72 -15.53 -16.75
CA GLU A 137 -30.09 -16.87 -17.18
C GLU A 137 -29.18 -17.96 -16.56
N ALA A 138 -27.87 -17.69 -16.43
CA ALA A 138 -26.92 -18.64 -15.85
C ALA A 138 -27.17 -18.82 -14.36
N TYR A 139 -27.59 -17.75 -13.65
CA TYR A 139 -27.88 -17.80 -12.22
C TYR A 139 -29.22 -18.49 -11.95
N LEU A 140 -30.27 -18.07 -12.67
CA LEU A 140 -31.63 -18.56 -12.47
C LEU A 140 -31.87 -19.97 -12.97
N GLY A 141 -31.16 -20.35 -14.03
CA GLY A 141 -31.32 -21.64 -14.70
C GLY A 141 -32.63 -21.62 -15.50
N LYS A 142 -33.07 -20.41 -15.87
CA LYS A 142 -34.32 -20.14 -16.60
C LYS A 142 -34.09 -19.09 -17.65
N THR A 143 -34.89 -19.14 -18.73
CA THR A 143 -34.83 -18.17 -19.83
C THR A 143 -35.30 -16.79 -19.32
N VAL A 144 -34.58 -15.71 -19.67
CA VAL A 144 -34.91 -14.32 -19.29
C VAL A 144 -35.26 -13.51 -20.54
N THR A 145 -36.47 -12.95 -20.58
CA THR A 145 -36.93 -12.14 -21.72
C THR A 145 -37.33 -10.72 -21.30
N ASN A 146 -38.05 -10.58 -20.19
CA ASN A 146 -38.57 -9.31 -19.70
C ASN A 146 -37.58 -8.55 -18.86
N ALA A 147 -37.47 -7.23 -19.13
CA ALA A 147 -36.53 -6.36 -18.41
C ALA A 147 -36.97 -4.92 -18.31
N VAL A 148 -36.58 -4.28 -17.20
CA VAL A 148 -36.71 -2.86 -16.93
C VAL A 148 -35.26 -2.37 -17.07
N VAL A 149 -35.02 -1.44 -18.00
CA VAL A 149 -33.70 -0.87 -18.26
C VAL A 149 -33.70 0.60 -17.82
N THR A 150 -32.63 1.03 -17.15
CA THR A 150 -32.53 2.40 -16.66
C THR A 150 -31.70 3.30 -17.59
N VAL A 151 -32.01 4.61 -17.57
CA VAL A 151 -31.34 5.65 -18.36
C VAL A 151 -31.14 6.89 -17.47
N PRO A 152 -30.17 7.77 -17.76
CA PRO A 152 -30.05 9.03 -17.00
C PRO A 152 -31.28 9.91 -17.15
N ALA A 153 -31.59 10.69 -16.09
CA ALA A 153 -32.73 11.61 -16.10
C ALA A 153 -32.57 12.73 -17.15
N TYR A 154 -31.32 13.03 -17.59
CA TYR A 154 -31.04 14.07 -18.58
C TYR A 154 -31.13 13.55 -20.05
N PHE A 155 -31.34 12.22 -20.25
CA PHE A 155 -31.47 11.62 -21.59
C PHE A 155 -32.69 12.18 -22.32
N ASN A 156 -32.50 12.58 -23.61
CA ASN A 156 -33.59 13.08 -24.45
C ASN A 156 -34.36 11.92 -25.09
N ASP A 157 -35.39 12.22 -25.90
CA ASP A 157 -36.20 11.23 -26.60
C ASP A 157 -35.38 10.29 -27.46
N SER A 158 -34.37 10.84 -28.16
CA SER A 158 -33.50 10.08 -29.05
C SER A 158 -32.59 9.05 -28.34
N GLN A 159 -32.02 9.44 -27.19
CA GLN A 159 -31.15 8.59 -26.34
C GLN A 159 -32.00 7.53 -25.62
N ARG A 160 -33.26 7.87 -25.23
CA ARG A 160 -34.21 6.95 -24.59
C ARG A 160 -34.62 5.92 -25.58
N GLN A 161 -35.07 6.34 -26.80
CA GLN A 161 -35.46 5.42 -27.88
C GLN A 161 -34.32 4.49 -28.31
N ALA A 162 -33.07 5.02 -28.43
CA ALA A 162 -31.91 4.20 -28.82
C ALA A 162 -31.62 3.08 -27.81
N THR A 163 -31.89 3.36 -26.50
CA THR A 163 -31.72 2.41 -25.42
C THR A 163 -32.76 1.32 -25.53
N LYS A 164 -34.03 1.68 -25.82
CA LYS A 164 -35.11 0.71 -26.01
C LYS A 164 -34.76 -0.18 -27.22
N ASP A 165 -34.22 0.42 -28.32
CA ASP A 165 -33.78 -0.30 -29.53
C ASP A 165 -32.64 -1.27 -29.18
N ALA A 166 -31.70 -0.88 -28.29
CA ALA A 166 -30.60 -1.75 -27.83
C ALA A 166 -31.22 -2.99 -27.14
N GLY A 167 -32.23 -2.77 -26.27
CA GLY A 167 -32.97 -3.83 -25.58
C GLY A 167 -33.66 -4.80 -26.52
N THR A 168 -34.27 -4.28 -27.59
CA THR A 168 -34.98 -5.04 -28.65
C THR A 168 -34.02 -5.88 -29.50
N ILE A 169 -32.87 -5.30 -29.91
CA ILE A 169 -31.85 -6.01 -30.68
C ILE A 169 -31.31 -7.19 -29.83
N ALA A 170 -31.16 -6.99 -28.49
CA ALA A 170 -30.67 -8.01 -27.55
C ALA A 170 -31.71 -9.11 -27.24
N GLY A 171 -32.90 -9.03 -27.85
CA GLY A 171 -33.96 -10.01 -27.66
C GLY A 171 -34.72 -9.87 -26.35
N LEU A 172 -34.64 -8.68 -25.73
CA LEU A 172 -35.37 -8.37 -24.50
C LEU A 172 -36.68 -7.70 -24.82
N ASN A 173 -37.66 -7.96 -23.97
CA ASN A 173 -38.95 -7.32 -23.99
C ASN A 173 -38.79 -6.26 -22.91
N VAL A 174 -38.55 -5.00 -23.33
CA VAL A 174 -38.33 -3.89 -22.41
C VAL A 174 -39.67 -3.44 -21.86
N LEU A 175 -39.98 -3.88 -20.61
CA LEU A 175 -41.23 -3.57 -19.91
C LEU A 175 -41.38 -2.06 -19.67
N ARG A 176 -40.26 -1.38 -19.37
CA ARG A 176 -40.22 0.04 -19.08
C ARG A 176 -38.78 0.54 -19.06
N ILE A 177 -38.61 1.79 -19.46
CA ILE A 177 -37.37 2.53 -19.38
C ILE A 177 -37.64 3.50 -18.22
N ILE A 178 -36.90 3.39 -17.10
CA ILE A 178 -37.06 4.33 -15.97
C ILE A 178 -35.78 5.11 -15.73
N ASN A 179 -35.88 6.32 -15.12
CA ASN A 179 -34.73 7.17 -14.82
C ASN A 179 -33.90 6.51 -13.74
N GLU A 180 -32.58 6.69 -13.81
CA GLU A 180 -31.66 6.14 -12.81
C GLU A 180 -31.95 6.73 -11.39
N PRO A 181 -32.17 8.05 -11.20
CA PRO A 181 -32.50 8.55 -9.85
C PRO A 181 -33.84 8.02 -9.31
N THR A 182 -34.83 7.79 -10.20
CA THR A 182 -36.13 7.22 -9.85
C THR A 182 -35.96 5.77 -9.35
N ALA A 183 -35.09 4.98 -10.04
CA ALA A 183 -34.74 3.61 -9.69
C ALA A 183 -34.10 3.56 -8.28
N ALA A 184 -33.19 4.49 -7.94
CA ALA A 184 -32.54 4.58 -6.62
C ALA A 184 -33.53 4.88 -5.50
N ALA A 185 -34.52 5.79 -5.77
CA ALA A 185 -35.55 6.19 -4.82
C ALA A 185 -36.51 5.02 -4.53
N ILE A 186 -36.86 4.25 -5.58
CA ILE A 186 -37.71 3.04 -5.48
C ILE A 186 -37.02 1.96 -4.61
N ALA A 187 -35.68 1.81 -4.76
CA ALA A 187 -34.85 0.82 -4.02
C ALA A 187 -35.02 0.97 -2.53
N TYR A 188 -35.13 2.24 -2.06
CA TYR A 188 -35.31 2.64 -0.67
C TYR A 188 -36.76 2.83 -0.25
N GLY A 189 -37.69 2.58 -1.18
CA GLY A 189 -39.13 2.70 -0.96
C GLY A 189 -39.60 4.09 -0.56
N LEU A 190 -38.89 5.14 -1.05
CA LEU A 190 -39.20 6.54 -0.72
C LEU A 190 -40.56 7.01 -1.24
N ASP A 191 -41.11 6.30 -2.23
CA ASP A 191 -42.41 6.58 -2.83
C ASP A 191 -43.56 6.01 -1.98
N LYS A 192 -43.22 5.13 -1.00
CA LYS A 192 -44.17 4.43 -0.12
C LYS A 192 -44.23 5.03 1.29
N LYS A 193 -43.39 6.00 1.57
CA LYS A 193 -43.40 6.64 2.89
C LYS A 193 -44.64 7.46 3.10
N VAL A 194 -45.22 7.36 4.30
CA VAL A 194 -46.43 8.10 4.62
C VAL A 194 -46.10 9.58 4.78
N GLY A 195 -47.00 10.45 4.33
CA GLY A 195 -46.78 11.88 4.45
C GLY A 195 -47.11 12.69 3.21
N ALA A 196 -46.60 13.91 3.19
CA ALA A 196 -46.79 14.84 2.09
C ALA A 196 -45.76 14.54 1.00
N GLU A 197 -45.71 15.39 -0.02
CA GLU A 197 -44.76 15.20 -1.10
C GLU A 197 -43.35 15.22 -0.54
N ARG A 198 -42.49 14.38 -1.09
CA ARG A 198 -41.12 14.29 -0.62
C ARG A 198 -40.11 14.77 -1.64
N ASN A 199 -39.16 15.57 -1.17
CA ASN A 199 -38.09 16.10 -2.00
C ASN A 199 -36.89 15.24 -1.73
N VAL A 200 -36.39 14.63 -2.77
CA VAL A 200 -35.29 13.66 -2.64
C VAL A 200 -34.11 14.12 -3.48
N LEU A 201 -32.92 14.06 -2.89
CA LEU A 201 -31.68 14.41 -3.57
C LEU A 201 -30.92 13.11 -3.82
N ILE A 202 -30.61 12.82 -5.09
CA ILE A 202 -29.86 11.63 -5.51
C ILE A 202 -28.44 12.14 -5.82
N PHE A 203 -27.45 11.64 -5.08
CA PHE A 203 -26.02 12.00 -5.20
C PHE A 203 -25.27 10.80 -5.85
N ASP A 204 -25.03 10.90 -7.15
CA ASP A 204 -24.38 9.83 -7.89
C ASP A 204 -22.96 10.19 -8.30
N LEU A 205 -22.01 9.43 -7.75
CA LEU A 205 -20.59 9.62 -8.05
C LEU A 205 -19.91 8.30 -8.45
N GLY A 206 -19.66 8.11 -9.75
CA GLY A 206 -18.99 6.92 -10.26
C GLY A 206 -17.47 7.03 -10.43
N GLY A 207 -16.93 6.26 -11.36
CA GLY A 207 -15.49 6.28 -11.64
C GLY A 207 -15.09 7.41 -12.57
N GLY A 208 -16.03 7.88 -13.39
CA GLY A 208 -15.79 8.93 -14.37
C GLY A 208 -16.83 10.04 -14.46
N THR A 209 -18.07 9.78 -14.01
CA THR A 209 -19.15 10.79 -14.03
C THR A 209 -19.73 11.13 -12.64
N PHE A 210 -20.19 12.39 -12.48
CA PHE A 210 -20.82 12.91 -11.26
C PHE A 210 -22.18 13.52 -11.63
N ASP A 211 -23.26 12.95 -11.11
CA ASP A 211 -24.62 13.41 -11.40
C ASP A 211 -25.39 13.64 -10.11
N VAL A 212 -26.01 14.82 -9.98
CA VAL A 212 -26.88 15.18 -8.87
C VAL A 212 -28.29 15.34 -9.46
N SER A 213 -29.30 14.74 -8.82
CA SER A 213 -30.68 14.90 -9.27
C SER A 213 -31.59 15.24 -8.10
N ILE A 214 -32.58 16.10 -8.33
CA ILE A 214 -33.57 16.42 -7.32
C ILE A 214 -34.91 15.97 -7.86
N LEU A 215 -35.56 15.06 -7.13
CA LEU A 215 -36.87 14.52 -7.48
C LEU A 215 -37.88 14.96 -6.45
N THR A 216 -39.16 15.09 -6.87
CA THR A 216 -40.27 15.33 -5.97
C THR A 216 -41.17 14.12 -6.15
N ILE A 217 -41.56 13.49 -5.04
CA ILE A 217 -42.49 12.36 -5.06
C ILE A 217 -43.77 12.83 -4.40
N GLU A 218 -44.87 12.86 -5.16
CA GLU A 218 -46.15 13.31 -4.66
C GLU A 218 -47.16 12.30 -5.12
N ASP A 219 -47.79 11.62 -4.13
CA ASP A 219 -48.80 10.59 -4.33
C ASP A 219 -48.32 9.47 -5.29
N GLY A 220 -47.09 8.98 -5.06
CA GLY A 220 -46.45 7.93 -5.88
C GLY A 220 -45.93 8.35 -7.26
N ILE A 221 -46.10 9.62 -7.64
CA ILE A 221 -45.65 10.15 -8.92
C ILE A 221 -44.28 10.79 -8.75
N PHE A 222 -43.35 10.48 -9.65
CA PHE A 222 -42.00 11.06 -9.62
C PHE A 222 -41.88 12.18 -10.64
N GLU A 223 -41.26 13.27 -10.23
CA GLU A 223 -41.06 14.43 -11.07
C GLU A 223 -39.63 14.88 -10.86
N VAL A 224 -38.85 14.93 -11.94
CA VAL A 224 -37.48 15.42 -11.90
C VAL A 224 -37.57 16.94 -11.86
N LYS A 225 -37.08 17.56 -10.77
CA LYS A 225 -37.14 19.02 -10.59
C LYS A 225 -35.91 19.67 -11.20
N SER A 226 -34.74 18.99 -11.12
CA SER A 226 -33.45 19.47 -11.66
C SER A 226 -32.38 18.40 -11.67
N THR A 227 -31.35 18.61 -12.50
CA THR A 227 -30.19 17.74 -12.63
C THR A 227 -29.00 18.69 -12.79
N ALA A 228 -27.88 18.33 -12.18
CA ALA A 228 -26.64 19.06 -12.22
C ALA A 228 -25.53 18.05 -12.08
N GLY A 229 -24.28 18.45 -12.28
CA GLY A 229 -23.17 17.54 -12.13
C GLY A 229 -21.89 17.98 -12.78
N ASP A 230 -20.93 17.05 -12.83
CA ASP A 230 -19.63 17.23 -13.46
C ASP A 230 -19.43 15.96 -14.32
N THR A 231 -19.64 16.05 -15.64
CA THR A 231 -19.59 14.84 -16.48
C THR A 231 -18.18 14.18 -16.44
N HIS A 232 -17.12 14.95 -16.15
CA HIS A 232 -15.85 14.28 -16.02
C HIS A 232 -15.23 14.56 -14.64
N LEU A 233 -15.73 13.75 -13.67
CA LEU A 233 -15.37 13.72 -12.24
C LEU A 233 -15.83 12.39 -11.69
N GLY A 234 -14.87 11.67 -11.11
CA GLY A 234 -15.13 10.38 -10.52
C GLY A 234 -13.96 9.85 -9.73
N GLY A 235 -14.10 8.63 -9.28
CA GLY A 235 -13.07 7.89 -8.54
C GLY A 235 -11.71 7.94 -9.20
N GLU A 236 -11.65 7.83 -10.56
CA GLU A 236 -10.40 7.87 -11.33
C GLU A 236 -9.57 9.14 -11.08
N ASP A 237 -10.24 10.29 -10.83
CA ASP A 237 -9.57 11.57 -10.49
C ASP A 237 -8.91 11.48 -9.12
N PHE A 238 -9.51 10.72 -8.18
CA PHE A 238 -8.99 10.52 -6.83
C PHE A 238 -7.78 9.59 -6.84
N ASP A 239 -7.74 8.64 -7.80
CA ASP A 239 -6.60 7.73 -7.99
C ASP A 239 -5.43 8.50 -8.56
N ASN A 240 -5.70 9.38 -9.56
CA ASN A 240 -4.73 10.25 -10.23
C ASN A 240 -3.97 11.11 -9.18
N ARG A 241 -4.70 11.68 -8.20
CA ARG A 241 -4.10 12.51 -7.15
C ARG A 241 -3.15 11.71 -6.27
N MET A 242 -3.46 10.42 -6.00
CA MET A 242 -2.64 9.50 -5.20
C MET A 242 -1.42 9.12 -6.03
N VAL A 243 -1.61 8.76 -7.32
CA VAL A 243 -0.51 8.42 -8.23
C VAL A 243 0.51 9.58 -8.25
N ASN A 244 0.05 10.85 -8.43
CA ASN A 244 0.90 12.04 -8.48
C ASN A 244 1.66 12.23 -7.18
N HIS A 245 0.98 11.95 -6.05
CA HIS A 245 1.58 12.04 -4.71
C HIS A 245 2.76 11.02 -4.59
N PHE A 246 2.57 9.76 -5.06
CA PHE A 246 3.63 8.75 -4.93
C PHE A 246 4.75 8.95 -5.92
N ILE A 247 4.43 9.49 -7.14
CA ILE A 247 5.46 9.82 -8.15
C ILE A 247 6.40 10.89 -7.55
N ALA A 248 5.83 11.94 -6.91
CA ALA A 248 6.54 13.03 -6.22
C ALA A 248 7.37 12.51 -5.05
N GLU A 249 6.79 11.60 -4.24
CA GLU A 249 7.43 10.93 -3.10
C GLU A 249 8.66 10.15 -3.56
N PHE A 250 8.50 9.35 -4.63
CA PHE A 250 9.59 8.58 -5.23
C PHE A 250 10.69 9.53 -5.75
N LYS A 251 10.31 10.68 -6.36
CA LYS A 251 11.29 11.69 -6.81
C LYS A 251 12.06 12.26 -5.61
N ARG A 252 11.34 12.66 -4.51
CA ARG A 252 11.97 13.19 -3.30
C ARG A 252 12.97 12.20 -2.69
N LYS A 253 12.59 10.92 -2.54
CA LYS A 253 13.46 9.90 -1.93
C LYS A 253 14.58 9.39 -2.83
N HIS A 254 14.27 9.11 -4.10
CA HIS A 254 15.24 8.45 -4.96
C HIS A 254 15.83 9.29 -6.10
N LYS A 255 15.27 10.49 -6.35
CA LYS A 255 15.67 11.42 -7.41
C LYS A 255 15.51 10.78 -8.79
N LYS A 256 14.43 10.00 -8.94
CA LYS A 256 14.09 9.26 -10.17
C LYS A 256 12.65 9.48 -10.55
N ASP A 257 12.42 9.71 -11.84
CA ASP A 257 11.12 9.92 -12.43
C ASP A 257 10.59 8.62 -13.02
N ILE A 258 9.60 8.02 -12.38
CA ILE A 258 9.01 6.78 -12.86
C ILE A 258 7.92 6.98 -13.93
N SER A 259 7.40 8.24 -14.06
CA SER A 259 6.24 8.58 -14.89
C SER A 259 6.38 8.23 -16.40
N GLU A 260 7.60 8.06 -16.94
CA GLU A 260 7.69 7.67 -18.36
C GLU A 260 7.74 6.14 -18.53
N ASN A 261 7.82 5.37 -17.42
CA ASN A 261 7.73 3.91 -17.49
C ASN A 261 6.26 3.54 -17.23
N LYS A 262 5.53 3.25 -18.30
CA LYS A 262 4.10 2.90 -18.28
C LYS A 262 3.76 1.74 -17.36
N ARG A 263 4.64 0.72 -17.30
CA ARG A 263 4.44 -0.44 -16.46
C ARG A 263 4.60 -0.10 -14.98
N ALA A 264 5.55 0.79 -14.63
CA ALA A 264 5.73 1.22 -13.23
C ALA A 264 4.52 2.05 -12.79
N VAL A 265 4.04 2.96 -13.65
CA VAL A 265 2.86 3.80 -13.36
C VAL A 265 1.63 2.90 -13.15
N ARG A 266 1.41 1.90 -14.02
CA ARG A 266 0.31 0.96 -13.91
C ARG A 266 0.38 0.18 -12.58
N ARG A 267 1.58 -0.35 -12.21
CA ARG A 267 1.75 -1.09 -10.94
C ARG A 267 1.39 -0.16 -9.78
N LEU A 268 1.82 1.10 -9.86
CA LEU A 268 1.49 2.08 -8.82
C LEU A 268 -0.03 2.37 -8.81
N ARG A 269 -0.63 2.65 -9.98
CA ARG A 269 -2.05 2.99 -10.10
C ARG A 269 -2.98 1.93 -9.53
N THR A 270 -2.70 0.66 -9.85
CA THR A 270 -3.47 -0.49 -9.36
C THR A 270 -3.40 -0.56 -7.85
N ALA A 271 -2.18 -0.38 -7.28
CA ALA A 271 -1.96 -0.39 -5.83
C ALA A 271 -2.71 0.78 -5.16
N CYS A 272 -2.70 1.98 -5.79
CA CYS A 272 -3.43 3.17 -5.29
C CYS A 272 -4.93 3.00 -5.21
N GLU A 273 -5.55 2.45 -6.28
CA GLU A 273 -6.99 2.23 -6.35
C GLU A 273 -7.43 1.30 -5.21
N ARG A 274 -6.65 0.21 -4.96
CA ARG A 274 -6.90 -0.76 -3.90
C ARG A 274 -6.69 -0.11 -2.53
N ALA A 275 -5.61 0.66 -2.35
CA ALA A 275 -5.33 1.41 -1.11
C ALA A 275 -6.46 2.42 -0.82
N LYS A 276 -7.02 3.07 -1.86
CA LYS A 276 -8.12 4.02 -1.73
C LYS A 276 -9.33 3.31 -1.10
N ARG A 277 -9.68 2.10 -1.62
CA ARG A 277 -10.79 1.30 -1.10
C ARG A 277 -10.60 0.92 0.37
N THR A 278 -9.37 0.56 0.76
CA THR A 278 -8.97 0.25 2.15
C THR A 278 -9.21 1.45 3.08
N LEU A 279 -8.94 2.65 2.58
CA LEU A 279 -9.11 3.90 3.34
C LEU A 279 -10.58 4.27 3.60
N SER A 280 -11.53 3.59 2.93
CA SER A 280 -12.97 3.80 3.19
C SER A 280 -13.40 3.11 4.50
N SER A 281 -12.59 2.15 5.00
CA SER A 281 -12.85 1.43 6.25
C SER A 281 -11.72 1.55 7.27
N SER A 282 -10.46 1.73 6.85
CA SER A 282 -9.32 1.90 7.76
C SER A 282 -8.82 3.32 7.67
N THR A 283 -7.97 3.73 8.61
CA THR A 283 -7.40 5.08 8.60
C THR A 283 -6.03 5.08 7.98
N GLN A 284 -5.51 3.91 7.63
CA GLN A 284 -4.22 3.77 6.96
C GLN A 284 -4.19 2.58 6.00
N ALA A 285 -3.45 2.72 4.87
CA ALA A 285 -3.24 1.67 3.88
C ALA A 285 -1.74 1.59 3.55
N SER A 286 -1.18 0.37 3.55
CA SER A 286 0.22 0.13 3.24
C SER A 286 0.34 -0.43 1.82
N ILE A 287 1.45 -0.10 1.15
CA ILE A 287 1.74 -0.53 -0.22
C ILE A 287 3.18 -1.03 -0.25
N GLU A 288 3.41 -2.20 -0.86
CA GLU A 288 4.73 -2.82 -1.00
C GLU A 288 4.85 -3.29 -2.43
N ILE A 289 5.72 -2.64 -3.22
CA ILE A 289 5.94 -2.95 -4.64
C ILE A 289 7.44 -3.16 -4.82
N ASP A 290 7.84 -4.42 -5.02
CA ASP A 290 9.24 -4.76 -5.24
C ASP A 290 9.69 -4.30 -6.61
N SER A 291 10.96 -3.86 -6.69
CA SER A 291 11.57 -3.46 -7.95
C SER A 291 10.60 -2.64 -8.86
N LEU A 292 10.00 -1.60 -8.32
CA LEU A 292 9.05 -0.75 -9.04
C LEU A 292 9.70 -0.08 -10.24
N TYR A 293 10.85 0.56 -10.03
CA TYR A 293 11.55 1.25 -11.10
C TYR A 293 13.04 1.21 -10.83
N GLU A 294 13.84 0.82 -11.84
CA GLU A 294 15.29 0.72 -11.76
C GLU A 294 15.77 -0.09 -10.54
N GLY A 295 15.05 -1.17 -10.27
CA GLY A 295 15.37 -2.10 -9.20
C GLY A 295 15.10 -1.61 -7.78
N ILE A 296 14.47 -0.43 -7.61
CA ILE A 296 14.16 0.15 -6.29
C ILE A 296 12.81 -0.35 -5.79
N ASP A 297 12.79 -0.88 -4.55
CA ASP A 297 11.57 -1.34 -3.89
C ASP A 297 10.84 -0.12 -3.35
N PHE A 298 9.51 -0.06 -3.53
CA PHE A 298 8.70 1.04 -3.04
C PHE A 298 7.74 0.58 -1.94
N TYR A 299 8.16 0.78 -0.68
CA TYR A 299 7.38 0.41 0.50
C TYR A 299 6.97 1.69 1.16
N THR A 300 5.66 1.94 1.19
CA THR A 300 5.09 3.15 1.74
C THR A 300 3.70 2.91 2.31
N SER A 301 3.08 3.98 2.80
CA SER A 301 1.76 4.00 3.39
C SER A 301 1.14 5.37 3.17
N ILE A 302 -0.15 5.42 3.40
CA ILE A 302 -0.94 6.61 3.26
C ILE A 302 -2.09 6.53 4.26
N THR A 303 -2.25 7.59 5.04
CA THR A 303 -3.35 7.75 5.97
C THR A 303 -4.59 8.27 5.20
N ARG A 304 -5.78 8.14 5.79
CA ARG A 304 -7.01 8.68 5.23
C ARG A 304 -6.86 10.23 5.13
N ALA A 305 -6.28 10.87 6.18
CA ALA A 305 -6.07 12.33 6.27
C ALA A 305 -5.32 12.89 5.05
N ARG A 306 -4.21 12.23 4.68
CA ARG A 306 -3.41 12.61 3.53
C ARG A 306 -4.18 12.38 2.23
N PHE A 307 -4.89 11.25 2.11
CA PHE A 307 -5.73 10.99 0.94
C PHE A 307 -6.79 12.11 0.77
N GLU A 308 -7.43 12.53 1.88
CA GLU A 308 -8.44 13.62 1.91
C GLU A 308 -7.80 14.96 1.57
N GLU A 309 -6.61 15.30 2.13
CA GLU A 309 -5.91 16.55 1.79
C GLU A 309 -5.64 16.58 0.25
N LEU A 310 -5.09 15.47 -0.34
CA LEU A 310 -4.76 15.41 -1.77
C LEU A 310 -5.96 15.66 -2.69
N ASN A 311 -7.16 15.34 -2.22
CA ASN A 311 -8.40 15.45 -2.98
C ASN A 311 -9.35 16.48 -2.45
N ALA A 312 -8.87 17.35 -1.51
CA ALA A 312 -9.71 18.34 -0.82
C ALA A 312 -10.62 19.17 -1.77
N ASP A 313 -10.05 19.77 -2.83
CA ASP A 313 -10.78 20.62 -3.80
C ASP A 313 -11.81 19.81 -4.60
N LEU A 314 -11.43 18.60 -4.98
CA LEU A 314 -12.33 17.72 -5.70
C LEU A 314 -13.52 17.28 -4.84
N PHE A 315 -13.27 16.92 -3.58
CA PHE A 315 -14.36 16.50 -2.70
C PHE A 315 -15.34 17.63 -2.37
N ARG A 316 -14.79 18.79 -2.04
CA ARG A 316 -15.58 19.97 -1.69
C ARG A 316 -16.41 20.40 -2.87
N GLY A 317 -15.80 20.29 -4.04
CA GLY A 317 -16.42 20.63 -5.31
C GLY A 317 -17.69 19.86 -5.65
N THR A 318 -17.94 18.70 -4.98
CA THR A 318 -19.15 17.88 -5.18
C THR A 318 -20.41 18.60 -4.68
N LEU A 319 -20.24 19.64 -3.85
CA LEU A 319 -21.32 20.45 -3.26
C LEU A 319 -21.82 21.56 -4.16
N ASP A 320 -20.98 22.07 -5.11
CA ASP A 320 -21.36 23.10 -6.07
C ASP A 320 -22.52 22.60 -6.98
N PRO A 321 -22.45 21.40 -7.63
CA PRO A 321 -23.63 20.90 -8.37
C PRO A 321 -24.85 20.63 -7.45
N VAL A 322 -24.63 20.39 -6.14
CA VAL A 322 -25.72 20.21 -5.17
C VAL A 322 -26.45 21.56 -4.98
N GLU A 323 -25.69 22.67 -4.76
CA GLU A 323 -26.23 24.02 -4.65
C GLU A 323 -26.92 24.44 -5.96
N LYS A 324 -26.31 24.08 -7.12
CA LYS A 324 -26.85 24.36 -8.46
C LYS A 324 -28.22 23.68 -8.65
N ALA A 325 -28.33 22.39 -8.27
CA ALA A 325 -29.56 21.60 -8.34
C ALA A 325 -30.66 22.19 -7.45
N LEU A 326 -30.31 22.61 -6.20
CA LEU A 326 -31.26 23.23 -5.25
C LEU A 326 -31.79 24.57 -5.78
N ARG A 327 -30.93 25.35 -6.45
CA ARG A 327 -31.27 26.63 -7.07
C ARG A 327 -32.30 26.38 -8.17
N ASP A 328 -32.00 25.48 -9.12
CA ASP A 328 -32.88 25.15 -10.25
C ASP A 328 -34.18 24.51 -9.82
N ALA A 329 -34.15 23.68 -8.76
CA ALA A 329 -35.35 23.03 -8.26
C ALA A 329 -36.23 24.01 -7.47
N LYS A 330 -35.68 25.23 -7.16
CA LYS A 330 -36.32 26.31 -6.39
C LYS A 330 -36.65 25.81 -4.98
N LEU A 331 -35.65 25.14 -4.34
CA LEU A 331 -35.75 24.58 -2.99
C LEU A 331 -34.58 24.96 -2.12
N ASP A 332 -34.84 25.14 -0.80
CA ASP A 332 -33.81 25.38 0.21
C ASP A 332 -33.33 23.97 0.63
N LYS A 333 -32.09 23.83 1.16
CA LYS A 333 -31.54 22.55 1.62
C LYS A 333 -32.39 21.88 2.72
N SER A 334 -33.11 22.70 3.52
CA SER A 334 -33.99 22.31 4.63
C SER A 334 -35.28 21.63 4.14
N GLN A 335 -35.56 21.71 2.81
CA GLN A 335 -36.73 21.16 2.13
C GLN A 335 -36.48 19.75 1.57
N ILE A 336 -35.23 19.29 1.66
CA ILE A 336 -34.83 17.94 1.21
C ILE A 336 -35.17 16.92 2.31
N HIS A 337 -36.07 15.98 2.01
CA HIS A 337 -36.55 14.92 2.92
C HIS A 337 -35.64 13.70 2.99
N ASP A 338 -34.98 13.34 1.86
CA ASP A 338 -34.12 12.15 1.78
C ASP A 338 -32.99 12.39 0.82
N ILE A 339 -31.83 11.85 1.16
CA ILE A 339 -30.61 11.89 0.35
C ILE A 339 -30.22 10.45 0.06
N VAL A 340 -30.06 10.10 -1.23
CA VAL A 340 -29.69 8.75 -1.67
C VAL A 340 -28.27 8.75 -2.28
N LEU A 341 -27.37 7.86 -1.78
CA LEU A 341 -26.01 7.68 -2.33
C LEU A 341 -25.97 6.61 -3.43
N VAL A 342 -25.44 6.93 -4.61
CA VAL A 342 -25.33 6.01 -5.76
C VAL A 342 -23.86 6.15 -6.31
N GLY A 343 -23.28 5.05 -6.77
CA GLY A 343 -21.91 5.06 -7.30
C GLY A 343 -20.89 4.64 -6.27
N GLY A 344 -19.88 3.89 -6.72
CA GLY A 344 -18.83 3.32 -5.88
C GLY A 344 -18.11 4.30 -4.99
N SER A 345 -17.83 5.49 -5.52
CA SER A 345 -17.09 6.56 -4.86
C SER A 345 -17.81 7.22 -3.71
N THR A 346 -19.17 7.03 -3.56
CA THR A 346 -19.93 7.59 -2.42
C THR A 346 -19.60 6.86 -1.11
N ARG A 347 -18.81 5.76 -1.19
CA ARG A 347 -18.35 5.00 -0.04
C ARG A 347 -17.25 5.77 0.71
N ILE A 348 -16.67 6.80 0.10
CA ILE A 348 -15.61 7.63 0.69
C ILE A 348 -16.16 8.38 1.93
N PRO A 349 -15.63 8.08 3.15
CA PRO A 349 -16.15 8.74 4.37
C PRO A 349 -16.19 10.26 4.31
N LYS A 350 -15.15 10.92 3.73
CA LYS A 350 -15.11 12.39 3.63
C LYS A 350 -16.27 12.97 2.79
N ILE A 351 -16.64 12.32 1.70
CA ILE A 351 -17.74 12.74 0.82
C ILE A 351 -19.06 12.67 1.58
N GLN A 352 -19.27 11.56 2.33
CA GLN A 352 -20.44 11.33 3.16
C GLN A 352 -20.51 12.40 4.26
N LYS A 353 -19.35 12.75 4.88
CA LYS A 353 -19.27 13.78 5.91
C LYS A 353 -19.62 15.16 5.35
N LEU A 354 -19.09 15.49 4.17
CA LEU A 354 -19.36 16.78 3.54
C LEU A 354 -20.85 16.95 3.21
N LEU A 355 -21.45 15.89 2.70
CA LEU A 355 -22.83 15.87 2.28
C LEU A 355 -23.75 15.93 3.50
N GLN A 356 -23.40 15.23 4.58
CA GLN A 356 -24.17 15.22 5.83
C GLN A 356 -24.08 16.59 6.55
N ASP A 357 -22.87 17.19 6.62
CA ASP A 357 -22.67 18.51 7.24
C ASP A 357 -23.42 19.60 6.47
N PHE A 358 -23.49 19.50 5.13
CA PHE A 358 -24.21 20.45 4.29
C PHE A 358 -25.70 20.38 4.63
N PHE A 359 -26.21 19.17 4.98
CA PHE A 359 -27.63 18.97 5.32
C PHE A 359 -27.82 18.89 6.83
N ASN A 360 -26.98 19.63 7.57
CA ASN A 360 -26.99 19.82 9.01
C ASN A 360 -27.19 18.51 9.84
N GLY A 361 -26.46 17.47 9.49
CA GLY A 361 -26.50 16.19 10.19
C GLY A 361 -27.51 15.15 9.74
N LYS A 362 -28.25 15.43 8.66
CA LYS A 362 -29.24 14.52 8.08
C LYS A 362 -28.62 13.21 7.65
N GLU A 363 -29.22 12.08 8.08
CA GLU A 363 -28.76 10.74 7.71
C GLU A 363 -28.94 10.49 6.22
N LEU A 364 -28.03 9.71 5.64
CA LEU A 364 -28.01 9.38 4.22
C LEU A 364 -28.51 7.95 4.00
N ASN A 365 -29.22 7.72 2.87
CA ASN A 365 -29.67 6.39 2.48
C ASN A 365 -28.50 5.74 1.76
N LYS A 366 -27.77 4.86 2.46
CA LYS A 366 -26.55 4.24 1.95
C LYS A 366 -26.46 2.72 2.26
N SER A 367 -27.49 2.10 2.86
CA SER A 367 -27.47 0.67 3.22
C SER A 367 -27.41 -0.27 2.02
N ILE A 368 -27.97 0.14 0.87
CA ILE A 368 -27.90 -0.68 -0.34
C ILE A 368 -26.59 -0.31 -1.03
N ASN A 369 -25.80 -1.30 -1.43
CA ASN A 369 -24.53 -1.11 -2.13
C ASN A 369 -24.72 -0.03 -3.21
N PRO A 370 -24.01 1.11 -3.11
CA PRO A 370 -24.25 2.23 -4.05
C PRO A 370 -24.06 1.90 -5.55
N ASP A 371 -23.25 0.87 -5.85
CA ASP A 371 -22.99 0.39 -7.23
C ASP A 371 -24.17 -0.40 -7.78
N GLU A 372 -25.03 -0.95 -6.87
CA GLU A 372 -26.16 -1.82 -7.17
C GLU A 372 -27.56 -1.22 -6.96
N ALA A 373 -27.67 -0.06 -6.30
CA ALA A 373 -28.95 0.59 -5.96
C ALA A 373 -29.87 0.83 -7.16
N VAL A 374 -29.33 1.25 -8.31
CA VAL A 374 -30.09 1.50 -9.56
C VAL A 374 -30.67 0.18 -10.11
N ALA A 375 -29.81 -0.86 -10.22
CA ALA A 375 -30.23 -2.20 -10.64
C ALA A 375 -31.34 -2.73 -9.70
N TYR A 376 -31.20 -2.46 -8.37
CA TYR A 376 -32.11 -2.85 -7.29
C TYR A 376 -33.52 -2.28 -7.49
N GLY A 377 -33.62 -0.97 -7.69
CA GLY A 377 -34.88 -0.27 -7.91
C GLY A 377 -35.57 -0.73 -9.18
N ALA A 378 -34.77 -1.01 -10.23
CA ALA A 378 -35.22 -1.51 -11.54
C ALA A 378 -35.78 -2.91 -11.45
N ALA A 379 -35.19 -3.78 -10.60
CA ALA A 379 -35.65 -5.16 -10.35
C ALA A 379 -37.02 -5.15 -9.64
N VAL A 380 -37.19 -4.22 -8.65
CA VAL A 380 -38.44 -3.98 -7.90
C VAL A 380 -39.53 -3.55 -8.92
N GLN A 381 -39.17 -2.61 -9.82
CA GLN A 381 -40.08 -2.11 -10.85
C GLN A 381 -40.45 -3.23 -11.82
N ALA A 382 -39.45 -4.08 -12.18
CA ALA A 382 -39.65 -5.23 -13.08
C ALA A 382 -40.61 -6.24 -12.48
N ALA A 383 -40.54 -6.48 -11.15
CA ALA A 383 -41.45 -7.40 -10.44
C ALA A 383 -42.89 -6.84 -10.39
N ILE A 384 -43.02 -5.52 -10.21
CA ILE A 384 -44.31 -4.82 -10.16
C ILE A 384 -45.04 -4.89 -11.51
N LEU A 385 -44.30 -4.78 -12.61
CA LEU A 385 -44.84 -4.82 -13.97
C LEU A 385 -45.02 -6.23 -14.52
N SER A 386 -44.51 -7.27 -13.82
CA SER A 386 -44.65 -8.67 -14.24
C SER A 386 -46.06 -9.24 -13.97
N GLY B 4 14.43 -19.94 12.98
CA GLY B 4 14.46 -19.77 14.43
C GLY B 4 13.12 -19.35 15.01
N SER B 5 12.50 -18.32 14.39
CA SER B 5 11.21 -17.76 14.81
C SER B 5 10.14 -17.89 13.70
N ASN B 6 10.31 -18.89 12.82
CA ASN B 6 9.42 -19.24 11.71
C ASN B 6 8.01 -19.42 12.25
N SER B 7 7.07 -18.67 11.70
CA SER B 7 5.69 -18.66 12.17
C SER B 7 4.72 -19.41 11.25
N PRO B 8 3.56 -19.91 11.76
CA PRO B 8 2.59 -20.54 10.84
C PRO B 8 2.00 -19.54 9.85
N GLN B 9 1.97 -18.24 10.23
CA GLN B 9 1.43 -17.15 9.42
C GLN B 9 2.27 -16.93 8.15
N GLU B 10 3.60 -17.11 8.25
CA GLU B 10 4.45 -17.00 7.08
C GLU B 10 4.22 -18.15 6.09
N GLU B 11 3.87 -19.37 6.57
CA GLU B 11 3.59 -20.51 5.70
C GLU B 11 2.46 -20.22 4.72
N VAL B 12 1.48 -19.41 5.15
CA VAL B 12 0.34 -18.94 4.39
C VAL B 12 0.83 -18.05 3.26
N GLU B 13 1.80 -17.16 3.54
CA GLU B 13 2.37 -16.23 2.56
C GLU B 13 3.28 -16.92 1.55
N LEU B 14 4.00 -17.96 2.00
CA LEU B 14 4.88 -18.78 1.16
C LEU B 14 4.06 -19.63 0.20
N LYS B 15 2.87 -20.06 0.62
CA LYS B 15 1.95 -20.85 -0.18
C LYS B 15 1.39 -20.02 -1.33
N LYS B 16 1.01 -18.76 -1.06
CA LYS B 16 0.53 -17.80 -2.07
C LYS B 16 1.62 -17.55 -3.10
N LEU B 17 2.88 -17.38 -2.64
CA LEU B 17 4.04 -17.16 -3.50
C LEU B 17 4.37 -18.35 -4.35
N LYS B 18 4.19 -19.57 -3.80
CA LYS B 18 4.41 -20.81 -4.54
C LYS B 18 3.37 -20.97 -5.65
N HIS B 19 2.09 -20.64 -5.38
CA HIS B 19 1.03 -20.67 -6.39
C HIS B 19 1.37 -19.64 -7.51
N LEU B 20 1.91 -18.45 -7.15
CA LEU B 20 2.33 -17.43 -8.12
C LEU B 20 3.57 -17.87 -8.93
N GLU B 21 4.50 -18.62 -8.32
CA GLU B 21 5.70 -19.19 -9.01
C GLU B 21 5.25 -20.21 -10.06
N LYS B 22 4.24 -21.05 -9.76
CA LYS B 22 3.71 -22.04 -10.69
C LYS B 22 3.07 -21.34 -11.87
N SER B 23 2.36 -20.23 -11.64
CA SER B 23 1.75 -19.42 -12.69
C SER B 23 2.81 -18.79 -13.61
N VAL B 24 3.92 -18.30 -13.04
CA VAL B 24 5.04 -17.73 -13.79
C VAL B 24 5.65 -18.81 -14.68
N GLU B 25 5.86 -20.02 -14.14
CA GLU B 25 6.37 -21.17 -14.89
C GLU B 25 5.46 -21.53 -16.10
N LYS B 26 4.13 -21.38 -15.98
CA LYS B 26 3.21 -21.66 -17.09
C LYS B 26 3.36 -20.60 -18.19
N ILE B 27 3.43 -19.30 -17.81
CA ILE B 27 3.59 -18.19 -18.77
C ILE B 27 4.99 -18.27 -19.45
N ALA B 28 6.04 -18.64 -18.70
CA ALA B 28 7.40 -18.79 -19.21
C ALA B 28 7.49 -19.94 -20.24
N ASP B 29 6.65 -20.98 -20.12
CA ASP B 29 6.59 -22.10 -21.07
C ASP B 29 6.00 -21.61 -22.37
N GLN B 30 5.01 -20.69 -22.31
CA GLN B 30 4.38 -20.04 -23.48
C GLN B 30 5.41 -19.17 -24.20
N LEU B 31 6.20 -18.39 -23.42
CA LEU B 31 7.27 -17.55 -23.96
C LEU B 31 8.30 -18.45 -24.69
N GLU B 32 8.67 -19.61 -24.09
CA GLU B 32 9.62 -20.56 -24.69
C GLU B 32 9.09 -21.11 -26.05
N GLU B 33 7.78 -21.42 -26.13
CA GLU B 33 7.13 -21.86 -27.37
C GLU B 33 7.14 -20.74 -28.41
N LEU B 34 6.95 -19.47 -27.97
CA LEU B 34 6.99 -18.30 -28.84
C LEU B 34 8.39 -18.13 -29.44
N ASN B 35 9.43 -18.29 -28.58
CA ASN B 35 10.83 -18.23 -28.98
C ASN B 35 11.14 -19.32 -30.04
N LYS B 36 10.65 -20.56 -29.83
CA LYS B 36 10.85 -21.68 -30.78
C LYS B 36 10.13 -21.46 -32.11
N GLU B 37 8.91 -20.93 -32.09
CA GLU B 37 8.13 -20.61 -33.29
C GLU B 37 8.78 -19.49 -34.06
N LEU B 38 9.34 -18.47 -33.36
CA LEU B 38 10.06 -17.32 -33.94
C LEU B 38 11.29 -17.83 -34.69
N THR B 39 12.10 -18.70 -34.06
CA THR B 39 13.29 -19.31 -34.66
C THR B 39 12.89 -20.12 -35.90
N GLY B 40 11.79 -20.89 -35.81
CA GLY B 40 11.22 -21.70 -36.88
C GLY B 40 10.92 -20.87 -38.12
N ILE B 41 10.22 -19.72 -37.94
CA ILE B 41 9.89 -18.76 -39.02
C ILE B 41 11.19 -18.18 -39.60
N GLN B 42 12.12 -17.74 -38.74
CA GLN B 42 13.43 -17.17 -39.15
C GLN B 42 14.31 -18.12 -39.95
N GLN B 43 14.27 -19.43 -39.60
CA GLN B 43 15.07 -20.48 -40.24
C GLN B 43 14.22 -21.41 -41.16
N GLY B 44 13.07 -20.91 -41.58
CA GLY B 44 12.15 -21.62 -42.45
C GLY B 44 12.22 -21.17 -43.89
N PHE B 45 11.34 -21.73 -44.72
CA PHE B 45 11.29 -21.45 -46.14
C PHE B 45 10.24 -20.42 -46.55
N LEU B 46 9.67 -19.70 -45.58
CA LEU B 46 8.66 -18.69 -45.92
C LEU B 46 9.25 -17.51 -46.71
N PRO B 47 8.59 -17.08 -47.82
CA PRO B 47 9.07 -15.89 -48.54
C PRO B 47 8.93 -14.66 -47.64
N LYS B 48 9.84 -13.66 -47.75
CA LYS B 48 9.89 -12.42 -46.96
C LYS B 48 8.54 -11.81 -46.63
N ASP B 49 7.59 -11.81 -47.59
CA ASP B 49 6.23 -11.29 -47.43
C ASP B 49 5.38 -12.12 -46.45
N LEU B 50 5.44 -13.47 -46.56
CA LEU B 50 4.70 -14.40 -45.69
C LEU B 50 5.35 -14.58 -44.31
N GLN B 51 6.64 -14.23 -44.26
CA GLN B 51 7.42 -14.25 -43.03
C GLN B 51 6.89 -13.13 -42.12
N ALA B 52 6.65 -11.97 -42.73
CA ALA B 52 6.09 -10.78 -42.05
C ALA B 52 4.74 -11.10 -41.41
N GLU B 53 3.84 -11.76 -42.14
CA GLU B 53 2.52 -12.18 -41.64
C GLU B 53 2.69 -13.15 -40.48
N ALA B 54 3.65 -14.09 -40.61
CA ALA B 54 3.94 -15.08 -39.61
C ALA B 54 4.54 -14.40 -38.38
N LEU B 55 5.51 -13.47 -38.54
CA LEU B 55 6.11 -12.75 -37.41
C LEU B 55 5.13 -11.81 -36.73
N CYS B 56 4.28 -11.09 -37.49
CA CYS B 56 3.26 -10.20 -36.91
C CYS B 56 2.10 -11.02 -36.30
N LYS B 57 1.94 -12.29 -36.72
CA LYS B 57 0.94 -13.21 -36.12
C LYS B 57 1.40 -13.63 -34.70
N LEU B 58 2.72 -13.50 -34.42
CA LEU B 58 3.30 -13.77 -33.10
C LEU B 58 3.04 -12.61 -32.14
N ASP B 59 2.70 -11.41 -32.66
CA ASP B 59 2.49 -10.16 -31.93
C ASP B 59 1.39 -10.25 -30.91
N ARG B 60 0.18 -10.68 -31.30
CA ARG B 60 -0.99 -10.84 -30.42
C ARG B 60 -0.60 -11.78 -29.28
N ARG B 61 0.16 -12.85 -29.63
CA ARG B 61 0.66 -13.85 -28.68
C ARG B 61 1.67 -13.26 -27.69
N VAL B 62 2.67 -12.50 -28.17
CA VAL B 62 3.69 -11.85 -27.32
C VAL B 62 3.05 -10.83 -26.37
N LYS B 63 2.11 -10.01 -26.85
CA LYS B 63 1.37 -9.02 -26.08
C LYS B 63 0.53 -9.71 -25.00
N ALA B 64 -0.06 -10.88 -25.30
CA ALA B 64 -0.83 -11.69 -24.34
C ALA B 64 0.09 -12.23 -23.24
N THR B 65 1.36 -12.61 -23.59
CA THR B 65 2.37 -13.07 -22.62
C THR B 65 2.78 -11.92 -21.68
N ILE B 66 3.04 -10.73 -22.22
CA ILE B 66 3.39 -9.52 -21.43
C ILE B 66 2.29 -9.21 -20.44
N GLU B 67 1.02 -9.16 -20.91
CA GLU B 67 -0.14 -8.89 -20.10
C GLU B 67 -0.29 -9.86 -18.91
N GLN B 68 -0.12 -11.18 -19.16
CA GLN B 68 -0.20 -12.20 -18.11
C GLN B 68 0.93 -12.00 -17.08
N PHE B 69 2.12 -11.59 -17.53
CA PHE B 69 3.20 -11.28 -16.59
C PHE B 69 2.84 -10.02 -15.76
N MET B 70 2.19 -9.02 -16.39
CA MET B 70 1.80 -7.78 -15.71
C MET B 70 0.76 -8.04 -14.61
N LYS B 71 -0.19 -8.95 -14.89
CA LYS B 71 -1.23 -9.40 -13.97
C LYS B 71 -0.61 -10.18 -12.77
N ILE B 72 0.47 -10.95 -13.00
CA ILE B 72 1.20 -11.64 -11.93
C ILE B 72 1.82 -10.56 -11.00
N LEU B 73 2.46 -9.53 -11.59
CA LEU B 73 3.06 -8.43 -10.83
C LEU B 73 2.04 -7.71 -9.97
N GLU B 74 0.82 -7.51 -10.50
CA GLU B 74 -0.26 -6.85 -9.76
C GLU B 74 -0.76 -7.72 -8.58
N GLU B 75 -0.76 -9.04 -8.76
CA GLU B 75 -1.14 -9.99 -7.72
C GLU B 75 -0.06 -10.00 -6.63
N ILE B 76 1.23 -10.06 -7.01
CA ILE B 76 2.35 -10.01 -6.06
C ILE B 76 2.27 -8.71 -5.24
N ASP B 77 1.96 -7.57 -5.89
CA ASP B 77 1.85 -6.25 -5.26
C ASP B 77 0.71 -6.14 -4.22
N THR B 78 -0.22 -7.14 -4.15
CA THR B 78 -1.27 -7.14 -3.11
C THR B 78 -0.74 -7.66 -1.76
N LEU B 79 0.47 -8.25 -1.75
CA LEU B 79 1.06 -8.80 -0.53
C LEU B 79 1.70 -7.75 0.38
N ILE B 80 1.60 -7.98 1.70
CA ILE B 80 2.18 -7.17 2.78
C ILE B 80 2.94 -8.16 3.65
N LEU B 81 4.25 -8.01 3.68
CA LEU B 81 5.09 -8.94 4.38
C LEU B 81 5.87 -8.21 5.44
N PRO B 82 5.63 -8.53 6.75
CA PRO B 82 6.41 -7.88 7.82
C PRO B 82 7.90 -8.15 7.65
N GLU B 83 8.72 -7.31 8.26
CA GLU B 83 10.16 -7.41 8.15
C GLU B 83 10.65 -8.76 8.64
N ASN B 84 10.01 -9.30 9.69
CA ASN B 84 10.39 -10.59 10.24
C ASN B 84 10.19 -11.77 9.27
N PHE B 85 9.29 -11.62 8.29
CA PHE B 85 9.05 -12.69 7.32
C PHE B 85 10.17 -12.59 6.29
N LYS B 86 11.39 -12.90 6.70
CA LYS B 86 12.53 -12.81 5.81
C LYS B 86 12.49 -13.74 4.59
N ASP B 87 12.06 -14.99 4.79
CA ASP B 87 11.98 -15.94 3.69
C ASP B 87 10.96 -15.53 2.62
N SER B 88 9.81 -15.04 3.07
CA SER B 88 8.73 -14.56 2.21
C SER B 88 9.23 -13.36 1.36
N ARG B 89 9.93 -12.40 1.99
CA ARG B 89 10.43 -11.21 1.29
C ARG B 89 11.44 -11.59 0.23
N LEU B 90 12.33 -12.58 0.53
CA LEU B 90 13.31 -13.10 -0.43
C LEU B 90 12.60 -13.81 -1.60
N LYS B 91 11.63 -14.69 -1.33
CA LYS B 91 10.90 -15.39 -2.38
C LYS B 91 10.14 -14.37 -3.27
N ARG B 92 9.50 -13.34 -2.69
CA ARG B 92 8.77 -12.29 -3.43
C ARG B 92 9.72 -11.50 -4.34
N LYS B 93 10.85 -11.02 -3.78
CA LYS B 93 11.87 -10.29 -4.54
C LYS B 93 12.43 -11.14 -5.69
N GLY B 94 12.80 -12.39 -5.43
CA GLY B 94 13.31 -13.32 -6.44
C GLY B 94 12.31 -13.55 -7.56
N LEU B 95 11.02 -13.68 -7.21
CA LEU B 95 9.95 -13.89 -8.18
C LEU B 95 9.67 -12.65 -9.04
N VAL B 96 9.71 -11.44 -8.46
CA VAL B 96 9.53 -10.18 -9.21
C VAL B 96 10.67 -10.00 -10.23
N LYS B 97 11.93 -10.18 -9.80
CA LYS B 97 13.10 -10.10 -10.71
C LYS B 97 13.02 -11.11 -11.86
N LYS B 98 12.52 -12.32 -11.59
CA LYS B 98 12.36 -13.39 -12.59
C LYS B 98 11.31 -12.94 -13.65
N VAL B 99 10.14 -12.45 -13.19
CA VAL B 99 9.09 -11.91 -14.07
C VAL B 99 9.66 -10.75 -14.88
N GLN B 100 10.44 -9.87 -14.25
CA GLN B 100 11.04 -8.71 -14.96
C GLN B 100 12.04 -9.13 -16.02
N ALA B 101 12.83 -10.19 -15.75
CA ALA B 101 13.79 -10.74 -16.72
C ALA B 101 13.03 -11.35 -17.91
N PHE B 102 11.88 -12.03 -17.67
CA PHE B 102 11.05 -12.58 -18.76
C PHE B 102 10.37 -11.45 -19.56
N LEU B 103 9.94 -10.35 -18.89
CA LEU B 103 9.33 -9.19 -19.57
C LEU B 103 10.36 -8.51 -20.48
N ALA B 104 11.64 -8.48 -20.04
CA ALA B 104 12.77 -7.93 -20.84
C ALA B 104 12.94 -8.81 -22.11
N GLU B 105 12.79 -10.14 -21.99
CA GLU B 105 12.86 -11.07 -23.14
C GLU B 105 11.68 -10.84 -24.09
N CYS B 106 10.44 -10.66 -23.55
CA CYS B 106 9.23 -10.35 -24.32
C CYS B 106 9.46 -9.07 -25.13
N ASP B 107 10.05 -8.04 -24.49
CA ASP B 107 10.37 -6.74 -25.12
C ASP B 107 11.31 -6.94 -26.31
N THR B 108 12.35 -7.82 -26.19
CA THR B 108 13.27 -8.05 -27.32
C THR B 108 12.52 -8.71 -28.49
N VAL B 109 11.58 -9.64 -28.22
CA VAL B 109 10.74 -10.26 -29.25
C VAL B 109 9.90 -9.18 -29.96
N GLU B 110 9.26 -8.27 -29.19
CA GLU B 110 8.44 -7.15 -29.73
C GLU B 110 9.20 -6.19 -30.64
N GLN B 111 10.52 -6.03 -30.40
CA GLN B 111 11.46 -5.22 -31.19
C GLN B 111 12.00 -5.99 -32.42
N ASN B 112 11.61 -7.25 -32.59
CA ASN B 112 12.07 -8.11 -33.68
C ASN B 112 10.95 -8.54 -34.66
N ILE B 113 9.70 -8.21 -34.33
CA ILE B 113 8.50 -8.53 -35.12
C ILE B 113 7.79 -7.21 -35.42
N CYS B 114 6.97 -7.16 -36.50
CA CYS B 114 6.20 -5.97 -36.91
C CYS B 114 7.07 -4.68 -37.09
N GLN B 115 8.35 -4.85 -37.47
CA GLN B 115 9.32 -3.77 -37.67
C GLN B 115 9.24 -3.08 -39.05
N GLU B 116 9.59 -1.78 -39.07
CA GLU B 116 9.61 -0.88 -40.25
C GLU B 116 8.24 -0.83 -40.94
N MET C 6 -52.22 -21.32 30.16
CA MET C 6 -52.15 -20.09 30.96
C MET C 6 -53.49 -19.34 30.85
N SER C 7 -54.31 -19.43 31.91
CA SER C 7 -55.66 -18.86 32.05
C SER C 7 -55.68 -17.34 31.96
N LYS C 8 -56.86 -16.74 31.70
CA LYS C 8 -57.03 -15.29 31.61
C LYS C 8 -56.97 -14.68 33.02
N GLY C 9 -56.16 -13.65 33.18
CA GLY C 9 -55.96 -13.00 34.47
C GLY C 9 -56.69 -11.69 34.68
N PRO C 10 -56.43 -11.05 35.85
CA PRO C 10 -57.07 -9.77 36.14
C PRO C 10 -56.50 -8.57 35.37
N ALA C 11 -57.04 -7.40 35.66
CA ALA C 11 -56.60 -6.16 35.07
C ALA C 11 -55.54 -5.57 36.01
N VAL C 12 -54.54 -4.91 35.42
CA VAL C 12 -53.43 -4.32 36.17
C VAL C 12 -53.40 -2.80 36.04
N GLY C 13 -52.75 -2.18 37.00
CA GLY C 13 -52.52 -0.74 36.96
C GLY C 13 -51.06 -0.49 36.69
N ILE C 14 -50.77 0.32 35.66
CA ILE C 14 -49.39 0.63 35.27
C ILE C 14 -49.08 2.11 35.39
N ASP C 15 -48.05 2.44 36.19
CA ASP C 15 -47.47 3.77 36.33
C ASP C 15 -46.32 3.79 35.30
N LEU C 16 -46.57 4.33 34.09
CA LEU C 16 -45.57 4.43 33.02
C LEU C 16 -44.79 5.72 33.27
N GLY C 17 -43.67 5.60 33.98
CA GLY C 17 -42.87 6.75 34.37
C GLY C 17 -41.73 7.09 33.43
N THR C 18 -41.10 8.24 33.68
CA THR C 18 -40.03 8.74 32.81
C THR C 18 -38.79 7.92 32.90
N THR C 19 -38.34 7.58 34.12
CA THR C 19 -37.11 6.81 34.33
C THR C 19 -37.41 5.42 34.91
N TYR C 20 -38.53 5.27 35.63
CA TYR C 20 -38.97 4.02 36.21
C TYR C 20 -40.45 3.82 36.01
N SER C 21 -40.87 2.56 35.81
CA SER C 21 -42.25 2.17 35.70
C SER C 21 -42.56 1.22 36.83
N CYS C 22 -43.84 1.10 37.17
CA CYS C 22 -44.31 0.29 38.28
C CYS C 22 -45.65 -0.35 37.86
N VAL C 23 -45.86 -1.63 38.18
CA VAL C 23 -47.10 -2.36 37.90
C VAL C 23 -47.68 -2.98 39.20
N GLY C 24 -48.99 -2.84 39.37
CA GLY C 24 -49.70 -3.38 40.52
C GLY C 24 -50.97 -4.11 40.11
N VAL C 25 -51.48 -4.96 41.00
CA VAL C 25 -52.70 -5.74 40.81
C VAL C 25 -53.51 -5.82 42.13
N PHE C 26 -54.84 -5.64 42.02
CA PHE C 26 -55.74 -5.73 43.15
C PHE C 26 -56.26 -7.16 43.20
N GLN C 27 -56.03 -7.85 44.30
CA GLN C 27 -56.47 -9.23 44.53
C GLN C 27 -56.58 -9.50 46.02
N HIS C 28 -57.56 -10.33 46.42
CA HIS C 28 -57.85 -10.68 47.82
C HIS C 28 -58.01 -9.41 48.68
N GLY C 29 -58.77 -8.44 48.17
CA GLY C 29 -59.04 -7.17 48.86
C GLY C 29 -57.86 -6.23 49.08
N LYS C 30 -56.74 -6.46 48.40
CA LYS C 30 -55.56 -5.59 48.57
C LYS C 30 -54.76 -5.45 47.29
N VAL C 31 -53.93 -4.40 47.25
CA VAL C 31 -53.08 -4.17 46.09
C VAL C 31 -51.73 -4.80 46.34
N GLU C 32 -51.23 -5.53 45.34
CA GLU C 32 -49.89 -6.11 45.35
C GLU C 32 -49.08 -5.39 44.26
N ILE C 33 -47.99 -4.74 44.66
CA ILE C 33 -47.07 -4.08 43.74
C ILE C 33 -46.15 -5.22 43.32
N ILE C 34 -46.15 -5.56 42.03
CA ILE C 34 -45.44 -6.69 41.43
C ILE C 34 -43.95 -6.43 41.22
N ALA C 35 -43.11 -7.31 41.78
CA ALA C 35 -41.66 -7.27 41.60
C ALA C 35 -41.31 -7.89 40.25
N ASN C 36 -40.26 -7.32 39.58
CA ASN C 36 -39.78 -7.86 38.31
C ASN C 36 -38.85 -9.08 38.51
N ASP C 37 -38.34 -9.65 37.40
CA ASP C 37 -37.46 -10.83 37.38
C ASP C 37 -36.20 -10.68 38.25
N GLN C 38 -35.79 -9.44 38.58
CA GLN C 38 -34.63 -9.12 39.42
C GLN C 38 -35.06 -8.85 40.88
N GLY C 39 -36.36 -8.92 41.14
CA GLY C 39 -36.93 -8.71 42.47
C GLY C 39 -37.23 -7.25 42.81
N ASN C 40 -37.13 -6.35 41.82
CA ASN C 40 -37.33 -4.92 41.98
C ASN C 40 -38.81 -4.53 41.77
N ARG C 41 -39.36 -3.72 42.67
CA ARG C 41 -40.76 -3.27 42.59
C ARG C 41 -40.99 -2.14 41.56
N THR C 42 -39.88 -1.55 41.06
CA THR C 42 -39.85 -0.59 39.95
C THR C 42 -38.92 -1.12 38.85
N THR C 43 -39.21 -0.80 37.60
CA THR C 43 -38.42 -1.24 36.45
C THR C 43 -37.94 0.00 35.66
N PRO C 44 -36.63 0.10 35.31
CA PRO C 44 -36.19 1.27 34.53
C PRO C 44 -36.92 1.35 33.19
N SER C 45 -37.34 2.58 32.79
CA SER C 45 -38.02 2.82 31.53
C SER C 45 -36.93 2.98 30.44
N TYR C 46 -36.06 1.94 30.32
CA TYR C 46 -34.91 1.90 29.43
C TYR C 46 -35.03 0.79 28.41
N VAL C 47 -34.59 1.05 27.19
CA VAL C 47 -34.61 0.11 26.07
C VAL C 47 -33.26 0.25 25.40
N ALA C 48 -32.50 -0.83 25.26
CA ALA C 48 -31.19 -0.78 24.60
C ALA C 48 -31.19 -1.66 23.36
N PHE C 49 -30.51 -1.20 22.33
CA PHE C 49 -30.39 -1.89 21.05
C PHE C 49 -28.93 -2.25 20.90
N THR C 50 -28.65 -3.53 20.71
CA THR C 50 -27.26 -4.01 20.57
C THR C 50 -27.07 -4.62 19.18
N ASP C 51 -25.90 -5.24 18.95
CA ASP C 51 -25.55 -5.91 17.69
C ASP C 51 -26.33 -7.20 17.49
N THR C 52 -26.95 -7.75 18.56
CA THR C 52 -27.65 -9.02 18.48
C THR C 52 -29.08 -9.02 19.00
N GLU C 53 -29.40 -8.10 19.91
CA GLU C 53 -30.72 -8.10 20.54
C GLU C 53 -31.23 -6.75 21.01
N ARG C 54 -32.38 -6.79 21.70
CA ARG C 54 -33.08 -5.64 22.27
C ARG C 54 -33.28 -5.92 23.77
N LEU C 55 -32.67 -5.10 24.63
CA LEU C 55 -32.80 -5.26 26.09
C LEU C 55 -33.79 -4.21 26.66
N ILE C 56 -34.63 -4.62 27.62
CA ILE C 56 -35.63 -3.74 28.25
C ILE C 56 -35.52 -3.80 29.77
N GLY C 57 -35.65 -2.65 30.43
CA GLY C 57 -35.64 -2.59 31.90
C GLY C 57 -34.26 -2.66 32.54
N ASP C 58 -34.14 -3.44 33.60
CA ASP C 58 -32.86 -3.58 34.34
C ASP C 58 -31.69 -3.99 33.46
N ALA C 59 -31.90 -4.90 32.49
CA ALA C 59 -30.80 -5.30 31.59
C ALA C 59 -30.38 -4.16 30.65
N ALA C 60 -31.32 -3.30 30.25
CA ALA C 60 -31.02 -2.15 29.41
C ALA C 60 -30.25 -1.10 30.22
N LYS C 61 -30.69 -0.79 31.46
CA LYS C 61 -30.01 0.16 32.33
C LYS C 61 -28.59 -0.28 32.74
N ASN C 62 -28.40 -1.58 33.00
CA ASN C 62 -27.11 -2.13 33.44
C ASN C 62 -26.01 -2.02 32.41
N GLN C 63 -26.36 -1.95 31.10
CA GLN C 63 -25.38 -1.85 30.01
C GLN C 63 -25.27 -0.44 29.36
N VAL C 64 -25.80 0.63 30.01
CA VAL C 64 -25.75 2.01 29.50
C VAL C 64 -24.29 2.57 29.48
N ALA C 65 -23.33 1.90 30.16
CA ALA C 65 -21.92 2.34 30.20
C ALA C 65 -21.16 1.82 28.98
N MET C 66 -21.60 0.66 28.49
CA MET C 66 -21.09 -0.07 27.34
C MET C 66 -21.64 0.44 26.00
N ASN C 67 -22.92 0.90 25.98
CA ASN C 67 -23.73 1.32 24.82
C ASN C 67 -24.46 2.67 25.08
N PRO C 68 -23.83 3.81 25.40
CA PRO C 68 -24.63 5.02 25.68
C PRO C 68 -25.50 5.56 24.55
N THR C 69 -25.03 5.51 23.28
CA THR C 69 -25.76 6.08 22.14
C THR C 69 -26.94 5.21 21.68
N ASN C 70 -26.95 3.92 22.04
CA ASN C 70 -28.02 3.02 21.61
C ASN C 70 -28.95 2.56 22.74
N THR C 71 -28.84 3.18 23.93
CA THR C 71 -29.69 2.92 25.10
C THR C 71 -30.60 4.13 25.26
N VAL C 72 -31.90 3.92 25.03
CA VAL C 72 -32.97 4.94 25.07
C VAL C 72 -33.68 4.92 26.42
N PHE C 73 -34.00 6.12 26.92
CA PHE C 73 -34.73 6.40 28.16
C PHE C 73 -35.40 7.77 27.95
N ASP C 74 -36.26 8.23 28.90
CA ASP C 74 -36.98 9.53 28.82
C ASP C 74 -37.92 9.65 27.62
N ALA C 75 -38.34 8.53 26.99
CA ALA C 75 -39.28 8.55 25.85
C ALA C 75 -40.58 9.28 26.23
N LYS C 76 -40.95 9.25 27.52
CA LYS C 76 -42.11 9.95 28.07
C LYS C 76 -42.00 11.51 27.88
N ARG C 77 -40.77 12.04 27.78
CA ARG C 77 -40.52 13.46 27.56
C ARG C 77 -40.69 13.81 26.06
N LEU C 78 -40.75 12.78 25.19
CA LEU C 78 -40.92 12.93 23.73
C LEU C 78 -42.31 12.55 23.23
N ILE C 79 -43.02 11.65 23.95
CA ILE C 79 -44.29 11.07 23.52
C ILE C 79 -45.41 12.13 23.28
N GLY C 80 -46.03 12.10 22.09
CA GLY C 80 -47.10 13.01 21.68
C GLY C 80 -46.65 14.44 21.39
N ARG C 81 -45.33 14.67 21.40
CA ARG C 81 -44.77 15.99 21.12
C ARG C 81 -44.30 16.14 19.67
N ARG C 82 -44.25 17.39 19.21
CA ARG C 82 -43.74 17.75 17.88
C ARG C 82 -42.23 17.90 18.05
N PHE C 83 -41.45 17.71 16.98
CA PHE C 83 -39.99 17.80 17.04
C PHE C 83 -39.51 19.20 17.48
N ASP C 84 -40.20 20.24 17.02
CA ASP C 84 -39.88 21.64 17.29
C ASP C 84 -40.35 22.13 18.67
N ASP C 85 -40.86 21.22 19.52
CA ASP C 85 -41.29 21.55 20.88
C ASP C 85 -40.08 22.03 21.70
N ALA C 86 -40.24 23.09 22.50
CA ALA C 86 -39.21 23.65 23.38
C ALA C 86 -38.63 22.56 24.29
N VAL C 87 -39.48 21.67 24.86
CA VAL C 87 -39.07 20.54 25.72
C VAL C 87 -38.14 19.58 24.95
N VAL C 88 -38.55 19.14 23.73
CA VAL C 88 -37.76 18.22 22.89
C VAL C 88 -36.39 18.85 22.58
N GLN C 89 -36.38 20.13 22.15
CA GLN C 89 -35.15 20.84 21.78
C GLN C 89 -34.17 21.03 22.94
N SER C 90 -34.72 21.29 24.15
CA SER C 90 -33.95 21.53 25.37
C SER C 90 -33.37 20.23 25.93
N ASP C 91 -34.17 19.14 25.90
CA ASP C 91 -33.75 17.84 26.40
C ASP C 91 -32.74 17.15 25.50
N MET C 92 -32.85 17.30 24.15
CA MET C 92 -31.92 16.58 23.26
C MET C 92 -30.46 17.06 23.36
N LYS C 93 -30.22 18.14 24.10
CA LYS C 93 -28.88 18.67 24.36
C LYS C 93 -28.14 17.83 25.42
N HIS C 94 -28.90 17.06 26.22
CA HIS C 94 -28.31 16.22 27.26
C HIS C 94 -28.38 14.70 27.04
N TRP C 95 -29.25 14.25 26.13
CA TRP C 95 -29.38 12.82 25.84
C TRP C 95 -28.18 12.31 25.04
N PRO C 96 -27.69 11.08 25.34
CA PRO C 96 -26.57 10.54 24.55
C PRO C 96 -27.04 9.88 23.25
N PHE C 97 -28.34 9.57 23.13
CA PHE C 97 -28.93 8.97 21.92
C PHE C 97 -29.43 10.10 21.00
N MET C 98 -29.55 9.80 19.70
CA MET C 98 -29.99 10.75 18.67
C MET C 98 -31.50 10.85 18.62
N VAL C 99 -32.02 12.07 18.50
CA VAL C 99 -33.44 12.32 18.28
C VAL C 99 -33.47 13.03 16.91
N VAL C 100 -34.19 12.49 15.92
CA VAL C 100 -34.29 13.02 14.55
C VAL C 100 -35.70 13.57 14.29
N ASN C 101 -35.88 14.30 13.19
CA ASN C 101 -37.16 14.88 12.79
C ASN C 101 -37.70 14.13 11.57
N ASP C 102 -38.86 13.52 11.72
CA ASP C 102 -39.54 12.82 10.64
C ASP C 102 -40.89 13.52 10.44
N ALA C 103 -40.98 14.35 9.41
CA ALA C 103 -42.16 15.15 9.05
C ALA C 103 -42.80 15.90 10.24
N GLY C 104 -41.97 16.54 11.05
CA GLY C 104 -42.40 17.29 12.22
C GLY C 104 -42.47 16.50 13.51
N ARG C 105 -42.37 15.17 13.42
CA ARG C 105 -42.44 14.26 14.57
C ARG C 105 -41.05 13.78 15.00
N PRO C 106 -40.72 13.76 16.31
CA PRO C 106 -39.42 13.21 16.73
C PRO C 106 -39.39 11.69 16.69
N LYS C 107 -38.20 11.13 16.46
CA LYS C 107 -37.92 9.69 16.44
C LYS C 107 -36.55 9.49 17.04
N VAL C 108 -36.38 8.44 17.85
CA VAL C 108 -35.06 8.12 18.39
C VAL C 108 -34.31 7.30 17.35
N GLN C 109 -33.03 7.62 17.12
CA GLN C 109 -32.23 6.93 16.13
C GLN C 109 -31.07 6.18 16.78
N VAL C 110 -30.99 4.88 16.48
CA VAL C 110 -30.01 3.96 17.06
C VAL C 110 -29.42 3.04 16.02
N GLU C 111 -28.35 2.33 16.39
CA GLU C 111 -27.72 1.26 15.63
C GLU C 111 -28.26 -0.02 16.30
N TYR C 112 -29.03 -0.82 15.56
CA TYR C 112 -29.65 -2.05 16.04
C TYR C 112 -29.35 -3.16 15.04
N LYS C 113 -28.54 -4.14 15.48
CA LYS C 113 -28.07 -5.29 14.71
C LYS C 113 -27.27 -4.86 13.45
N GLY C 114 -26.38 -3.88 13.65
CA GLY C 114 -25.53 -3.31 12.61
C GLY C 114 -26.21 -2.36 11.64
N GLU C 115 -27.52 -2.09 11.83
CA GLU C 115 -28.31 -1.22 10.95
C GLU C 115 -28.78 0.03 11.70
N THR C 116 -28.80 1.17 11.01
CA THR C 116 -29.31 2.42 11.56
C THR C 116 -30.83 2.33 11.47
N LYS C 117 -31.50 2.38 12.65
CA LYS C 117 -32.95 2.28 12.77
C LYS C 117 -33.47 3.45 13.58
N SER C 118 -34.74 3.81 13.33
CA SER C 118 -35.42 4.89 14.06
C SER C 118 -36.78 4.42 14.57
N PHE C 119 -37.15 4.86 15.78
CA PHE C 119 -38.41 4.47 16.42
C PHE C 119 -39.15 5.69 16.95
N TYR C 120 -40.48 5.69 16.86
CA TYR C 120 -41.29 6.77 17.40
C TYR C 120 -41.31 6.64 18.94
N PRO C 121 -41.53 7.72 19.73
CA PRO C 121 -41.58 7.57 21.20
C PRO C 121 -42.61 6.56 21.72
N GLU C 122 -43.79 6.41 21.04
CA GLU C 122 -44.79 5.42 21.47
C GLU C 122 -44.32 3.99 21.24
N GLU C 123 -43.40 3.77 20.28
CA GLU C 123 -42.87 2.45 19.99
C GLU C 123 -41.93 2.06 21.11
N VAL C 124 -41.14 3.03 21.63
CA VAL C 124 -40.19 2.78 22.72
C VAL C 124 -41.02 2.52 23.99
N SER C 125 -42.04 3.37 24.22
CA SER C 125 -42.94 3.19 25.38
C SER C 125 -43.70 1.85 25.32
N SER C 126 -44.10 1.40 24.09
CA SER C 126 -44.76 0.11 23.86
C SER C 126 -43.88 -1.08 24.32
N MET C 127 -42.54 -0.95 24.18
CA MET C 127 -41.57 -1.97 24.63
C MET C 127 -41.48 -2.01 26.16
N VAL C 128 -41.58 -0.85 26.81
CA VAL C 128 -41.57 -0.73 28.28
C VAL C 128 -42.89 -1.29 28.84
N LEU C 129 -44.01 -1.00 28.16
CA LEU C 129 -45.33 -1.54 28.56
C LEU C 129 -45.38 -3.02 28.39
N THR C 130 -44.78 -3.57 27.31
CA THR C 130 -44.69 -5.03 27.06
C THR C 130 -43.95 -5.68 28.19
N LYS C 131 -42.84 -5.06 28.67
CA LYS C 131 -42.06 -5.57 29.80
C LYS C 131 -42.92 -5.54 31.08
N MET C 132 -43.71 -4.47 31.28
CA MET C 132 -44.64 -4.36 32.44
C MET C 132 -45.74 -5.45 32.39
N LYS C 133 -46.29 -5.73 31.19
CA LYS C 133 -47.28 -6.78 30.92
C LYS C 133 -46.69 -8.16 31.32
N GLU C 134 -45.43 -8.41 30.91
CA GLU C 134 -44.73 -9.67 31.18
C GLU C 134 -44.41 -9.87 32.64
N ILE C 135 -44.04 -8.80 33.38
CA ILE C 135 -43.76 -8.83 34.84
C ILE C 135 -45.03 -9.28 35.59
N ALA C 136 -46.17 -8.66 35.24
CA ALA C 136 -47.47 -9.04 35.83
C ALA C 136 -47.81 -10.50 35.51
N GLU C 137 -47.66 -10.92 34.23
CA GLU C 137 -47.93 -12.30 33.80
C GLU C 137 -47.03 -13.31 34.48
N ALA C 138 -45.76 -12.97 34.73
CA ALA C 138 -44.81 -13.89 35.40
C ALA C 138 -45.20 -14.10 36.83
N TYR C 139 -45.72 -13.05 37.50
CA TYR C 139 -46.13 -13.13 38.88
C TYR C 139 -47.48 -13.89 39.03
N LEU C 140 -48.46 -13.52 38.21
CA LEU C 140 -49.81 -14.08 38.27
C LEU C 140 -49.94 -15.50 37.78
N GLY C 141 -49.11 -15.85 36.79
CA GLY C 141 -49.17 -17.15 36.13
C GLY C 141 -50.40 -17.21 35.23
N LYS C 142 -50.85 -16.02 34.78
CA LYS C 142 -52.04 -15.84 33.95
C LYS C 142 -51.77 -14.77 32.91
N THR C 143 -52.45 -14.86 31.78
CA THR C 143 -52.35 -13.88 30.68
C THR C 143 -52.93 -12.52 31.14
N VAL C 144 -52.22 -11.41 30.85
CA VAL C 144 -52.65 -10.06 31.20
C VAL C 144 -52.94 -9.27 29.93
N THR C 145 -54.17 -8.77 29.79
CA THR C 145 -54.58 -8.00 28.63
C THR C 145 -55.07 -6.60 29.01
N ASN C 146 -55.89 -6.48 30.05
CA ASN C 146 -56.49 -5.23 30.48
C ASN C 146 -55.60 -4.42 31.40
N ALA C 147 -55.52 -3.10 31.16
CA ALA C 147 -54.69 -2.21 31.96
C ALA C 147 -55.20 -0.80 32.01
N VAL C 148 -54.96 -0.15 33.16
CA VAL C 148 -55.17 1.26 33.41
C VAL C 148 -53.73 1.83 33.41
N VAL C 149 -53.45 2.76 32.48
CA VAL C 149 -52.13 3.40 32.35
C VAL C 149 -52.25 4.86 32.76
N THR C 150 -51.32 5.34 33.56
CA THR C 150 -51.33 6.74 34.04
C THR C 150 -50.46 7.69 33.21
N VAL C 151 -50.86 8.98 33.18
CA VAL C 151 -50.15 10.04 32.47
C VAL C 151 -50.14 11.28 33.38
N PRO C 152 -49.18 12.23 33.24
CA PRO C 152 -49.28 13.47 34.04
C PRO C 152 -50.55 14.23 33.67
N ALA C 153 -51.09 15.00 34.61
CA ALA C 153 -52.30 15.81 34.40
C ALA C 153 -52.15 16.90 33.34
N TYR C 154 -50.91 17.36 33.07
CA TYR C 154 -50.64 18.39 32.06
C TYR C 154 -50.55 17.86 30.62
N PHE C 155 -50.50 16.51 30.44
CA PHE C 155 -50.44 15.88 29.12
C PHE C 155 -51.65 16.33 28.30
N ASN C 156 -51.42 16.73 27.06
CA ASN C 156 -52.47 17.22 26.15
C ASN C 156 -53.10 16.02 25.37
N ASP C 157 -54.00 16.30 24.40
CA ASP C 157 -54.70 15.29 23.56
C ASP C 157 -53.75 14.34 22.88
N SER C 158 -52.69 14.89 22.27
CA SER C 158 -51.65 14.16 21.55
C SER C 158 -50.77 13.26 22.46
N GLN C 159 -50.40 13.74 23.65
CA GLN C 159 -49.54 13.01 24.60
C GLN C 159 -50.33 11.83 25.21
N ARG C 160 -51.64 12.02 25.45
CA ARG C 160 -52.57 11.01 25.96
C ARG C 160 -52.86 9.97 24.87
N GLN C 161 -53.14 10.43 23.62
CA GLN C 161 -53.41 9.50 22.53
C GLN C 161 -52.18 8.66 22.22
N ALA C 162 -50.98 9.28 22.20
CA ALA C 162 -49.74 8.54 21.93
C ALA C 162 -49.49 7.44 22.98
N THR C 163 -49.85 7.70 24.26
CA THR C 163 -49.71 6.74 25.36
C THR C 163 -50.68 5.57 25.17
N LYS C 164 -51.92 5.85 24.76
CA LYS C 164 -52.93 4.83 24.45
C LYS C 164 -52.41 3.96 23.29
N ASP C 165 -51.76 4.57 22.27
CA ASP C 165 -51.13 3.88 21.12
C ASP C 165 -49.96 3.02 21.57
N ALA C 166 -49.15 3.48 22.55
CA ALA C 166 -48.05 2.67 23.10
C ALA C 166 -48.69 1.40 23.76
N GLY C 167 -49.83 1.57 24.45
CA GLY C 167 -50.59 0.49 25.08
C GLY C 167 -51.15 -0.54 24.12
N THR C 168 -51.74 -0.07 23.00
CA THR C 168 -52.32 -0.87 21.89
C THR C 168 -51.21 -1.67 21.14
N ILE C 169 -50.07 -1.01 20.85
CA ILE C 169 -48.93 -1.64 20.20
C ILE C 169 -48.40 -2.79 21.10
N ALA C 170 -48.39 -2.60 22.43
CA ALA C 170 -47.93 -3.59 23.44
C ALA C 170 -48.92 -4.76 23.65
N GLY C 171 -50.05 -4.76 22.93
CA GLY C 171 -51.06 -5.80 23.05
C GLY C 171 -51.99 -5.66 24.25
N LEU C 172 -52.03 -4.46 24.85
CA LEU C 172 -52.89 -4.21 25.99
C LEU C 172 -54.21 -3.59 25.56
N ASN C 173 -55.27 -3.90 26.29
CA ASN C 173 -56.56 -3.29 26.16
C ASN C 173 -56.53 -2.22 27.27
N VAL C 174 -56.28 -0.96 26.88
CA VAL C 174 -56.19 0.16 27.81
C VAL C 174 -57.62 0.55 28.24
N LEU C 175 -58.04 0.10 29.44
CA LEU C 175 -59.36 0.35 30.01
C LEU C 175 -59.60 1.84 30.22
N ARG C 176 -58.54 2.57 30.64
CA ARG C 176 -58.60 3.99 30.91
C ARG C 176 -57.19 4.55 31.05
N ILE C 177 -57.03 5.79 30.59
CA ILE C 177 -55.85 6.60 30.78
C ILE C 177 -56.28 7.57 31.90
N ILE C 178 -55.65 7.46 33.09
CA ILE C 178 -56.00 8.32 34.23
C ILE C 178 -54.82 9.17 34.57
N ASN C 179 -55.08 10.36 35.12
CA ASN C 179 -54.06 11.28 35.55
C ASN C 179 -53.32 10.69 36.73
N GLU C 180 -52.02 10.96 36.83
CA GLU C 180 -51.19 10.50 37.94
C GLU C 180 -51.73 11.04 39.31
N PRO C 181 -52.09 12.34 39.45
CA PRO C 181 -52.65 12.81 40.73
C PRO C 181 -53.99 12.17 41.11
N THR C 182 -54.81 11.80 40.10
CA THR C 182 -56.11 11.13 40.29
C THR C 182 -55.87 9.73 40.84
N ALA C 183 -54.83 9.05 40.34
CA ALA C 183 -54.41 7.73 40.73
C ALA C 183 -53.94 7.75 42.19
N ALA C 184 -53.11 8.74 42.60
CA ALA C 184 -52.67 8.88 44.00
C ALA C 184 -53.85 9.12 44.94
N ALA C 185 -54.87 9.94 44.54
CA ALA C 185 -56.08 10.24 45.36
C ALA C 185 -56.91 8.98 45.59
N ILE C 186 -57.05 8.15 44.55
CA ILE C 186 -57.79 6.88 44.59
C ILE C 186 -57.08 5.88 45.56
N ALA C 187 -55.72 5.87 45.56
CA ALA C 187 -54.90 5.00 46.42
C ALA C 187 -55.24 5.17 47.89
N TYR C 188 -55.53 6.43 48.28
CA TYR C 188 -55.93 6.84 49.63
C TYR C 188 -57.43 6.86 49.88
N GLY C 189 -58.20 6.46 48.86
CA GLY C 189 -59.66 6.40 48.94
C GLY C 189 -60.33 7.73 49.20
N LEU C 190 -59.71 8.85 48.72
CA LEU C 190 -60.23 10.21 48.93
C LEU C 190 -61.56 10.47 48.22
N ASP C 191 -61.86 9.66 47.21
CA ASP C 191 -63.10 9.71 46.44
C ASP C 191 -64.26 8.98 47.17
N LYS C 192 -63.95 8.23 48.23
CA LYS C 192 -64.93 7.46 49.01
C LYS C 192 -65.26 8.11 50.36
N LYS C 193 -64.59 9.23 50.68
CA LYS C 193 -64.82 9.97 51.93
C LYS C 193 -66.17 10.69 51.87
N VAL C 194 -66.95 10.54 52.95
CA VAL C 194 -68.28 11.12 53.08
C VAL C 194 -68.17 12.62 53.35
N GLY C 195 -69.14 13.36 52.80
CA GLY C 195 -69.26 14.81 52.93
C GLY C 195 -69.42 15.51 51.60
N ALA C 196 -69.11 16.81 51.57
CA ALA C 196 -69.20 17.64 50.36
C ALA C 196 -67.97 17.47 49.45
N GLU C 197 -67.76 18.39 48.50
CA GLU C 197 -66.64 18.37 47.58
C GLU C 197 -65.30 18.46 48.33
N ARG C 198 -64.30 17.72 47.86
CA ARG C 198 -62.99 17.70 48.49
C ARG C 198 -61.98 18.30 47.56
N ASN C 199 -61.19 19.24 48.06
CA ASN C 199 -60.06 19.84 47.33
C ASN C 199 -58.78 19.11 47.79
N VAL C 200 -58.10 18.46 46.84
CA VAL C 200 -56.90 17.64 47.10
C VAL C 200 -55.66 18.26 46.44
N LEU C 201 -54.54 18.35 47.18
CA LEU C 201 -53.32 18.87 46.58
C LEU C 201 -52.35 17.70 46.49
N ILE C 202 -51.88 17.39 45.29
CA ILE C 202 -50.93 16.28 45.14
C ILE C 202 -49.53 16.88 44.95
N PHE C 203 -48.63 16.56 45.87
CA PHE C 203 -47.26 17.03 45.90
C PHE C 203 -46.32 15.88 45.41
N ASP C 204 -45.92 15.95 44.14
CA ASP C 204 -45.07 14.93 43.53
C ASP C 204 -43.65 15.42 43.25
N LEU C 205 -42.69 14.83 43.94
CA LEU C 205 -41.29 15.17 43.80
C LEU C 205 -40.46 13.90 43.53
N GLY C 206 -39.96 13.78 42.30
CA GLY C 206 -39.17 12.63 41.85
C GLY C 206 -37.69 12.88 41.86
N GLY C 207 -36.95 12.14 41.00
CA GLY C 207 -35.50 12.26 40.89
C GLY C 207 -35.04 13.43 40.04
N GLY C 208 -35.87 13.83 39.07
CA GLY C 208 -35.57 14.91 38.14
C GLY C 208 -36.67 15.93 37.91
N THR C 209 -37.94 15.56 38.16
CA THR C 209 -39.07 16.50 38.00
C THR C 209 -39.86 16.75 39.28
N PHE C 210 -40.47 17.96 39.37
CA PHE C 210 -41.35 18.36 40.46
C PHE C 210 -42.76 18.78 39.92
N ASP C 211 -43.84 18.14 40.44
CA ASP C 211 -45.23 18.39 40.00
C ASP C 211 -46.21 18.57 41.11
N VAL C 212 -46.97 19.66 41.05
CA VAL C 212 -48.02 19.96 42.02
C VAL C 212 -49.35 19.98 41.27
N SER C 213 -50.38 19.31 41.80
CA SER C 213 -51.71 19.33 41.17
C SER C 213 -52.79 19.56 42.21
N ILE C 214 -53.82 20.32 41.83
CA ILE C 214 -54.97 20.56 42.69
C ILE C 214 -56.19 19.97 41.99
N LEU C 215 -56.82 18.99 42.65
CA LEU C 215 -58.01 18.30 42.16
C LEU C 215 -59.18 18.63 43.05
N THR C 216 -60.39 18.57 42.48
CA THR C 216 -61.64 18.69 43.22
C THR C 216 -62.39 17.38 43.01
N ILE C 217 -62.86 16.76 44.09
CA ILE C 217 -63.63 15.51 44.00
C ILE C 217 -65.03 15.76 44.55
N GLU C 218 -66.05 15.34 43.81
CA GLU C 218 -67.46 15.46 44.22
C GLU C 218 -68.23 14.26 43.70
N ASP C 219 -68.73 13.41 44.63
CA ASP C 219 -69.48 12.19 44.32
C ASP C 219 -68.78 11.27 43.31
N GLY C 220 -67.50 11.03 43.55
CA GLY C 220 -66.71 10.18 42.68
C GLY C 220 -66.16 10.78 41.40
N ILE C 221 -66.50 12.05 41.11
CA ILE C 221 -66.05 12.75 39.91
C ILE C 221 -64.83 13.61 40.23
N PHE C 222 -63.76 13.45 39.44
CA PHE C 222 -62.52 14.22 39.61
C PHE C 222 -62.46 15.34 38.58
N GLU C 223 -61.89 16.46 38.98
CA GLU C 223 -61.71 17.62 38.14
C GLU C 223 -60.37 18.25 38.49
N VAL C 224 -59.47 18.38 37.51
CA VAL C 224 -58.16 19.05 37.70
C VAL C 224 -58.43 20.54 37.69
N LYS C 225 -58.12 21.23 38.78
CA LYS C 225 -58.34 22.67 38.90
C LYS C 225 -57.10 23.45 38.42
N SER C 226 -55.89 22.87 38.65
CA SER C 226 -54.61 23.47 38.26
C SER C 226 -53.43 22.53 38.43
N THR C 227 -52.33 22.84 37.75
CA THR C 227 -51.06 22.11 37.81
C THR C 227 -49.96 23.16 37.78
N ALA C 228 -48.88 22.87 38.48
CA ALA C 228 -47.72 23.74 38.56
C ALA C 228 -46.54 22.83 38.86
N GLY C 229 -45.32 23.36 38.78
CA GLY C 229 -44.14 22.56 39.08
C GLY C 229 -42.84 23.16 38.61
N ASP C 230 -41.77 22.38 38.76
CA ASP C 230 -40.42 22.76 38.36
C ASP C 230 -39.80 21.62 37.61
N THR C 231 -39.43 21.89 36.35
CA THR C 231 -38.77 20.92 35.45
C THR C 231 -37.33 20.60 35.89
N HIS C 232 -36.65 21.56 36.56
CA HIS C 232 -35.27 21.44 37.03
C HIS C 232 -35.17 21.28 38.56
N LEU C 233 -35.92 20.28 39.12
CA LEU C 233 -35.93 19.99 40.56
C LEU C 233 -36.23 18.51 40.84
N GLY C 234 -35.36 17.89 41.63
CA GLY C 234 -35.53 16.51 42.02
C GLY C 234 -34.41 16.05 42.91
N GLY C 235 -34.53 14.83 43.41
CA GLY C 235 -33.55 14.18 44.25
C GLY C 235 -32.12 14.23 43.75
N GLU C 236 -31.92 14.20 42.41
CA GLU C 236 -30.58 14.31 41.81
C GLU C 236 -29.92 15.65 42.11
N ASP C 237 -30.72 16.73 42.26
CA ASP C 237 -30.20 18.06 42.62
C ASP C 237 -29.71 18.07 44.07
N PHE C 238 -30.41 17.32 44.96
CA PHE C 238 -30.05 17.19 46.37
C PHE C 238 -28.77 16.37 46.48
N ASP C 239 -28.53 15.40 45.54
CA ASP C 239 -27.28 14.62 45.52
C ASP C 239 -26.11 15.50 45.07
N ASN C 240 -26.31 16.30 43.99
CA ASN C 240 -25.33 17.24 43.44
C ASN C 240 -24.80 18.16 44.55
N ARG C 241 -25.70 18.65 45.45
CA ARG C 241 -25.30 19.52 46.56
C ARG C 241 -24.44 18.79 47.57
N MET C 242 -24.72 17.51 47.82
CA MET C 242 -23.89 16.71 48.74
C MET C 242 -22.53 16.45 48.09
N VAL C 243 -22.52 16.11 46.79
CA VAL C 243 -21.28 15.85 46.04
C VAL C 243 -20.37 17.09 46.13
N ASN C 244 -20.90 18.32 45.82
CA ASN C 244 -20.18 19.59 45.88
C ASN C 244 -19.59 19.85 47.24
N HIS C 245 -20.38 19.56 48.29
CA HIS C 245 -19.96 19.70 49.68
C HIS C 245 -18.74 18.80 49.97
N PHE C 246 -18.77 17.52 49.53
CA PHE C 246 -17.66 16.59 49.81
C PHE C 246 -16.44 16.87 48.94
N ILE C 247 -16.64 17.37 47.69
CA ILE C 247 -15.51 17.79 46.82
C ILE C 247 -14.75 18.92 47.52
N ALA C 248 -15.47 19.91 48.06
CA ALA C 248 -14.92 21.06 48.80
C ALA C 248 -14.20 20.60 50.11
N GLU C 249 -14.83 19.66 50.83
CA GLU C 249 -14.29 19.05 52.06
C GLU C 249 -12.98 18.33 51.77
N PHE C 250 -12.93 17.50 50.69
CA PHE C 250 -11.72 16.82 50.24
C PHE C 250 -10.61 17.84 49.87
N LYS C 251 -10.98 18.96 49.20
CA LYS C 251 -10.04 20.04 48.90
C LYS C 251 -9.47 20.65 50.19
N ARG C 252 -10.35 20.98 51.17
CA ARG C 252 -9.94 21.56 52.46
C ARG C 252 -8.97 20.67 53.21
N LYS C 253 -9.29 19.35 53.33
CA LYS C 253 -8.44 18.39 54.06
C LYS C 253 -7.18 17.94 53.33
N HIS C 254 -7.28 17.65 52.02
CA HIS C 254 -6.17 17.05 51.30
C HIS C 254 -5.50 17.90 50.25
N LYS C 255 -6.08 19.07 49.94
CA LYS C 255 -5.59 20.03 48.94
C LYS C 255 -5.52 19.39 47.54
N LYS C 256 -6.51 18.54 47.23
CA LYS C 256 -6.65 17.82 45.96
C LYS C 256 -8.03 17.94 45.38
N ASP C 257 -8.11 18.16 44.06
CA ASP C 257 -9.35 18.29 43.30
C ASP C 257 -9.72 16.95 42.66
N ILE C 258 -10.75 16.28 43.16
CA ILE C 258 -11.20 15.00 42.63
C ILE C 258 -12.16 15.13 41.44
N SER C 259 -12.74 16.34 41.22
CA SER C 259 -13.81 16.61 40.27
C SER C 259 -13.51 16.27 38.79
N GLU C 260 -12.24 16.16 38.38
CA GLU C 260 -11.93 15.75 36.99
C GLU C 260 -11.77 14.22 36.85
N ASN C 261 -11.76 13.48 37.99
CA ASN C 261 -11.72 12.03 37.94
C ASN C 261 -13.16 11.53 38.01
N LYS C 262 -13.74 11.18 36.86
CA LYS C 262 -15.12 10.71 36.69
C LYS C 262 -15.47 9.52 37.58
N ARG C 263 -14.51 8.59 37.76
CA ARG C 263 -14.74 7.41 38.61
C ARG C 263 -14.79 7.76 40.09
N ALA C 264 -13.96 8.73 40.55
CA ALA C 264 -13.97 9.20 41.93
C ALA C 264 -15.30 9.91 42.22
N VAL C 265 -15.74 10.79 41.30
CA VAL C 265 -16.99 11.53 41.44
C VAL C 265 -18.17 10.56 41.52
N ARG C 266 -18.21 9.56 40.63
CA ARG C 266 -19.25 8.53 40.61
C ARG C 266 -19.29 7.77 41.95
N ARG C 267 -18.11 7.34 42.48
CA ARG C 267 -18.04 6.61 43.77
C ARG C 267 -18.60 7.50 44.86
N LEU C 268 -18.26 8.80 44.82
CA LEU C 268 -18.79 9.76 45.79
C LEU C 268 -20.31 9.91 45.64
N ARG C 269 -20.79 10.15 44.41
CA ARG C 269 -22.21 10.37 44.10
C ARG C 269 -23.11 9.23 44.58
N THR C 270 -22.70 7.99 44.30
CA THR C 270 -23.42 6.77 44.73
C THR C 270 -23.52 6.70 46.26
N ALA C 271 -22.40 7.01 46.97
CA ALA C 271 -22.35 7.04 48.43
C ALA C 271 -23.26 8.15 48.97
N CYS C 272 -23.29 9.32 48.33
CA CYS C 272 -24.16 10.47 48.72
C CYS C 272 -25.64 10.16 48.63
N GLU C 273 -26.07 9.55 47.54
CA GLU C 273 -27.48 9.22 47.30
C GLU C 273 -27.95 8.27 48.38
N ARG C 274 -27.12 7.27 48.75
CA ARG C 274 -27.43 6.27 49.79
C ARG C 274 -27.43 6.95 51.18
N ALA C 275 -26.43 7.81 51.47
CA ALA C 275 -26.36 8.59 52.71
C ALA C 275 -27.61 9.51 52.84
N LYS C 276 -28.10 10.10 51.73
CA LYS C 276 -29.30 10.93 51.70
C LYS C 276 -30.50 10.12 52.22
N ARG C 277 -30.68 8.85 51.71
CA ARG C 277 -31.77 7.96 52.11
CA ARG C 277 -31.77 7.96 52.11
C ARG C 277 -31.72 7.67 53.60
N THR C 278 -30.51 7.43 54.15
CA THR C 278 -30.25 7.16 55.58
C THR C 278 -30.71 8.36 56.44
N LEU C 279 -30.50 9.59 55.92
CA LEU C 279 -30.88 10.82 56.63
C LEU C 279 -32.39 11.03 56.73
N SER C 280 -33.19 10.25 55.97
CA SER C 280 -34.66 10.31 56.09
C SER C 280 -35.16 9.61 57.37
N SER C 281 -34.33 8.76 57.99
CA SER C 281 -34.64 8.01 59.21
C SER C 281 -33.65 8.25 60.36
N SER C 282 -32.38 8.53 60.06
CA SER C 282 -31.36 8.87 61.07
C SER C 282 -31.04 10.36 61.00
N THR C 283 -30.35 10.89 61.99
CA THR C 283 -29.95 12.29 62.00
C THR C 283 -28.51 12.44 61.53
N GLN C 284 -27.85 11.32 61.26
CA GLN C 284 -26.48 11.31 60.75
C GLN C 284 -26.20 10.08 59.86
N ALA C 285 -25.34 10.22 58.84
CA ALA C 285 -24.93 9.11 57.98
C ALA C 285 -23.41 9.18 57.79
N SER C 286 -22.77 8.02 57.83
CA SER C 286 -21.33 7.89 57.66
C SER C 286 -21.01 7.35 56.28
N ILE C 287 -19.86 7.75 55.72
CA ILE C 287 -19.38 7.32 54.41
C ILE C 287 -17.91 6.92 54.57
N GLU C 288 -17.53 5.76 54.01
CA GLU C 288 -16.15 5.25 54.04
C GLU C 288 -15.83 4.77 52.64
N ILE C 289 -14.92 5.47 51.96
CA ILE C 289 -14.52 5.16 50.58
C ILE C 289 -13.01 5.04 50.57
N ASP C 290 -12.49 3.80 50.43
CA ASP C 290 -11.05 3.56 50.41
C ASP C 290 -10.47 4.03 49.09
N SER C 291 -9.24 4.59 49.16
CA SER C 291 -8.49 5.01 47.98
C SER C 291 -9.38 5.75 46.93
N LEU C 292 -10.13 6.74 47.39
CA LEU C 292 -11.05 7.50 46.52
C LEU C 292 -10.31 8.21 45.40
N TYR C 293 -9.22 8.92 45.72
CA TYR C 293 -8.45 9.67 44.76
C TYR C 293 -7.03 9.74 45.21
N GLU C 294 -6.07 9.39 44.31
CA GLU C 294 -4.63 9.42 44.57
C GLU C 294 -4.25 8.68 45.85
N GLY C 295 -4.90 7.53 46.08
CA GLY C 295 -4.64 6.65 47.21
C GLY C 295 -5.12 7.14 48.56
N ILE C 296 -5.87 8.25 48.61
CA ILE C 296 -6.40 8.80 49.86
C ILE C 296 -7.76 8.20 50.21
N ASP C 297 -7.88 7.68 51.45
CA ASP C 297 -9.15 7.15 51.95
C ASP C 297 -10.03 8.32 52.38
N PHE C 298 -11.33 8.28 52.03
CA PHE C 298 -12.27 9.33 52.41
C PHE C 298 -13.30 8.82 53.40
N TYR C 299 -13.06 9.08 54.70
CA TYR C 299 -13.94 8.66 55.78
C TYR C 299 -14.54 9.92 56.36
N THR C 300 -15.86 10.06 56.19
CA THR C 300 -16.56 11.25 56.64
C THR C 300 -18.00 10.92 57.05
N SER C 301 -18.76 11.97 57.41
CA SER C 301 -20.14 11.88 57.87
C SER C 301 -20.80 13.21 57.59
N ILE C 302 -22.14 13.21 57.65
CA ILE C 302 -22.98 14.37 57.44
C ILE C 302 -24.18 14.19 58.31
N THR C 303 -24.57 15.25 59.01
CA THR C 303 -25.79 15.26 59.82
C THR C 303 -26.96 15.62 58.88
N ARG C 304 -28.18 15.38 59.33
CA ARG C 304 -29.39 15.73 58.61
C ARG C 304 -29.43 17.27 58.51
N ALA C 305 -29.06 17.96 59.63
CA ALA C 305 -29.00 19.42 59.69
C ALA C 305 -28.15 19.97 58.55
N ARG C 306 -26.90 19.48 58.38
CA ARG C 306 -26.02 19.94 57.31
C ARG C 306 -26.57 19.64 55.92
N PHE C 307 -27.18 18.47 55.70
CA PHE C 307 -27.82 18.13 54.41
C PHE C 307 -28.95 19.14 54.07
N GLU C 308 -29.76 19.52 55.07
CA GLU C 308 -30.88 20.48 54.93
C GLU C 308 -30.35 21.87 54.61
N GLU C 309 -29.24 22.30 55.26
CA GLU C 309 -28.59 23.61 55.02
C GLU C 309 -28.11 23.68 53.56
N LEU C 310 -27.45 22.59 53.05
CA LEU C 310 -26.91 22.52 51.66
C LEU C 310 -27.99 22.63 50.56
N ASN C 311 -29.23 22.24 50.91
CA ASN C 311 -30.35 22.19 49.98
C ASN C 311 -31.47 23.12 50.34
N ALA C 312 -31.23 24.02 51.32
CA ALA C 312 -32.24 24.93 51.87
C ALA C 312 -33.05 25.73 50.82
N ASP C 313 -32.41 26.30 49.76
CA ASP C 313 -33.07 27.06 48.68
C ASP C 313 -33.94 26.16 47.81
N LEU C 314 -33.44 24.96 47.51
CA LEU C 314 -34.18 24.00 46.72
C LEU C 314 -35.43 23.50 47.46
N PHE C 315 -35.29 23.22 48.75
CA PHE C 315 -36.41 22.75 49.56
C PHE C 315 -37.50 23.80 49.74
N ARG C 316 -37.09 25.03 50.01
CA ARG C 316 -38.03 26.13 50.20
C ARG C 316 -38.77 26.40 48.91
N GLY C 317 -38.03 26.31 47.82
CA GLY C 317 -38.54 26.53 46.47
C GLY C 317 -39.69 25.61 46.05
N THR C 318 -39.91 24.47 46.77
CA THR C 318 -41.00 23.54 46.45
C THR C 318 -42.39 24.15 46.77
N LEU C 319 -42.39 25.25 47.57
CA LEU C 319 -43.61 25.95 48.00
C LEU C 319 -44.14 26.96 46.99
N ASP C 320 -43.25 27.50 46.11
CA ASP C 320 -43.63 28.47 45.06
C ASP C 320 -44.62 27.83 44.05
N PRO C 321 -44.37 26.60 43.49
CA PRO C 321 -45.40 25.95 42.65
C PRO C 321 -46.68 25.60 43.42
N VAL C 322 -46.59 25.44 44.76
CA VAL C 322 -47.75 25.18 45.63
C VAL C 322 -48.65 26.45 45.64
N GLU C 323 -48.03 27.62 45.89
CA GLU C 323 -48.71 28.90 45.89
C GLU C 323 -49.28 29.22 44.48
N LYS C 324 -48.52 28.90 43.43
CA LYS C 324 -48.90 29.07 42.02
C LYS C 324 -50.17 28.25 41.71
N ALA C 325 -50.20 26.96 42.11
CA ALA C 325 -51.34 26.05 41.93
C ALA C 325 -52.59 26.56 42.66
N LEU C 326 -52.44 27.04 43.92
CA LEU C 326 -53.55 27.59 44.72
C LEU C 326 -54.14 28.85 44.07
N ARG C 327 -53.28 29.69 43.49
CA ARG C 327 -53.66 30.92 42.80
C ARG C 327 -54.49 30.56 41.58
N ASP C 328 -53.97 29.66 40.69
CA ASP C 328 -54.65 29.23 39.48
C ASP C 328 -55.95 28.47 39.75
N ALA C 329 -56.02 27.70 40.85
CA ALA C 329 -57.21 26.95 41.23
C ALA C 329 -58.27 27.86 41.85
N LYS C 330 -57.88 29.10 42.18
CA LYS C 330 -58.69 30.14 42.81
C LYS C 330 -59.15 29.68 44.21
N LEU C 331 -58.19 29.15 44.99
CA LEU C 331 -58.41 28.62 46.34
C LEU C 331 -57.39 29.13 47.33
N ASP C 332 -57.81 29.31 48.59
CA ASP C 332 -56.94 29.67 49.71
C ASP C 332 -56.39 28.33 50.26
N LYS C 333 -55.22 28.37 50.95
CA LYS C 333 -54.58 27.15 51.49
C LYS C 333 -55.49 26.43 52.51
N SER C 334 -56.38 27.18 53.19
CA SER C 334 -57.34 26.66 54.17
C SER C 334 -58.47 25.81 53.53
N GLN C 335 -58.60 25.89 52.19
CA GLN C 335 -59.63 25.20 51.41
C GLN C 335 -59.19 23.84 50.91
N ILE C 336 -57.97 23.44 51.24
CA ILE C 336 -57.44 22.13 50.89
C ILE C 336 -57.81 21.17 52.00
N HIS C 337 -58.50 20.07 51.65
CA HIS C 337 -58.94 19.05 52.59
C HIS C 337 -57.94 17.91 52.72
N ASP C 338 -57.18 17.59 51.65
CA ASP C 338 -56.22 16.49 51.63
C ASP C 338 -54.97 16.86 50.88
N ILE C 339 -53.79 16.45 51.41
CA ILE C 339 -52.46 16.61 50.81
C ILE C 339 -51.90 15.20 50.66
N VAL C 340 -51.52 14.82 49.44
CA VAL C 340 -50.99 13.51 49.07
C VAL C 340 -49.56 13.68 48.59
N LEU C 341 -48.63 12.86 49.14
CA LEU C 341 -47.22 12.83 48.74
C LEU C 341 -46.95 11.69 47.76
N VAL C 342 -46.35 12.00 46.60
CA VAL C 342 -45.95 11.03 45.56
C VAL C 342 -44.43 11.30 45.23
N GLY C 343 -43.67 10.29 44.79
CA GLY C 343 -42.26 10.45 44.47
C GLY C 343 -41.36 10.19 45.67
N GLY C 344 -40.24 9.53 45.41
CA GLY C 344 -39.29 9.11 46.44
C GLY C 344 -38.75 10.23 47.30
N SER C 345 -38.59 11.44 46.74
CA SER C 345 -38.01 12.58 47.47
C SER C 345 -38.93 13.18 48.54
N THR C 346 -40.23 12.84 48.53
CA THR C 346 -41.18 13.33 49.52
C THR C 346 -40.94 12.69 50.88
N ARG C 347 -40.11 11.64 50.95
CA ARG C 347 -39.70 10.93 52.15
C ARG C 347 -38.78 11.80 53.02
N ILE C 348 -38.20 12.88 52.45
CA ILE C 348 -37.28 13.79 53.15
C ILE C 348 -38.03 14.52 54.27
N PRO C 349 -37.63 14.30 55.55
CA PRO C 349 -38.36 14.96 56.68
C PRO C 349 -38.52 16.47 56.56
N LYS C 350 -37.49 17.20 56.08
CA LYS C 350 -37.56 18.66 55.92
C LYS C 350 -38.64 19.10 54.93
N ILE C 351 -38.81 18.39 53.81
CA ILE C 351 -39.82 18.68 52.79
C ILE C 351 -41.23 18.50 53.39
N GLN C 352 -41.43 17.40 54.14
CA GLN C 352 -42.68 17.09 54.83
C GLN C 352 -42.98 18.18 55.86
N LYS C 353 -41.96 18.63 56.62
CA LYS C 353 -42.09 19.67 57.64
C LYS C 353 -42.48 21.02 56.98
N LEU C 354 -41.82 21.39 55.84
CA LEU C 354 -42.11 22.63 55.12
C LEU C 354 -43.53 22.64 54.58
N LEU C 355 -43.99 21.50 54.07
CA LEU C 355 -45.33 21.34 53.49
C LEU C 355 -46.40 21.36 54.57
N GLN C 356 -46.13 20.71 55.71
CA GLN C 356 -47.05 20.69 56.85
C GLN C 356 -47.19 22.07 57.49
N ASP C 357 -46.05 22.79 57.69
CA ASP C 357 -46.06 24.15 58.26
C ASP C 357 -46.77 25.13 57.35
N PHE C 358 -46.66 24.96 56.02
CA PHE C 358 -47.36 25.83 55.06
C PHE C 358 -48.87 25.63 55.21
N PHE C 359 -49.34 24.38 55.44
CA PHE C 359 -50.77 24.10 55.62
C PHE C 359 -51.22 24.12 57.10
N ASN C 360 -50.47 24.88 57.92
CA ASN C 360 -50.68 25.13 59.36
C ASN C 360 -50.91 23.84 60.19
N GLY C 361 -50.04 22.86 60.00
CA GLY C 361 -50.07 21.62 60.79
C GLY C 361 -50.91 20.48 60.26
N LYS C 362 -51.52 20.64 59.08
CA LYS C 362 -52.35 19.61 58.45
C LYS C 362 -51.55 18.34 58.18
N GLU C 363 -52.08 17.18 58.58
CA GLU C 363 -51.47 15.88 58.37
C GLU C 363 -51.40 15.55 56.88
N LEU C 364 -50.36 14.82 56.47
CA LEU C 364 -50.11 14.46 55.08
C LEU C 364 -50.44 12.99 54.84
N ASN C 365 -50.96 12.65 53.64
CA ASN C 365 -51.23 11.26 53.26
C ASN C 365 -49.91 10.72 52.72
N LYS C 366 -49.21 9.92 53.52
CA LYS C 366 -47.87 9.42 53.18
C LYS C 366 -47.61 7.93 53.49
N SER C 367 -48.61 7.20 54.01
CA SER C 367 -48.48 5.81 54.42
C SER C 367 -48.18 4.84 53.28
N ILE C 368 -48.64 5.16 52.05
CA ILE C 368 -48.37 4.30 50.90
C ILE C 368 -47.04 4.71 50.35
N ASN C 369 -46.17 3.72 50.04
CA ASN C 369 -44.86 3.91 49.44
C ASN C 369 -44.99 4.95 48.31
N PRO C 370 -44.33 6.14 48.44
CA PRO C 370 -44.52 7.22 47.43
C PRO C 370 -44.08 6.93 45.98
N ASP C 371 -43.27 5.85 45.78
CA ASP C 371 -42.84 5.43 44.44
C ASP C 371 -43.92 4.53 43.81
N GLU C 372 -44.75 3.91 44.66
CA GLU C 372 -45.76 2.95 44.24
C GLU C 372 -47.21 3.45 44.30
N ALA C 373 -47.48 4.61 44.96
CA ALA C 373 -48.82 5.19 45.15
C ALA C 373 -49.64 5.33 43.87
N VAL C 374 -49.00 5.80 42.78
CA VAL C 374 -49.70 6.00 41.49
C VAL C 374 -50.13 4.62 40.90
N ALA C 375 -49.22 3.63 40.86
CA ALA C 375 -49.53 2.27 40.37
C ALA C 375 -50.60 1.62 41.23
N TYR C 376 -50.59 1.92 42.56
CA TYR C 376 -51.55 1.46 43.55
C TYR C 376 -52.96 1.95 43.19
N GLY C 377 -53.12 3.25 42.96
CA GLY C 377 -54.39 3.84 42.58
C GLY C 377 -54.89 3.33 41.25
N ALA C 378 -53.98 3.12 40.29
CA ALA C 378 -54.27 2.61 38.96
C ALA C 378 -54.76 1.17 38.99
N ALA C 379 -54.19 0.35 39.89
CA ALA C 379 -54.57 -1.06 40.09
C ALA C 379 -55.99 -1.16 40.67
N VAL C 380 -56.31 -0.28 41.63
CA VAL C 380 -57.64 -0.11 42.26
C VAL C 380 -58.66 0.25 41.15
N GLN C 381 -58.31 1.22 40.29
CA GLN C 381 -59.14 1.68 39.17
C GLN C 381 -59.33 0.56 38.18
N ALA C 382 -58.27 -0.21 37.90
CA ALA C 382 -58.31 -1.36 36.97
C ALA C 382 -59.26 -2.44 37.49
N ALA C 383 -59.27 -2.71 38.82
CA ALA C 383 -60.16 -3.70 39.41
C ALA C 383 -61.64 -3.23 39.36
N ILE C 384 -61.87 -1.95 39.56
CA ILE C 384 -63.22 -1.33 39.52
C ILE C 384 -63.83 -1.41 38.10
N LEU C 385 -63.01 -1.21 37.07
CA LEU C 385 -63.44 -1.23 35.67
C LEU C 385 -63.49 -2.62 35.06
N SER C 386 -62.95 -3.65 35.76
CA SER C 386 -62.97 -5.05 35.32
C SER C 386 -64.34 -5.69 35.47
N PRO D 2 -3.26 -15.98 74.81
CA PRO D 2 -4.22 -14.90 75.08
C PRO D 2 -5.59 -15.09 74.43
N LEU D 3 -6.42 -14.03 74.43
CA LEU D 3 -7.73 -14.01 73.81
C LEU D 3 -7.88 -12.70 73.03
N GLY D 4 -8.06 -12.81 71.71
CA GLY D 4 -8.21 -11.67 70.81
C GLY D 4 -9.51 -10.89 70.95
N SER D 5 -9.70 -9.86 70.10
CA SER D 5 -10.90 -9.04 70.11
C SER D 5 -11.92 -9.49 69.09
N ASN D 6 -11.61 -10.53 68.27
CA ASN D 6 -12.41 -11.07 67.17
C ASN D 6 -13.82 -11.28 67.57
N SER D 7 -14.76 -10.58 66.91
CA SER D 7 -16.16 -10.65 67.25
C SER D 7 -16.99 -11.43 66.22
N PRO D 8 -18.13 -12.05 66.61
CA PRO D 8 -18.99 -12.73 65.60
C PRO D 8 -19.54 -11.75 64.56
N GLN D 9 -19.70 -10.48 64.94
CA GLN D 9 -20.22 -9.41 64.08
C GLN D 9 -19.26 -9.12 62.91
N GLU D 10 -17.94 -9.23 63.15
CA GLU D 10 -16.95 -9.01 62.11
C GLU D 10 -16.94 -10.15 61.09
N GLU D 11 -17.32 -11.38 61.51
CA GLU D 11 -17.38 -12.54 60.59
C GLU D 11 -18.39 -12.29 59.48
N VAL D 12 -19.45 -11.53 59.80
CA VAL D 12 -20.52 -11.15 58.87
C VAL D 12 -19.92 -10.22 57.80
N GLU D 13 -19.07 -9.28 58.23
CA GLU D 13 -18.44 -8.33 57.31
C GLU D 13 -17.40 -8.99 56.44
N LEU D 14 -16.62 -9.94 57.01
CA LEU D 14 -15.58 -10.70 56.31
C LEU D 14 -16.20 -11.59 55.25
N LYS D 15 -17.41 -12.12 55.52
CA LYS D 15 -18.15 -12.98 54.59
C LYS D 15 -18.57 -12.17 53.34
N LYS D 16 -19.05 -10.94 53.53
CA LYS D 16 -19.43 -10.02 52.45
C LYS D 16 -18.20 -9.70 51.60
N LEU D 17 -17.04 -9.45 52.25
CA LEU D 17 -15.76 -9.18 51.58
C LEU D 17 -15.23 -10.37 50.81
N LYS D 18 -15.42 -11.59 51.34
CA LYS D 18 -15.03 -12.83 50.66
C LYS D 18 -15.90 -13.07 49.40
N HIS D 19 -17.21 -12.78 49.47
CA HIS D 19 -18.12 -12.87 48.31
CA HIS D 19 -18.12 -12.87 48.31
C HIS D 19 -17.65 -11.85 47.24
N LEU D 20 -17.22 -10.64 47.66
CA LEU D 20 -16.73 -9.60 46.74
C LEU D 20 -15.39 -9.97 46.14
N GLU D 21 -14.50 -10.66 46.90
CA GLU D 21 -13.21 -11.16 46.38
C GLU D 21 -13.44 -12.20 45.29
N LYS D 22 -14.41 -13.10 45.48
CA LYS D 22 -14.74 -14.14 44.49
C LYS D 22 -15.27 -13.50 43.22
N SER D 23 -16.07 -12.44 43.34
CA SER D 23 -16.59 -11.67 42.20
C SER D 23 -15.44 -10.97 41.45
N VAL D 24 -14.45 -10.41 42.16
CA VAL D 24 -13.28 -9.76 41.53
C VAL D 24 -12.50 -10.81 40.74
N GLU D 25 -12.27 -12.00 41.33
CA GLU D 25 -11.59 -13.11 40.67
C GLU D 25 -12.32 -13.54 39.36
N LYS D 26 -13.68 -13.50 39.31
CA LYS D 26 -14.44 -13.83 38.09
C LYS D 26 -14.23 -12.76 37.01
N ILE D 27 -14.29 -11.46 37.38
CA ILE D 27 -14.09 -10.34 36.44
C ILE D 27 -12.63 -10.32 35.93
N ALA D 28 -11.65 -10.61 36.81
CA ALA D 28 -10.23 -10.67 36.45
C ALA D 28 -9.94 -11.81 35.45
N ASP D 29 -10.72 -12.91 35.50
CA ASP D 29 -10.60 -14.04 34.56
C ASP D 29 -11.09 -13.60 33.20
N GLN D 30 -12.14 -12.75 33.13
CA GLN D 30 -12.67 -12.16 31.89
C GLN D 30 -11.62 -11.20 31.29
N LEU D 31 -10.99 -10.37 32.14
CA LEU D 31 -9.92 -9.46 31.71
C LEU D 31 -8.75 -10.30 31.13
N GLU D 32 -8.37 -11.42 31.78
CA GLU D 32 -7.32 -12.32 31.29
C GLU D 32 -7.66 -12.90 29.92
N GLU D 33 -8.93 -13.30 29.68
CA GLU D 33 -9.42 -13.81 28.39
C GLU D 33 -9.37 -12.70 27.36
N LEU D 34 -9.73 -11.44 27.74
CA LEU D 34 -9.63 -10.31 26.82
C LEU D 34 -8.18 -10.12 26.40
N ASN D 35 -7.24 -10.08 27.38
CA ASN D 35 -5.79 -9.95 27.15
C ASN D 35 -5.29 -11.04 26.16
N LYS D 36 -5.72 -12.31 26.36
CA LYS D 36 -5.37 -13.44 25.46
C LYS D 36 -5.95 -13.28 24.06
N GLU D 37 -7.19 -12.81 23.94
CA GLU D 37 -7.85 -12.56 22.64
C GLU D 37 -7.16 -11.41 21.92
N LEU D 38 -6.75 -10.33 22.65
CA LEU D 38 -6.03 -9.19 22.11
C LEU D 38 -4.69 -9.65 21.52
N THR D 39 -3.90 -10.43 22.30
CA THR D 39 -2.61 -11.01 21.89
C THR D 39 -2.81 -11.89 20.64
N GLY D 40 -3.88 -12.71 20.64
CA GLY D 40 -4.28 -13.60 19.56
C GLY D 40 -4.45 -12.85 18.26
N ILE D 41 -5.23 -11.75 18.28
CA ILE D 41 -5.47 -10.87 17.11
C ILE D 41 -4.14 -10.25 16.64
N GLN D 42 -3.34 -9.69 17.59
CA GLN D 42 -2.03 -9.07 17.30
C GLN D 42 -1.02 -10.04 16.65
N GLN D 43 -0.99 -11.32 17.13
CA GLN D 43 -0.08 -12.36 16.66
C GLN D 43 -0.78 -13.46 15.80
N GLY D 44 -1.93 -13.12 15.22
CA GLY D 44 -2.76 -14.05 14.47
C GLY D 44 -2.61 -13.98 12.97
N PHE D 45 -3.54 -14.66 12.28
CA PHE D 45 -3.56 -14.83 10.83
C PHE D 45 -4.26 -13.69 10.07
N LEU D 46 -4.98 -12.81 10.81
CA LEU D 46 -5.67 -11.67 10.20
C LEU D 46 -4.70 -10.66 9.59
N PRO D 47 -5.01 -10.14 8.38
CA PRO D 47 -4.21 -9.06 7.79
C PRO D 47 -4.29 -7.80 8.66
N LYS D 48 -3.20 -7.01 8.73
CA LYS D 48 -3.05 -5.78 9.54
C LYS D 48 -4.31 -4.92 9.67
N ASP D 49 -5.04 -4.73 8.55
CA ASP D 49 -6.29 -3.93 8.48
C ASP D 49 -7.43 -4.60 9.26
N LEU D 50 -7.61 -5.92 9.07
CA LEU D 50 -8.68 -6.70 9.73
C LEU D 50 -8.41 -6.96 11.22
N GLN D 51 -7.15 -6.77 11.62
CA GLN D 51 -6.73 -6.82 13.02
C GLN D 51 -7.29 -5.61 13.80
N ALA D 52 -7.17 -4.41 13.22
CA ALA D 52 -7.72 -3.18 13.81
C ALA D 52 -9.24 -3.28 14.04
N GLU D 53 -9.99 -3.88 13.08
CA GLU D 53 -11.43 -4.10 13.16
C GLU D 53 -11.82 -5.12 14.28
N ALA D 54 -11.07 -6.25 14.39
CA ALA D 54 -11.33 -7.28 15.40
C ALA D 54 -11.07 -6.76 16.81
N LEU D 55 -10.05 -5.86 16.98
CA LEU D 55 -9.67 -5.19 18.24
C LEU D 55 -10.77 -4.27 18.71
N CYS D 56 -11.36 -3.50 17.79
CA CYS D 56 -12.44 -2.58 18.17
C CYS D 56 -13.73 -3.33 18.54
N LYS D 57 -13.90 -4.60 18.07
CA LYS D 57 -15.03 -5.48 18.47
C LYS D 57 -14.89 -5.91 19.96
N LEU D 58 -13.65 -5.84 20.53
CA LEU D 58 -13.38 -6.15 21.93
C LEU D 58 -13.75 -4.96 22.84
N ASP D 59 -14.01 -3.76 22.27
CA ASP D 59 -14.33 -2.55 23.01
C ASP D 59 -15.54 -2.68 23.93
N ARG D 60 -16.65 -3.23 23.42
CA ARG D 60 -17.87 -3.46 24.20
C ARG D 60 -17.56 -4.32 25.42
N ARG D 61 -16.74 -5.35 25.25
CA ARG D 61 -16.32 -6.28 26.30
C ARG D 61 -15.37 -5.66 27.33
N VAL D 62 -14.50 -4.72 26.92
CA VAL D 62 -13.56 -4.03 27.84
C VAL D 62 -14.36 -3.06 28.72
N LYS D 63 -15.27 -2.33 28.09
CA LYS D 63 -16.15 -1.39 28.76
C LYS D 63 -17.05 -2.14 29.77
N ALA D 64 -17.50 -3.36 29.43
CA ALA D 64 -18.32 -4.21 30.31
C ALA D 64 -17.48 -4.69 31.52
N THR D 65 -16.16 -4.97 31.31
CA THR D 65 -15.24 -5.36 32.38
C THR D 65 -15.03 -4.18 33.36
N ILE D 66 -14.79 -2.96 32.82
CA ILE D 66 -14.59 -1.73 33.62
C ILE D 66 -15.82 -1.50 34.48
N GLU D 67 -17.01 -1.54 33.86
CA GLU D 67 -18.29 -1.32 34.54
C GLU D 67 -18.50 -2.30 35.71
N GLN D 68 -18.21 -3.60 35.51
CA GLN D 68 -18.33 -4.64 36.55
C GLN D 68 -17.36 -4.34 37.70
N PHE D 69 -16.15 -3.86 37.39
CA PHE D 69 -15.21 -3.48 38.44
C PHE D 69 -15.74 -2.23 39.19
N MET D 70 -16.38 -1.26 38.45
CA MET D 70 -16.94 -0.06 39.08
C MET D 70 -18.07 -0.40 40.06
N LYS D 71 -18.92 -1.37 39.68
CA LYS D 71 -20.03 -1.87 40.50
C LYS D 71 -19.52 -2.60 41.75
N ILE D 72 -18.37 -3.31 41.66
CA ILE D 72 -17.73 -3.95 42.82
C ILE D 72 -17.30 -2.86 43.80
N LEU D 73 -16.65 -1.79 43.28
CA LEU D 73 -16.22 -0.63 44.08
C LEU D 73 -17.36 0.02 44.81
N GLU D 74 -18.51 0.16 44.13
CA GLU D 74 -19.71 0.74 44.74
C GLU D 74 -20.28 -0.15 45.85
N GLU D 75 -20.19 -1.46 45.70
CA GLU D 75 -20.67 -2.44 46.70
C GLU D 75 -19.73 -2.38 47.91
N ILE D 76 -18.39 -2.35 47.67
CA ILE D 76 -17.39 -2.23 48.75
C ILE D 76 -17.65 -0.93 49.54
N ASP D 77 -17.96 0.19 48.83
CA ASP D 77 -18.19 1.50 49.41
C ASP D 77 -19.45 1.55 50.33
N THR D 78 -20.34 0.54 50.28
CA THR D 78 -21.51 0.49 51.17
C THR D 78 -21.12 0.02 52.61
N LEU D 79 -19.91 -0.54 52.82
CA LEU D 79 -19.51 -1.04 54.14
C LEU D 79 -19.07 0.09 55.08
N ILE D 80 -19.35 -0.07 56.37
CA ILE D 80 -18.93 0.82 57.46
C ILE D 80 -18.24 -0.15 58.40
N LEU D 81 -16.95 0.07 58.60
CA LEU D 81 -16.16 -0.85 59.40
C LEU D 81 -15.56 -0.11 60.56
N PRO D 82 -15.99 -0.42 61.80
CA PRO D 82 -15.42 0.26 62.98
C PRO D 82 -13.91 0.02 63.06
N GLU D 83 -13.23 0.86 63.81
CA GLU D 83 -11.78 0.78 63.96
C GLU D 83 -11.34 -0.56 64.52
N ASN D 84 -12.14 -1.12 65.41
CA ASN D 84 -11.82 -2.42 66.01
C ASN D 84 -11.78 -3.57 64.99
N PHE D 85 -12.53 -3.44 63.89
CA PHE D 85 -12.54 -4.47 62.87
C PHE D 85 -11.32 -4.30 61.95
N LYS D 86 -10.14 -4.58 62.49
CA LYS D 86 -8.91 -4.44 61.72
C LYS D 86 -8.75 -5.36 60.51
N ASP D 87 -9.13 -6.64 60.65
CA ASP D 87 -9.00 -7.57 59.55
C ASP D 87 -9.89 -7.19 58.37
N SER D 88 -11.09 -6.75 58.65
CA SER D 88 -12.03 -6.31 57.60
C SER D 88 -11.52 -5.02 56.96
N ARG D 89 -10.89 -4.17 57.76
CA ARG D 89 -10.37 -2.93 57.19
C ARG D 89 -9.16 -3.19 56.27
N LEU D 90 -8.33 -4.23 56.58
CA LEU D 90 -7.19 -4.61 55.75
C LEU D 90 -7.69 -5.34 54.47
N LYS D 91 -8.65 -6.26 54.61
CA LYS D 91 -9.19 -7.00 53.49
C LYS D 91 -9.85 -6.03 52.49
N ARG D 92 -10.66 -5.07 52.97
CA ARG D 92 -11.33 -4.05 52.12
C ARG D 92 -10.29 -3.21 51.34
N LYS D 93 -9.27 -2.68 52.04
CA LYS D 93 -8.20 -1.87 51.44
C LYS D 93 -7.44 -2.66 50.36
N GLY D 94 -7.03 -3.89 50.68
CA GLY D 94 -6.34 -4.78 49.74
C GLY D 94 -7.17 -5.05 48.50
N LEU D 95 -8.48 -5.28 48.69
CA LEU D 95 -9.40 -5.57 47.59
C LEU D 95 -9.62 -4.34 46.68
N VAL D 96 -9.76 -3.12 47.26
CA VAL D 96 -9.92 -1.89 46.49
C VAL D 96 -8.66 -1.64 45.62
N LYS D 97 -7.46 -1.70 46.22
CA LYS D 97 -6.19 -1.52 45.48
C LYS D 97 -6.07 -2.55 44.31
N LYS D 98 -6.50 -3.81 44.53
CA LYS D 98 -6.46 -4.86 43.51
C LYS D 98 -7.38 -4.51 42.35
N VAL D 99 -8.63 -4.12 42.65
CA VAL D 99 -9.61 -3.65 41.64
C VAL D 99 -9.04 -2.44 40.89
N GLN D 100 -8.39 -1.51 41.61
CA GLN D 100 -7.83 -0.31 40.96
C GLN D 100 -6.67 -0.65 40.03
N ALA D 101 -5.84 -1.63 40.40
CA ALA D 101 -4.73 -2.11 39.55
C ALA D 101 -5.31 -2.79 38.28
N PHE D 102 -6.41 -3.57 38.40
CA PHE D 102 -7.08 -4.18 37.23
C PHE D 102 -7.77 -3.11 36.35
N LEU D 103 -8.31 -2.03 36.96
CA LEU D 103 -8.95 -0.93 36.19
C LEU D 103 -7.88 -0.19 35.38
N ALA D 104 -6.66 -0.06 35.94
CA ALA D 104 -5.51 0.56 35.28
C ALA D 104 -5.13 -0.30 34.05
N GLU D 105 -5.18 -1.65 34.17
CA GLU D 105 -4.93 -2.59 33.06
C GLU D 105 -6.02 -2.47 31.99
N CYS D 106 -7.32 -2.37 32.39
CA CYS D 106 -8.45 -2.17 31.47
C CYS D 106 -8.24 -0.88 30.66
N ASP D 107 -7.78 0.22 31.35
CA ASP D 107 -7.50 1.51 30.71
C ASP D 107 -6.41 1.38 29.65
N THR D 108 -5.35 0.58 29.90
CA THR D 108 -4.30 0.40 28.88
C THR D 108 -4.87 -0.35 27.66
N VAL D 109 -5.76 -1.34 27.87
CA VAL D 109 -6.40 -2.05 26.75
C VAL D 109 -7.21 -1.06 25.90
N GLU D 110 -8.02 -0.18 26.56
CA GLU D 110 -8.86 0.86 25.91
C GLU D 110 -8.07 1.83 25.05
N GLN D 111 -6.80 2.13 25.45
CA GLN D 111 -5.84 2.99 24.75
C GLN D 111 -5.09 2.25 23.63
N ASN D 112 -5.35 0.95 23.44
CA ASN D 112 -4.68 0.11 22.45
C ASN D 112 -5.62 -0.43 21.35
N ILE D 113 -6.93 -0.22 21.52
CA ILE D 113 -7.98 -0.68 20.58
C ILE D 113 -8.73 0.59 20.13
N CYS D 114 -9.42 0.55 18.98
CA CYS D 114 -10.19 1.71 18.45
C CYS D 114 -9.33 3.02 18.28
N GLN D 115 -7.98 2.86 18.16
CA GLN D 115 -6.95 3.89 18.03
C GLN D 115 -6.82 4.75 19.30
N MET E 6 68.42 -15.65 -0.01
CA MET E 6 68.53 -15.74 -1.47
C MET E 6 69.95 -15.40 -1.93
N SER E 7 70.62 -16.35 -2.64
CA SER E 7 71.96 -16.15 -3.21
C SER E 7 71.92 -15.12 -4.35
N LYS E 8 73.08 -14.54 -4.70
CA LYS E 8 73.19 -13.55 -5.78
C LYS E 8 73.07 -14.26 -7.14
N GLY E 9 72.21 -13.74 -8.00
CA GLY E 9 71.94 -14.32 -9.31
C GLY E 9 72.61 -13.66 -10.49
N PRO E 10 72.26 -14.13 -11.72
CA PRO E 10 72.85 -13.53 -12.93
C PRO E 10 72.26 -12.18 -13.32
N ALA E 11 72.75 -11.64 -14.44
CA ALA E 11 72.29 -10.39 -15.00
C ALA E 11 71.17 -10.73 -16.00
N VAL E 12 70.17 -9.83 -16.09
CA VAL E 12 69.00 -10.02 -16.95
C VAL E 12 68.92 -8.96 -18.03
N GLY E 13 68.21 -9.28 -19.09
CA GLY E 13 67.92 -8.33 -20.15
C GLY E 13 66.47 -7.94 -20.08
N ILE E 14 66.18 -6.64 -20.05
CA ILE E 14 64.81 -6.13 -19.98
C ILE E 14 64.45 -5.26 -21.18
N ASP E 15 63.40 -5.67 -21.90
CA ASP E 15 62.78 -4.85 -22.92
C ASP E 15 61.65 -4.09 -22.17
N LEU E 16 61.89 -2.80 -21.85
CA LEU E 16 60.92 -1.93 -21.17
C LEU E 16 60.05 -1.26 -22.26
N GLY E 17 58.92 -1.87 -22.57
CA GLY E 17 58.04 -1.40 -23.63
C GLY E 17 56.92 -0.49 -23.17
N THR E 18 56.32 0.23 -24.14
CA THR E 18 55.21 1.16 -23.94
C THR E 18 53.99 0.49 -23.30
N THR E 19 53.56 -0.66 -23.85
CA THR E 19 52.36 -1.38 -23.39
C THR E 19 52.67 -2.73 -22.70
N TYR E 20 53.76 -3.39 -23.10
CA TYR E 20 54.19 -4.65 -22.50
C TYR E 20 55.72 -4.69 -22.35
N SER E 21 56.18 -5.30 -21.27
CA SER E 21 57.61 -5.48 -20.98
C SER E 21 57.93 -7.00 -20.97
N CYS E 22 59.20 -7.32 -21.18
CA CYS E 22 59.67 -8.69 -21.31
C CYS E 22 61.05 -8.78 -20.65
N VAL E 23 61.30 -9.86 -19.89
CA VAL E 23 62.58 -10.05 -19.19
C VAL E 23 63.14 -11.43 -19.49
N GLY E 24 64.39 -11.45 -19.94
CA GLY E 24 65.11 -12.68 -20.30
C GLY E 24 66.42 -12.84 -19.58
N VAL E 25 66.87 -14.10 -19.45
CA VAL E 25 68.12 -14.47 -18.80
C VAL E 25 68.87 -15.52 -19.65
N PHE E 26 70.18 -15.31 -19.82
CA PHE E 26 71.03 -16.25 -20.54
C PHE E 26 71.66 -17.18 -19.49
N GLN E 27 71.41 -18.48 -19.64
CA GLN E 27 71.91 -19.51 -18.73
C GLN E 27 72.00 -20.85 -19.45
N HIS E 28 73.03 -21.66 -19.13
CA HIS E 28 73.31 -22.97 -19.74
C HIS E 28 73.35 -22.85 -21.28
N GLY E 29 74.06 -21.83 -21.77
CA GLY E 29 74.25 -21.55 -23.19
C GLY E 29 73.02 -21.16 -24.00
N LYS E 30 71.91 -20.79 -23.34
CA LYS E 30 70.69 -20.39 -24.03
C LYS E 30 69.91 -19.31 -23.29
N VAL E 31 69.08 -18.55 -24.01
CA VAL E 31 68.24 -17.51 -23.44
C VAL E 31 66.87 -18.08 -23.02
N GLU E 32 66.46 -17.79 -21.77
CA GLU E 32 65.14 -18.16 -21.26
C GLU E 32 64.34 -16.87 -21.04
N ILE E 33 63.20 -16.72 -21.75
CA ILE E 33 62.30 -15.60 -21.56
C ILE E 33 61.43 -16.00 -20.37
N ILE E 34 61.55 -15.25 -19.28
CA ILE E 34 60.90 -15.58 -18.00
C ILE E 34 59.40 -15.25 -18.00
N ALA E 35 58.60 -16.24 -17.62
CA ALA E 35 57.17 -16.07 -17.46
C ALA E 35 56.89 -15.44 -16.09
N ASN E 36 55.87 -14.58 -16.02
CA ASN E 36 55.48 -13.93 -14.78
C ASN E 36 54.59 -14.86 -13.94
N ASP E 37 54.10 -14.35 -12.78
CA ASP E 37 53.21 -15.05 -11.83
C ASP E 37 51.92 -15.62 -12.45
N GLN E 38 51.47 -15.06 -13.61
CA GLN E 38 50.28 -15.53 -14.34
C GLN E 38 50.65 -16.50 -15.47
N GLY E 39 51.96 -16.75 -15.63
CA GLY E 39 52.50 -17.64 -16.65
C GLY E 39 52.73 -17.00 -18.01
N ASN E 40 52.62 -15.66 -18.07
CA ASN E 40 52.78 -14.89 -19.30
C ASN E 40 54.21 -14.45 -19.54
N ARG E 41 54.72 -14.66 -20.77
CA ARG E 41 56.08 -14.31 -21.16
C ARG E 41 56.29 -12.79 -21.38
N THR E 42 55.18 -12.01 -21.44
CA THR E 42 55.16 -10.53 -21.47
C THR E 42 54.29 -10.03 -20.31
N THR E 43 54.63 -8.86 -19.77
CA THR E 43 53.92 -8.23 -18.66
C THR E 43 53.41 -6.83 -19.09
N PRO E 44 52.11 -6.49 -18.90
CA PRO E 44 51.65 -5.15 -19.25
C PRO E 44 52.41 -4.07 -18.48
N SER E 45 52.79 -2.98 -19.16
CA SER E 45 53.50 -1.85 -18.57
C SER E 45 52.44 -0.93 -17.93
N TYR E 46 51.64 -1.50 -17.03
CA TYR E 46 50.53 -0.87 -16.31
C TYR E 46 50.77 -0.84 -14.81
N VAL E 47 50.39 0.27 -14.17
CA VAL E 47 50.52 0.47 -12.74
C VAL E 47 49.21 1.07 -12.32
N ALA E 48 48.52 0.45 -11.36
CA ALA E 48 47.26 0.96 -10.86
C ALA E 48 47.38 1.31 -9.39
N PHE E 49 46.75 2.40 -8.99
CA PHE E 49 46.74 2.87 -7.62
C PHE E 49 45.31 2.74 -7.14
N THR E 50 45.11 1.99 -6.05
CA THR E 50 43.77 1.78 -5.51
C THR E 50 43.69 2.40 -4.11
N ASP E 51 42.56 2.17 -3.42
CA ASP E 51 42.32 2.66 -2.07
C ASP E 51 43.15 1.90 -1.02
N THR E 52 43.70 0.72 -1.40
CA THR E 52 44.46 -0.14 -0.48
C THR E 52 45.85 -0.54 -0.95
N GLU E 53 46.03 -0.74 -2.26
CA GLU E 53 47.33 -1.20 -2.80
C GLU E 53 47.75 -0.55 -4.12
N ARG E 54 48.94 -0.93 -4.56
CA ARG E 54 49.54 -0.55 -5.81
C ARG E 54 49.68 -1.84 -6.60
N LEU E 55 48.98 -1.93 -7.73
CA LEU E 55 49.03 -3.12 -8.61
C LEU E 55 49.92 -2.84 -9.83
N ILE E 56 50.73 -3.81 -10.22
CA ILE E 56 51.64 -3.69 -11.36
C ILE E 56 51.46 -4.91 -12.27
N GLY E 57 51.53 -4.69 -13.58
CA GLY E 57 51.45 -5.76 -14.57
C GLY E 57 50.05 -6.22 -14.90
N ASP E 58 49.88 -7.55 -14.96
CA ASP E 58 48.60 -8.19 -15.25
C ASP E 58 47.49 -7.83 -14.28
N ALA E 59 47.81 -7.73 -12.97
CA ALA E 59 46.84 -7.34 -11.92
C ALA E 59 46.36 -5.90 -12.17
N ALA E 60 47.29 -4.99 -12.57
CA ALA E 60 46.99 -3.60 -12.92
C ALA E 60 46.11 -3.48 -14.18
N LYS E 61 46.43 -4.23 -15.27
CA LYS E 61 45.65 -4.23 -16.52
C LYS E 61 44.25 -4.85 -16.36
N ASN E 62 44.13 -5.93 -15.56
CA ASN E 62 42.86 -6.63 -15.35
C ASN E 62 41.78 -5.80 -14.64
N GLN E 63 42.19 -4.72 -13.93
CA GLN E 63 41.25 -3.86 -13.21
C GLN E 63 41.08 -2.46 -13.86
N VAL E 64 41.59 -2.28 -15.10
CA VAL E 64 41.54 -1.02 -15.86
C VAL E 64 40.08 -0.49 -16.04
N ALA E 65 39.10 -1.40 -16.26
CA ALA E 65 37.69 -1.05 -16.44
C ALA E 65 37.04 -0.52 -15.15
N MET E 66 37.52 -1.00 -13.98
CA MET E 66 37.01 -0.62 -12.66
C MET E 66 37.56 0.70 -12.14
N ASN E 67 38.80 1.03 -12.51
CA ASN E 67 39.56 2.17 -12.02
C ASN E 67 40.34 2.81 -13.17
N PRO E 68 39.70 3.44 -14.19
CA PRO E 68 40.49 4.01 -15.31
C PRO E 68 41.26 5.30 -15.01
N THR E 69 40.78 6.12 -14.06
CA THR E 69 41.48 7.38 -13.77
C THR E 69 42.76 7.17 -12.93
N ASN E 70 42.88 6.02 -12.24
CA ASN E 70 44.03 5.75 -11.39
C ASN E 70 44.92 4.62 -11.91
N THR E 71 44.66 4.15 -13.15
CA THR E 71 45.48 3.13 -13.82
C THR E 71 46.33 3.84 -14.87
N VAL E 72 47.65 3.80 -14.67
CA VAL E 72 48.63 4.43 -15.54
C VAL E 72 49.27 3.39 -16.47
N PHE E 73 49.48 3.80 -17.72
CA PHE E 73 50.12 3.05 -18.80
C PHE E 73 50.71 4.11 -19.73
N ASP E 74 51.49 3.70 -20.76
CA ASP E 74 52.14 4.59 -21.76
C ASP E 74 53.13 5.58 -21.14
N ALA E 75 53.66 5.32 -19.92
CA ALA E 75 54.64 6.21 -19.26
C ALA E 75 55.88 6.40 -20.17
N LYS E 76 56.18 5.43 -21.07
CA LYS E 76 57.27 5.45 -22.05
C LYS E 76 57.06 6.57 -23.10
N ARG E 77 55.83 7.03 -23.28
CA ARG E 77 55.52 8.12 -24.20
C ARG E 77 55.76 9.47 -23.50
N LEU E 78 55.92 9.47 -22.15
CA LEU E 78 56.14 10.68 -21.34
C LEU E 78 57.57 10.81 -20.83
N ILE E 79 58.26 9.65 -20.65
CA ILE E 79 59.59 9.55 -20.05
C ILE E 79 60.64 10.42 -20.78
N GLY E 80 61.26 11.31 -20.01
CA GLY E 80 62.32 12.21 -20.45
C GLY E 80 61.90 13.39 -21.31
N ARG E 81 60.57 13.62 -21.44
CA ARG E 81 59.94 14.69 -22.21
C ARG E 81 59.54 15.89 -21.35
N ARG E 82 59.42 17.06 -21.97
CA ARG E 82 58.95 18.30 -21.35
C ARG E 82 57.44 18.27 -21.49
N PHE E 83 56.73 18.99 -20.61
CA PHE E 83 55.26 19.05 -20.63
C PHE E 83 54.71 19.57 -21.95
N ASP E 84 55.37 20.61 -22.50
CA ASP E 84 54.98 21.30 -23.73
C ASP E 84 55.38 20.57 -25.04
N ASP E 85 55.90 19.35 -24.94
CA ASP E 85 56.27 18.54 -26.09
C ASP E 85 54.98 18.17 -26.84
N ALA E 86 55.04 18.21 -28.19
CA ALA E 86 53.94 17.88 -29.11
C ALA E 86 53.33 16.49 -28.80
N VAL E 87 54.19 15.48 -28.55
CA VAL E 87 53.80 14.10 -28.21
C VAL E 87 52.95 14.08 -26.92
N VAL E 88 53.45 14.72 -25.83
CA VAL E 88 52.75 14.80 -24.54
C VAL E 88 51.38 15.46 -24.71
N GLN E 89 51.33 16.61 -25.39
CA GLN E 89 50.09 17.38 -25.62
C GLN E 89 49.04 16.63 -26.44
N SER E 90 49.49 15.84 -27.44
CA SER E 90 48.64 15.05 -28.32
C SER E 90 48.10 13.80 -27.63
N ASP E 91 48.98 13.11 -26.90
CA ASP E 91 48.62 11.88 -26.21
C ASP E 91 47.70 12.08 -25.02
N MET E 92 47.88 13.16 -24.23
CA MET E 92 47.08 13.32 -23.02
C MET E 92 45.59 13.60 -23.29
N LYS E 93 45.23 13.87 -24.55
CA LYS E 93 43.84 14.05 -24.98
C LYS E 93 43.06 12.71 -24.97
N HIS E 94 43.79 11.60 -25.00
CA HIS E 94 43.21 10.26 -25.02
C HIS E 94 43.37 9.40 -23.75
N TRP E 95 44.21 9.82 -22.82
CA TRP E 95 44.41 9.09 -21.57
C TRP E 95 43.33 9.32 -20.55
N PRO E 96 42.91 8.26 -19.81
CA PRO E 96 41.87 8.47 -18.77
C PRO E 96 42.44 9.03 -17.46
N PHE E 97 43.78 8.92 -17.25
CA PHE E 97 44.47 9.46 -16.07
C PHE E 97 44.92 10.91 -16.33
N MET E 98 45.13 11.68 -15.25
CA MET E 98 45.54 13.09 -15.30
C MET E 98 47.03 13.25 -15.51
N VAL E 99 47.40 14.23 -16.33
CA VAL E 99 48.79 14.59 -16.60
C VAL E 99 48.94 16.08 -16.24
N VAL E 100 49.75 16.36 -15.22
CA VAL E 100 49.96 17.72 -14.75
C VAL E 100 51.35 18.27 -15.15
N ASN E 101 51.54 19.57 -15.03
CA ASN E 101 52.79 20.25 -15.34
C ASN E 101 53.45 20.70 -14.04
N ASP E 102 54.65 20.17 -13.77
CA ASP E 102 55.43 20.54 -12.60
C ASP E 102 56.74 21.15 -13.10
N ALA E 103 56.81 22.49 -13.09
CA ALA E 103 57.96 23.30 -13.55
C ALA E 103 58.50 22.85 -14.92
N GLY E 104 57.58 22.67 -15.88
CA GLY E 104 57.92 22.27 -17.23
C GLY E 104 57.98 20.78 -17.48
N ARG E 105 57.95 19.96 -16.41
CA ARG E 105 58.01 18.50 -16.46
C ARG E 105 56.63 17.85 -16.28
N PRO E 106 56.25 16.85 -17.09
CA PRO E 106 54.96 16.18 -16.85
C PRO E 106 55.00 15.20 -15.66
N LYS E 107 53.85 15.03 -14.99
CA LYS E 107 53.67 14.10 -13.86
C LYS E 107 52.28 13.52 -13.97
N VAL E 108 52.13 12.22 -13.69
CA VAL E 108 50.81 11.59 -13.70
C VAL E 108 50.19 11.83 -12.32
N GLN E 109 48.90 12.21 -12.27
CA GLN E 109 48.21 12.48 -11.02
C GLN E 109 47.09 11.50 -10.78
N VAL E 110 47.14 10.83 -9.63
CA VAL E 110 46.20 9.77 -9.24
C VAL E 110 45.72 9.92 -7.80
N GLU E 111 44.72 9.12 -7.42
CA GLU E 111 44.20 8.99 -6.06
C GLU E 111 44.76 7.64 -5.61
N TYR E 112 45.62 7.64 -4.60
CA TYR E 112 46.29 6.45 -4.08
C TYR E 112 46.13 6.43 -2.57
N LYS E 113 45.35 5.44 -2.08
CA LYS E 113 45.00 5.22 -0.67
C LYS E 113 44.29 6.45 -0.07
N GLY E 114 43.33 6.98 -0.82
CA GLY E 114 42.53 8.16 -0.43
C GLY E 114 43.21 9.50 -0.54
N GLU E 115 44.47 9.53 -1.02
CA GLU E 115 45.27 10.75 -1.15
C GLU E 115 45.59 11.05 -2.61
N THR E 116 45.53 12.35 -3.00
CA THR E 116 45.90 12.79 -4.34
C THR E 116 47.42 12.83 -4.37
N LYS E 117 48.02 12.00 -5.25
CA LYS E 117 49.46 11.87 -5.40
C LYS E 117 49.85 12.08 -6.86
N SER E 118 51.09 12.54 -7.10
CA SER E 118 51.64 12.71 -8.44
C SER E 118 52.99 12.03 -8.55
N PHE E 119 53.26 11.42 -9.72
CA PHE E 119 54.51 10.70 -9.95
C PHE E 119 55.13 11.12 -11.27
N TYR E 120 56.46 11.19 -11.33
CA TYR E 120 57.18 11.48 -12.56
C TYR E 120 57.15 10.23 -13.46
N PRO E 121 57.26 10.34 -14.82
CA PRO E 121 57.23 9.12 -15.66
C PRO E 121 58.27 8.06 -15.31
N GLU E 122 59.48 8.49 -14.88
CA GLU E 122 60.57 7.60 -14.45
C GLU E 122 60.21 6.83 -13.20
N GLU E 123 59.33 7.37 -12.35
CA GLU E 123 58.90 6.71 -11.12
C GLU E 123 57.92 5.59 -11.46
N VAL E 124 57.04 5.81 -12.46
CA VAL E 124 56.06 4.82 -12.90
C VAL E 124 56.83 3.68 -13.59
N SER E 125 57.82 4.04 -14.43
CA SER E 125 58.71 3.14 -15.14
C SER E 125 59.55 2.32 -14.17
N SER E 126 59.96 2.91 -13.03
CA SER E 126 60.72 2.20 -12.00
C SER E 126 59.87 1.09 -11.35
N MET E 127 58.54 1.30 -11.24
CA MET E 127 57.62 0.29 -10.67
C MET E 127 57.47 -0.90 -11.63
N VAL E 128 57.49 -0.64 -12.96
CA VAL E 128 57.42 -1.69 -13.99
C VAL E 128 58.72 -2.48 -13.98
N LEU E 129 59.86 -1.77 -13.80
CA LEU E 129 61.18 -2.40 -13.73
C LEU E 129 61.32 -3.24 -12.48
N THR E 130 60.78 -2.78 -11.35
CA THR E 130 60.77 -3.52 -10.07
C THR E 130 60.01 -4.84 -10.26
N LYS E 131 58.87 -4.79 -10.97
CA LYS E 131 58.07 -5.98 -11.25
C LYS E 131 58.86 -6.94 -12.12
N MET E 132 59.56 -6.44 -13.15
CA MET E 132 60.41 -7.24 -14.06
C MET E 132 61.56 -7.88 -13.29
N LYS E 133 62.10 -7.16 -12.28
CA LYS E 133 63.16 -7.60 -11.37
C LYS E 133 62.64 -8.76 -10.50
N GLU E 134 61.41 -8.65 -9.97
CA GLU E 134 60.76 -9.66 -9.11
C GLU E 134 60.35 -10.90 -9.91
N ILE E 135 59.97 -10.73 -11.20
CA ILE E 135 59.61 -11.80 -12.13
C ILE E 135 60.81 -12.72 -12.33
N ALA E 136 62.00 -12.13 -12.55
CA ALA E 136 63.28 -12.83 -12.72
C ALA E 136 63.68 -13.53 -11.41
N GLU E 137 63.61 -12.80 -10.26
CA GLU E 137 63.94 -13.30 -8.93
C GLU E 137 63.08 -14.51 -8.52
N ALA E 138 61.76 -14.48 -8.87
CA ALA E 138 60.83 -15.57 -8.53
C ALA E 138 61.17 -16.84 -9.31
N TYR E 139 61.61 -16.69 -10.58
CA TYR E 139 61.98 -17.82 -11.41
C TYR E 139 63.35 -18.41 -11.01
N LEU E 140 64.36 -17.53 -10.85
CA LEU E 140 65.73 -17.94 -10.56
C LEU E 140 65.93 -18.45 -9.15
N GLY E 141 65.16 -17.91 -8.20
CA GLY E 141 65.28 -18.22 -6.79
C GLY E 141 66.53 -17.57 -6.23
N LYS E 142 66.96 -16.47 -6.90
CA LYS E 142 68.17 -15.71 -6.58
C LYS E 142 67.88 -14.23 -6.73
N THR E 143 68.61 -13.40 -5.98
CA THR E 143 68.50 -11.94 -6.04
C THR E 143 69.01 -11.44 -7.39
N VAL E 144 68.27 -10.51 -8.02
CA VAL E 144 68.64 -9.91 -9.32
C VAL E 144 68.93 -8.42 -9.11
N THR E 145 70.16 -8.00 -9.46
CA THR E 145 70.57 -6.62 -9.33
C THR E 145 71.00 -6.02 -10.67
N ASN E 146 71.75 -6.77 -11.47
CA ASN E 146 72.29 -6.29 -12.74
C ASN E 146 71.34 -6.47 -13.91
N ALA E 147 71.20 -5.43 -14.75
CA ALA E 147 70.32 -5.46 -15.92
C ALA E 147 70.78 -4.59 -17.06
N VAL E 148 70.47 -5.04 -18.29
CA VAL E 148 70.62 -4.33 -19.55
C VAL E 148 69.17 -3.96 -19.91
N VAL E 149 68.89 -2.65 -20.01
CA VAL E 149 67.56 -2.12 -20.34
C VAL E 149 67.60 -1.49 -21.72
N THR E 150 66.56 -1.75 -22.54
CA THR E 150 66.46 -1.25 -23.91
C THR E 150 65.60 0.00 -24.04
N VAL E 151 65.97 0.89 -24.98
CA VAL E 151 65.27 2.15 -25.29
C VAL E 151 65.13 2.29 -26.84
N PRO E 152 64.08 3.05 -27.32
CA PRO E 152 64.06 3.18 -28.79
C PRO E 152 65.22 4.04 -29.28
N ALA E 153 65.71 3.76 -30.50
CA ALA E 153 66.84 4.48 -31.08
C ALA E 153 66.66 6.00 -31.24
N TYR E 154 65.42 6.45 -31.35
CA TYR E 154 65.10 7.88 -31.51
C TYR E 154 65.09 8.68 -30.19
N PHE E 155 65.28 8.00 -29.08
CA PHE E 155 65.33 8.60 -27.76
C PHE E 155 66.47 9.58 -27.64
N ASN E 156 66.19 10.76 -27.12
CA ASN E 156 67.20 11.79 -26.91
C ASN E 156 67.95 11.54 -25.61
N ASP E 157 68.95 12.35 -25.31
CA ASP E 157 69.74 12.16 -24.10
C ASP E 157 68.90 12.24 -22.83
N SER E 158 67.96 13.18 -22.78
CA SER E 158 67.11 13.32 -21.61
C SER E 158 66.25 12.08 -21.39
N GLN E 159 65.72 11.54 -22.47
CA GLN E 159 64.90 10.34 -22.42
C GLN E 159 65.72 9.15 -21.96
N ARG E 160 66.95 9.06 -22.47
CA ARG E 160 67.84 7.97 -22.10
C ARG E 160 68.21 8.04 -20.62
N GLN E 161 68.47 9.24 -20.14
CA GLN E 161 68.82 9.46 -18.75
C GLN E 161 67.68 9.12 -17.80
N ALA E 162 66.46 9.49 -18.19
CA ALA E 162 65.29 9.22 -17.39
C ALA E 162 65.11 7.72 -17.22
N THR E 163 65.38 6.97 -18.29
CA THR E 163 65.29 5.53 -18.23
C THR E 163 66.32 4.92 -17.27
N LYS E 164 67.54 5.44 -17.27
CA LYS E 164 68.58 4.95 -16.36
C LYS E 164 68.11 5.25 -14.95
N ASP E 165 67.57 6.45 -14.79
CA ASP E 165 67.01 6.90 -13.52
C ASP E 165 65.98 5.89 -13.01
N ALA E 166 65.04 5.46 -13.86
CA ALA E 166 64.03 4.45 -13.53
C ALA E 166 64.67 3.14 -13.00
N GLY E 167 65.72 2.66 -13.68
CA GLY E 167 66.47 1.47 -13.27
C GLY E 167 67.10 1.61 -11.90
N THR E 168 67.69 2.80 -11.62
CA THR E 168 68.33 3.15 -10.34
C THR E 168 67.31 3.22 -9.20
N ILE E 169 66.14 3.87 -9.43
CA ILE E 169 65.05 3.96 -8.46
C ILE E 169 64.53 2.55 -8.12
N ALA E 170 64.45 1.65 -9.13
CA ALA E 170 64.01 0.25 -8.99
C ALA E 170 65.04 -0.67 -8.29
N GLY E 171 66.20 -0.11 -7.91
CA GLY E 171 67.24 -0.88 -7.24
C GLY E 171 68.09 -1.73 -8.15
N LEU E 172 68.05 -1.43 -9.47
CA LEU E 172 68.86 -2.14 -10.46
C LEU E 172 70.16 -1.43 -10.71
N ASN E 173 71.19 -2.20 -11.02
CA ASN E 173 72.48 -1.72 -11.46
C ASN E 173 72.36 -1.87 -12.97
N VAL E 174 72.08 -0.75 -13.68
CA VAL E 174 71.90 -0.75 -15.13
C VAL E 174 73.28 -0.83 -15.76
N LEU E 175 73.66 -2.05 -16.22
CA LEU E 175 74.95 -2.33 -16.86
C LEU E 175 75.12 -1.52 -18.15
N ARG E 176 74.03 -1.37 -18.91
CA ARG E 176 74.02 -0.68 -20.18
C ARG E 176 72.60 -0.41 -20.64
N ILE E 177 72.43 0.72 -21.31
CA ILE E 177 71.19 1.10 -21.97
C ILE E 177 71.53 0.87 -23.46
N ILE E 178 70.85 -0.08 -24.12
CA ILE E 178 71.08 -0.37 -25.54
C ILE E 178 69.83 -0.06 -26.34
N ASN E 179 70.00 0.29 -27.61
CA ASN E 179 68.88 0.59 -28.49
C ASN E 179 68.13 -0.68 -28.83
N GLU E 180 66.82 -0.56 -28.96
CA GLU E 180 65.97 -1.72 -29.28
C GLU E 180 66.38 -2.37 -30.62
N PRO E 181 66.62 -1.62 -31.73
CA PRO E 181 67.09 -2.27 -32.98
C PRO E 181 68.46 -2.96 -32.86
N THR E 182 69.35 -2.42 -32.01
CA THR E 182 70.66 -3.01 -31.72
C THR E 182 70.50 -4.34 -30.96
N ALA E 183 69.54 -4.42 -30.01
CA ALA E 183 69.27 -5.64 -29.23
C ALA E 183 68.72 -6.77 -30.15
N ALA E 184 67.87 -6.41 -31.15
CA ALA E 184 67.32 -7.36 -32.11
C ALA E 184 68.40 -7.88 -33.06
N ALA E 185 69.36 -7.05 -33.42
CA ALA E 185 70.47 -7.45 -34.27
C ALA E 185 71.39 -8.42 -33.52
N ILE E 186 71.65 -8.16 -32.22
CA ILE E 186 72.44 -9.02 -31.33
C ILE E 186 71.77 -10.41 -31.16
N ALA E 187 70.42 -10.44 -31.03
CA ALA E 187 69.63 -11.67 -30.88
C ALA E 187 69.92 -12.68 -32.01
N TYR E 188 70.09 -12.15 -33.25
CA TYR E 188 70.39 -12.90 -34.46
C TYR E 188 71.88 -13.02 -34.77
N GLY E 189 72.72 -12.48 -33.90
CA GLY E 189 74.18 -12.50 -34.04
C GLY E 189 74.72 -11.82 -35.28
N LEU E 190 74.03 -10.78 -35.75
CA LEU E 190 74.41 -10.06 -36.98
C LEU E 190 75.74 -9.30 -36.87
N ASP E 191 76.20 -9.05 -35.64
CA ASP E 191 77.47 -8.38 -35.35
C ASP E 191 78.65 -9.37 -35.40
N LYS E 192 78.35 -10.69 -35.45
CA LYS E 192 79.33 -11.79 -35.48
C LYS E 192 79.50 -12.40 -36.89
N LYS E 193 78.71 -11.94 -37.87
CA LYS E 193 78.76 -12.42 -39.24
C LYS E 193 80.02 -11.94 -39.93
N VAL E 194 80.70 -12.88 -40.62
CA VAL E 194 81.93 -12.62 -41.36
C VAL E 194 81.66 -11.81 -42.62
N GLY E 195 82.61 -10.93 -42.96
CA GLY E 195 82.55 -10.06 -44.12
C GLY E 195 82.79 -8.60 -43.79
N ALA E 196 82.36 -7.71 -44.71
CA ALA E 196 82.50 -6.26 -44.55
C ALA E 196 81.35 -5.68 -43.67
N GLU E 197 81.13 -4.36 -43.74
CA GLU E 197 80.08 -3.66 -43.00
C GLU E 197 78.69 -4.18 -43.42
N ARG E 198 77.79 -4.34 -42.44
CA ARG E 198 76.45 -4.85 -42.68
C ARG E 198 75.44 -3.77 -42.46
N ASN E 199 74.60 -3.53 -43.47
CA ASN E 199 73.47 -2.60 -43.41
C ASN E 199 72.29 -3.44 -42.95
N VAL E 200 71.72 -3.08 -41.82
CA VAL E 200 70.61 -3.85 -41.25
C VAL E 200 69.35 -3.00 -41.07
N LEU E 201 68.23 -3.48 -41.63
CA LEU E 201 66.93 -2.84 -41.50
C LEU E 201 66.10 -3.58 -40.44
N ILE E 202 65.70 -2.88 -39.36
CA ILE E 202 64.88 -3.45 -38.31
C ILE E 202 63.48 -2.92 -38.53
N PHE E 203 62.53 -3.84 -38.76
CA PHE E 203 61.12 -3.54 -39.02
C PHE E 203 60.29 -3.96 -37.77
N ASP E 204 59.91 -2.97 -36.97
CA ASP E 204 59.17 -3.22 -35.76
C ASP E 204 57.72 -2.74 -35.85
N LEU E 205 56.81 -3.70 -35.92
CA LEU E 205 55.37 -3.43 -35.96
C LEU E 205 54.71 -4.07 -34.75
N GLY E 206 54.18 -3.24 -33.85
CA GLY E 206 53.50 -3.66 -32.63
C GLY E 206 51.99 -3.50 -32.71
N GLY E 207 51.35 -3.26 -31.54
CA GLY E 207 49.91 -3.08 -31.42
C GLY E 207 49.42 -1.64 -31.61
N GLY E 208 50.30 -0.68 -31.30
CA GLY E 208 50.01 0.75 -31.39
C GLY E 208 51.05 1.61 -32.11
N THR E 209 52.32 1.18 -32.13
CA THR E 209 53.40 1.93 -32.80
C THR E 209 54.10 1.16 -33.92
N PHE E 210 54.60 1.89 -34.89
CA PHE E 210 55.37 1.31 -35.97
C PHE E 210 56.71 2.06 -36.07
N ASP E 211 57.84 1.32 -36.00
CA ASP E 211 59.20 1.87 -36.04
C ASP E 211 60.10 1.12 -37.00
N VAL E 212 60.77 1.86 -37.90
CA VAL E 212 61.73 1.34 -38.86
C VAL E 212 63.09 1.95 -38.48
N SER E 213 64.14 1.14 -38.43
CA SER E 213 65.49 1.65 -38.13
C SER E 213 66.50 1.04 -39.09
N ILE E 214 67.48 1.83 -39.52
CA ILE E 214 68.55 1.34 -40.37
C ILE E 214 69.83 1.50 -39.58
N LEU E 215 70.51 0.37 -39.34
CA LEU E 215 71.77 0.30 -38.62
C LEU E 215 72.87 -0.11 -39.57
N THR E 216 74.09 0.30 -39.29
CA THR E 216 75.28 -0.17 -39.98
C THR E 216 76.15 -0.83 -38.91
N ILE E 217 76.60 -2.07 -39.16
CA ILE E 217 77.48 -2.79 -38.24
C ILE E 217 78.82 -2.99 -38.91
N GLU E 218 79.88 -2.49 -38.28
CA GLU E 218 81.23 -2.59 -38.80
C GLU E 218 82.17 -2.84 -37.64
N ASP E 219 82.86 -3.99 -37.65
CA ASP E 219 83.80 -4.43 -36.62
C ASP E 219 83.19 -4.33 -35.23
N GLY E 220 81.99 -4.92 -35.06
CA GLY E 220 81.23 -4.94 -33.80
C GLY E 220 80.64 -3.63 -33.32
N ILE E 221 80.80 -2.52 -34.09
CA ILE E 221 80.27 -1.20 -33.76
C ILE E 221 78.95 -1.00 -34.48
N PHE E 222 77.91 -0.58 -33.74
CA PHE E 222 76.59 -0.30 -34.30
C PHE E 222 76.43 1.21 -34.46
N GLU E 223 75.89 1.62 -35.58
CA GLU E 223 75.67 3.03 -35.89
C GLU E 223 74.27 3.15 -36.46
N VAL E 224 73.43 3.98 -35.84
CA VAL E 224 72.07 4.23 -36.33
C VAL E 224 72.21 5.22 -37.48
N LYS E 225 71.82 4.81 -38.69
CA LYS E 225 71.92 5.65 -39.88
C LYS E 225 70.65 6.50 -40.03
N SER E 226 69.48 5.93 -39.66
CA SER E 226 68.18 6.60 -39.73
C SER E 226 67.09 5.85 -38.98
N THR E 227 66.04 6.59 -38.57
CA THR E 227 64.82 6.10 -37.93
C THR E 227 63.63 6.74 -38.66
N ALA E 228 62.56 5.96 -38.84
CA ALA E 228 61.31 6.42 -39.46
C ALA E 228 60.19 5.58 -38.89
N GLY E 229 58.95 5.95 -39.16
CA GLY E 229 57.82 5.18 -38.68
C GLY E 229 56.48 5.90 -38.70
N ASP E 230 55.50 5.25 -38.07
CA ASP E 230 54.15 5.77 -37.93
C ASP E 230 53.81 5.70 -36.46
N THR E 231 53.80 6.90 -35.87
CA THR E 231 53.54 7.27 -34.47
C THR E 231 52.37 6.47 -33.89
N HIS E 232 51.30 6.33 -34.68
CA HIS E 232 50.10 5.61 -34.31
C HIS E 232 49.58 4.77 -35.49
N LEU E 233 50.08 3.51 -35.51
CA LEU E 233 49.78 2.43 -36.45
C LEU E 233 50.33 1.14 -35.84
N GLY E 234 49.45 0.16 -35.69
CA GLY E 234 49.74 -1.14 -35.12
C GLY E 234 48.60 -2.11 -35.30
N GLY E 235 48.70 -3.24 -34.62
CA GLY E 235 47.72 -4.32 -34.66
C GLY E 235 46.29 -3.90 -34.39
N GLU E 236 46.11 -2.94 -33.47
CA GLU E 236 44.81 -2.40 -33.08
C GLU E 236 44.04 -1.83 -34.25
N ASP E 237 44.74 -1.19 -35.23
CA ASP E 237 44.10 -0.65 -36.43
C ASP E 237 43.58 -1.77 -37.33
N PHE E 238 44.20 -2.95 -37.28
CA PHE E 238 43.80 -4.11 -38.08
C PHE E 238 42.54 -4.76 -37.48
N ASP E 239 42.40 -4.72 -36.14
CA ASP E 239 41.22 -5.21 -35.43
C ASP E 239 40.05 -4.28 -35.73
N ASN E 240 40.27 -2.93 -35.72
CA ASN E 240 39.27 -1.89 -36.06
C ASN E 240 38.63 -2.15 -37.44
N ARG E 241 39.44 -2.53 -38.42
CA ARG E 241 38.97 -2.81 -39.77
C ARG E 241 38.11 -4.06 -39.83
N MET E 242 38.43 -5.09 -39.02
CA MET E 242 37.63 -6.30 -38.96
C MET E 242 36.31 -5.98 -38.25
N VAL E 243 36.36 -5.17 -37.20
CA VAL E 243 35.17 -4.75 -36.44
C VAL E 243 34.21 -3.99 -37.36
N ASN E 244 34.70 -3.01 -38.16
CA ASN E 244 33.89 -2.25 -39.12
C ASN E 244 33.23 -3.14 -40.14
N HIS E 245 33.97 -4.15 -40.59
CA HIS E 245 33.49 -5.15 -41.55
C HIS E 245 32.31 -5.94 -40.97
N PHE E 246 32.43 -6.41 -39.71
CA PHE E 246 31.36 -7.20 -39.08
C PHE E 246 30.17 -6.35 -38.64
N ILE E 247 30.41 -5.06 -38.27
CA ILE E 247 29.31 -4.13 -37.92
C ILE E 247 28.45 -3.93 -39.19
N ALA E 248 29.08 -3.75 -40.36
CA ALA E 248 28.41 -3.58 -41.66
C ALA E 248 27.65 -4.85 -42.06
N GLU E 249 28.27 -6.03 -41.85
CA GLU E 249 27.70 -7.36 -42.11
C GLU E 249 26.44 -7.56 -41.28
N PHE E 250 26.51 -7.24 -39.95
CA PHE E 250 25.38 -7.33 -39.04
C PHE E 250 24.25 -6.38 -39.49
N LYS E 251 24.61 -5.16 -39.96
CA LYS E 251 23.62 -4.20 -40.50
C LYS E 251 22.94 -4.78 -41.74
N ARG E 252 23.72 -5.35 -42.70
CA ARG E 252 23.19 -5.97 -43.93
C ARG E 252 22.20 -7.09 -43.62
N LYS E 253 22.57 -8.03 -42.73
CA LYS E 253 21.74 -9.20 -42.37
C LYS E 253 20.56 -8.89 -41.44
N HIS E 254 20.79 -8.07 -40.40
CA HIS E 254 19.74 -7.88 -39.38
C HIS E 254 19.11 -6.49 -39.33
N LYS E 255 19.66 -5.51 -40.05
CA LYS E 255 19.19 -4.11 -40.12
C LYS E 255 19.25 -3.46 -38.73
N LYS E 256 20.32 -3.78 -37.97
CA LYS E 256 20.55 -3.30 -36.62
C LYS E 256 21.98 -2.80 -36.47
N ASP E 257 22.11 -1.67 -35.80
CA ASP E 257 23.37 -1.01 -35.52
C ASP E 257 23.84 -1.37 -34.11
N ILE E 258 24.87 -2.22 -34.03
CA ILE E 258 25.43 -2.64 -32.74
C ILE E 258 26.46 -1.65 -32.19
N SER E 259 26.98 -0.71 -33.05
CA SER E 259 28.10 0.18 -32.73
C SER E 259 27.91 1.09 -31.50
N GLU E 260 26.68 1.35 -31.06
CA GLU E 260 26.52 2.17 -29.84
C GLU E 260 26.44 1.32 -28.56
N ASN E 261 26.41 -0.03 -28.71
CA ASN E 261 26.45 -0.93 -27.57
C ASN E 261 27.92 -1.32 -27.36
N LYS E 262 28.60 -0.65 -26.43
CA LYS E 262 30.00 -0.84 -26.08
C LYS E 262 30.36 -2.30 -25.75
N ARG E 263 29.47 -3.03 -25.06
CA ARG E 263 29.69 -4.43 -24.70
C ARG E 263 29.62 -5.35 -25.91
N ALA E 264 28.71 -5.06 -26.89
CA ALA E 264 28.61 -5.85 -28.12
C ALA E 264 29.87 -5.62 -28.96
N VAL E 265 30.32 -4.36 -29.08
CA VAL E 265 31.52 -4.00 -29.86
C VAL E 265 32.74 -4.68 -29.24
N ARG E 266 32.90 -4.63 -27.92
CA ARG E 266 33.98 -5.31 -27.20
C ARG E 266 33.97 -6.84 -27.46
N ARG E 267 32.79 -7.49 -27.40
CA ARG E 267 32.70 -8.95 -27.66
C ARG E 267 33.15 -9.22 -29.09
N LEU E 268 32.77 -8.34 -30.03
CA LEU E 268 33.18 -8.44 -31.43
C LEU E 268 34.69 -8.19 -31.58
N ARG E 269 35.23 -7.15 -30.93
CA ARG E 269 36.65 -6.77 -31.00
C ARG E 269 37.58 -7.87 -30.52
N THR E 270 37.26 -8.49 -29.36
CA THR E 270 38.02 -9.59 -28.77
C THR E 270 38.05 -10.78 -29.72
N ALA E 271 36.89 -11.11 -30.33
CA ALA E 271 36.76 -12.22 -31.27
C ALA E 271 37.57 -11.93 -32.53
N CYS E 272 37.56 -10.66 -33.02
CA CYS E 272 38.33 -10.23 -34.20
C CYS E 272 39.84 -10.35 -34.02
N GLU E 273 40.38 -9.89 -32.90
CA GLU E 273 41.81 -9.94 -32.57
C GLU E 273 42.28 -11.40 -32.57
N ARG E 274 41.48 -12.33 -31.98
CA ARG E 274 41.77 -13.76 -31.93
C ARG E 274 41.69 -14.36 -33.34
N ALA E 275 40.64 -14.01 -34.13
CA ALA E 275 40.47 -14.47 -35.52
C ALA E 275 41.65 -13.98 -36.37
N LYS E 276 42.14 -12.74 -36.13
CA LYS E 276 43.30 -12.19 -36.84
C LYS E 276 44.52 -13.10 -36.64
N ARG E 277 44.80 -13.52 -35.38
CA ARG E 277 45.90 -14.43 -35.01
C ARG E 277 45.81 -15.77 -35.76
N THR E 278 44.59 -16.33 -35.86
CA THR E 278 44.27 -17.58 -36.57
C THR E 278 44.62 -17.46 -38.07
N LEU E 279 44.36 -16.28 -38.66
CA LEU E 279 44.62 -16.00 -40.07
C LEU E 279 46.12 -15.90 -40.43
N SER E 280 47.01 -15.85 -39.41
CA SER E 280 48.46 -15.86 -39.63
C SER E 280 48.95 -17.27 -39.97
N SER E 281 48.15 -18.30 -39.68
CA SER E 281 48.48 -19.71 -39.95
C SER E 281 47.41 -20.42 -40.79
N SER E 282 46.16 -19.94 -40.74
CA SER E 282 45.03 -20.52 -41.48
C SER E 282 44.53 -19.56 -42.55
N THR E 283 43.75 -20.08 -43.51
CA THR E 283 43.22 -19.24 -44.58
C THR E 283 41.82 -18.76 -44.25
N GLN E 284 41.24 -19.27 -43.15
CA GLN E 284 39.92 -18.86 -42.68
C GLN E 284 39.80 -18.98 -41.16
N ALA E 285 39.00 -18.08 -40.58
CA ALA E 285 38.68 -18.04 -39.15
C ALA E 285 37.17 -17.96 -39.04
N SER E 286 36.59 -18.67 -38.06
CA SER E 286 35.16 -18.71 -37.74
C SER E 286 34.93 -18.03 -36.40
N ILE E 287 33.79 -17.36 -36.24
CA ILE E 287 33.39 -16.66 -35.01
C ILE E 287 31.94 -17.04 -34.71
N GLU E 288 31.64 -17.34 -33.44
CA GLU E 288 30.31 -17.70 -32.95
C GLU E 288 30.08 -16.93 -31.65
N ILE E 289 29.19 -15.95 -31.69
CA ILE E 289 28.88 -15.08 -30.56
C ILE E 289 27.36 -15.14 -30.34
N ASP E 290 26.93 -15.83 -29.30
CA ASP E 290 25.52 -15.95 -28.96
C ASP E 290 24.99 -14.63 -28.44
N SER E 291 23.73 -14.33 -28.79
CA SER E 291 23.02 -13.15 -28.29
C SER E 291 23.93 -11.88 -28.27
N LEU E 292 24.58 -11.59 -29.39
CA LEU E 292 25.50 -10.45 -29.49
C LEU E 292 24.78 -9.13 -29.23
N TYR E 293 23.64 -8.92 -29.88
CA TYR E 293 22.89 -7.68 -29.75
C TYR E 293 21.41 -7.97 -29.98
N GLU E 294 20.56 -7.48 -29.08
CA GLU E 294 19.10 -7.66 -29.12
C GLU E 294 18.67 -9.14 -29.31
N GLY E 295 19.38 -10.04 -28.64
CA GLY E 295 19.12 -11.48 -28.65
C GLY E 295 19.51 -12.22 -29.93
N ILE E 296 20.16 -11.54 -30.91
CA ILE E 296 20.56 -12.16 -32.18
C ILE E 296 21.95 -12.83 -32.08
N ASP E 297 22.04 -14.09 -32.50
CA ASP E 297 23.30 -14.83 -32.54
C ASP E 297 24.09 -14.42 -33.77
N PHE E 298 25.41 -14.19 -33.63
CA PHE E 298 26.26 -13.80 -34.74
C PHE E 298 27.29 -14.90 -35.05
N TYR E 299 26.96 -15.74 -36.04
CA TYR E 299 27.82 -16.84 -36.49
C TYR E 299 28.31 -16.47 -37.86
N THR E 300 29.62 -16.26 -37.98
CA THR E 300 30.24 -15.87 -39.24
C THR E 300 31.67 -16.37 -39.39
N SER E 301 32.32 -16.02 -40.51
CA SER E 301 33.69 -16.39 -40.87
C SER E 301 34.32 -15.29 -41.70
N ILE E 302 35.65 -15.34 -41.83
CA ILE E 302 36.47 -14.41 -42.60
C ILE E 302 37.67 -15.17 -43.14
N THR E 303 37.96 -14.98 -44.42
CA THR E 303 39.10 -15.56 -45.11
C THR E 303 40.31 -14.62 -44.91
N ARG E 304 41.50 -15.14 -45.16
CA ARG E 304 42.73 -14.36 -45.06
C ARG E 304 42.74 -13.24 -46.10
N ALA E 305 42.21 -13.49 -47.31
CA ALA E 305 42.16 -12.53 -48.41
C ALA E 305 41.33 -11.33 -48.06
N ARG E 306 40.13 -11.57 -47.49
CA ARG E 306 39.25 -10.49 -47.09
C ARG E 306 39.91 -9.66 -45.98
N PHE E 307 40.53 -10.31 -44.97
CA PHE E 307 41.28 -9.58 -43.93
C PHE E 307 42.35 -8.66 -44.55
N GLU E 308 43.11 -9.15 -45.55
CA GLU E 308 44.15 -8.41 -46.28
C GLU E 308 43.56 -7.25 -47.08
N GLU E 309 42.40 -7.45 -47.74
CA GLU E 309 41.65 -6.45 -48.51
C GLU E 309 41.21 -5.30 -47.60
N LEU E 310 40.72 -5.62 -46.39
CA LEU E 310 40.23 -4.63 -45.41
C LEU E 310 41.35 -3.73 -44.86
N ASN E 311 42.59 -4.23 -44.87
CA ASN E 311 43.75 -3.54 -44.33
C ASN E 311 44.81 -3.16 -45.39
N ALA E 312 44.52 -3.28 -46.71
CA ALA E 312 45.44 -2.98 -47.81
C ALA E 312 46.24 -1.68 -47.66
N ASP E 313 45.55 -0.54 -47.43
CA ASP E 313 46.20 0.78 -47.29
C ASP E 313 47.15 0.82 -46.09
N LEU E 314 46.74 0.21 -44.99
CA LEU E 314 47.57 0.13 -43.80
C LEU E 314 48.78 -0.76 -44.04
N PHE E 315 48.58 -1.91 -44.68
CA PHE E 315 49.69 -2.83 -44.96
C PHE E 315 50.73 -2.26 -45.91
N ARG E 316 50.26 -1.66 -46.99
CA ARG E 316 51.13 -1.07 -48.00
C ARG E 316 51.88 0.10 -47.41
N GLY E 317 51.17 0.85 -46.59
CA GLY E 317 51.71 2.03 -45.92
C GLY E 317 52.92 1.79 -45.04
N THR E 318 53.20 0.51 -44.63
CA THR E 318 54.38 0.16 -43.82
C THR E 318 55.68 0.32 -44.61
N LEU E 319 55.58 0.41 -45.95
CA LEU E 319 56.72 0.56 -46.87
C LEU E 319 57.19 2.00 -47.06
N ASP E 320 56.30 3.00 -46.84
CA ASP E 320 56.64 4.43 -46.94
C ASP E 320 57.71 4.80 -45.89
N PRO E 321 57.57 4.46 -44.56
CA PRO E 321 58.68 4.71 -43.63
C PRO E 321 59.95 3.92 -43.95
N VAL E 322 59.82 2.76 -44.67
CA VAL E 322 60.96 1.95 -45.12
C VAL E 322 61.76 2.76 -46.17
N GLU E 323 61.06 3.31 -47.21
CA GLU E 323 61.65 4.16 -48.24
C GLU E 323 62.22 5.43 -47.62
N LYS E 324 61.52 6.03 -46.63
CA LYS E 324 61.93 7.24 -45.90
C LYS E 324 63.28 6.98 -45.19
N ALA E 325 63.38 5.85 -44.46
CA ALA E 325 64.60 5.43 -43.74
C ALA E 325 65.76 5.21 -44.71
N LEU E 326 65.51 4.55 -45.87
CA LEU E 326 66.52 4.29 -46.91
C LEU E 326 67.08 5.60 -47.51
N ARG E 327 66.19 6.61 -47.72
CA ARG E 327 66.49 7.95 -48.25
C ARG E 327 67.40 8.67 -47.25
N ASP E 328 66.99 8.75 -45.95
CA ASP E 328 67.75 9.41 -44.89
C ASP E 328 69.09 8.72 -44.62
N ALA E 329 69.15 7.39 -44.74
CA ALA E 329 70.39 6.61 -44.52
C ALA E 329 71.35 6.74 -45.72
N LYS E 330 70.85 7.28 -46.85
CA LYS E 330 71.55 7.47 -48.12
C LYS E 330 71.98 6.11 -48.69
N LEU E 331 71.02 5.14 -48.68
CA LEU E 331 71.21 3.77 -49.15
C LEU E 331 70.11 3.30 -50.07
N ASP E 332 70.47 2.45 -51.05
CA ASP E 332 69.51 1.81 -51.94
C ASP E 332 69.07 0.53 -51.22
N LYS E 333 67.88 0.00 -51.57
CA LYS E 333 67.31 -1.24 -50.98
C LYS E 333 68.24 -2.46 -51.16
N SER E 334 69.02 -2.46 -52.27
CA SER E 334 69.97 -3.51 -52.67
C SER E 334 71.20 -3.58 -51.74
N GLN E 335 71.41 -2.55 -50.91
CA GLN E 335 72.54 -2.48 -49.99
C GLN E 335 72.23 -3.11 -48.64
N ILE E 336 70.91 -3.30 -48.29
CA ILE E 336 70.49 -3.93 -47.03
C ILE E 336 70.81 -5.43 -47.04
N HIS E 337 71.68 -5.86 -46.09
CA HIS E 337 72.16 -7.23 -45.92
C HIS E 337 71.26 -8.11 -45.05
N ASP E 338 70.60 -7.51 -44.04
CA ASP E 338 69.70 -8.25 -43.14
C ASP E 338 68.47 -7.47 -42.78
N ILE E 339 67.33 -8.17 -42.73
CA ILE E 339 66.04 -7.61 -42.33
C ILE E 339 65.60 -8.39 -41.11
N VAL E 340 65.37 -7.69 -39.99
CA VAL E 340 64.94 -8.26 -38.71
C VAL E 340 63.50 -7.83 -38.43
N LEU E 341 62.60 -8.78 -38.17
CA LEU E 341 61.20 -8.52 -37.82
C LEU E 341 61.07 -8.49 -36.30
N VAL E 342 60.48 -7.40 -35.74
CA VAL E 342 60.22 -7.22 -34.30
C VAL E 342 58.72 -6.82 -34.11
N GLY E 343 58.10 -7.24 -33.01
CA GLY E 343 56.71 -6.92 -32.66
C GLY E 343 55.73 -7.98 -33.14
N GLY E 344 54.70 -8.25 -32.34
CA GLY E 344 53.71 -9.27 -32.65
C GLY E 344 53.07 -9.23 -34.02
N SER E 345 52.81 -8.02 -34.58
CA SER E 345 52.13 -7.86 -35.88
C SER E 345 52.96 -8.19 -37.12
N THR E 346 54.29 -8.43 -36.97
CA THR E 346 55.16 -8.83 -38.09
C THR E 346 54.89 -10.31 -38.48
N ARG E 347 54.05 -11.03 -37.69
CA ARG E 347 53.64 -12.43 -37.89
C ARG E 347 52.64 -12.55 -39.04
N ILE E 348 52.01 -11.42 -39.44
CA ILE E 348 51.02 -11.34 -40.53
C ILE E 348 51.69 -11.72 -41.86
N PRO E 349 51.25 -12.83 -42.50
CA PRO E 349 51.88 -13.26 -43.78
C PRO E 349 51.96 -12.19 -44.86
N LYS E 350 50.91 -11.36 -45.03
CA LYS E 350 50.89 -10.30 -46.04
C LYS E 350 51.97 -9.24 -45.83
N ILE E 351 52.24 -8.85 -44.56
CA ILE E 351 53.27 -7.87 -44.20
C ILE E 351 54.66 -8.43 -44.56
N GLN E 352 54.89 -9.72 -44.24
CA GLN E 352 56.13 -10.43 -44.54
C GLN E 352 56.32 -10.50 -46.06
N LYS E 353 55.24 -10.78 -46.82
CA LYS E 353 55.26 -10.87 -48.29
C LYS E 353 55.58 -9.50 -48.90
N LEU E 354 54.94 -8.41 -48.40
CA LEU E 354 55.17 -7.05 -48.89
C LEU E 354 56.63 -6.61 -48.67
N LEU E 355 57.19 -6.95 -47.50
CA LEU E 355 58.54 -6.61 -47.12
C LEU E 355 59.58 -7.40 -47.93
N GLN E 356 59.34 -8.70 -48.15
CA GLN E 356 60.22 -9.59 -48.93
C GLN E 356 60.19 -9.20 -50.43
N ASP E 357 59.00 -8.87 -50.99
CA ASP E 357 58.88 -8.45 -52.39
C ASP E 357 59.57 -7.12 -52.63
N PHE E 358 59.52 -6.19 -51.64
CA PHE E 358 60.19 -4.89 -51.73
C PHE E 358 61.71 -5.08 -51.82
N PHE E 359 62.26 -6.06 -51.09
CA PHE E 359 63.69 -6.38 -51.07
C PHE E 359 64.07 -7.48 -52.06
N ASN E 360 63.24 -7.67 -53.10
CA ASN E 360 63.37 -8.60 -54.23
C ASN E 360 63.64 -10.09 -53.83
N GLY E 361 62.83 -10.60 -52.90
CA GLY E 361 62.90 -11.99 -52.45
C GLY E 361 63.85 -12.33 -51.32
N LYS E 362 64.45 -11.30 -50.68
CA LYS E 362 65.37 -11.47 -49.55
C LYS E 362 64.66 -12.11 -48.36
N GLU E 363 65.28 -13.16 -47.77
CA GLU E 363 64.76 -13.84 -46.59
C GLU E 363 64.80 -12.92 -45.37
N LEU E 364 63.83 -13.10 -44.46
CA LEU E 364 63.69 -12.27 -43.25
C LEU E 364 64.15 -13.04 -42.03
N ASN E 365 64.74 -12.34 -41.03
CA ASN E 365 65.15 -12.93 -39.74
C ASN E 365 63.91 -12.89 -38.86
N LYS E 366 63.23 -14.04 -38.72
CA LYS E 366 61.96 -14.14 -38.00
C LYS E 366 61.82 -15.37 -37.08
N SER E 367 62.88 -16.19 -36.95
CA SER E 367 62.86 -17.40 -36.15
C SER E 367 62.68 -17.18 -34.65
N ILE E 368 63.14 -16.02 -34.13
CA ILE E 368 62.98 -15.70 -32.72
C ILE E 368 61.63 -15.03 -32.58
N ASN E 369 60.82 -15.45 -31.58
CA ASN E 369 59.50 -14.87 -31.27
C ASN E 369 59.62 -13.32 -31.33
N PRO E 370 58.91 -12.64 -32.28
CA PRO E 370 59.08 -11.18 -32.44
C PRO E 370 58.71 -10.30 -31.25
N ASP E 371 57.99 -10.83 -30.25
CA ASP E 371 57.64 -10.08 -29.03
C ASP E 371 58.79 -10.18 -28.01
N GLU E 372 59.61 -11.25 -28.13
CA GLU E 372 60.70 -11.57 -27.23
C GLU E 372 62.11 -11.28 -27.74
N ALA E 373 62.27 -10.97 -29.07
CA ALA E 373 63.58 -10.73 -29.71
C ALA E 373 64.43 -9.64 -29.04
N VAL E 374 63.81 -8.52 -28.64
CA VAL E 374 64.50 -7.40 -28.00
C VAL E 374 64.98 -7.83 -26.58
N ALA E 375 64.11 -8.50 -25.77
CA ALA E 375 64.58 -8.99 -24.47
C ALA E 375 65.69 -10.02 -24.63
N TYR E 376 65.62 -10.86 -25.70
CA TYR E 376 66.59 -11.89 -26.08
C TYR E 376 67.98 -11.29 -26.28
N GLY E 377 68.08 -10.26 -27.15
CA GLY E 377 69.34 -9.58 -27.44
C GLY E 377 69.93 -8.91 -26.21
N ALA E 378 69.04 -8.32 -25.37
CA ALA E 378 69.42 -7.64 -24.12
C ALA E 378 69.96 -8.62 -23.08
N ALA E 379 69.38 -9.83 -23.00
CA ALA E 379 69.81 -10.91 -22.10
C ALA E 379 71.22 -11.42 -22.49
N VAL E 380 71.48 -11.55 -23.81
CA VAL E 380 72.77 -11.93 -24.42
C VAL E 380 73.81 -10.87 -24.01
N GLN E 381 73.45 -9.58 -24.16
CA GLN E 381 74.30 -8.44 -23.82
C GLN E 381 74.57 -8.44 -22.31
N ALA E 382 73.54 -8.73 -21.50
CA ALA E 382 73.66 -8.78 -20.04
C ALA E 382 74.59 -9.89 -19.60
N ALA E 383 74.57 -11.06 -20.27
CA ALA E 383 75.47 -12.19 -19.96
C ALA E 383 76.92 -11.86 -20.31
N ILE E 384 77.13 -11.13 -21.43
CA ILE E 384 78.45 -10.70 -21.91
C ILE E 384 79.11 -9.74 -20.91
N LEU E 385 78.31 -8.81 -20.33
CA LEU E 385 78.79 -7.81 -19.38
C LEU E 385 78.81 -8.35 -17.95
N GLY F 4 21.46 -39.53 -28.95
CA GLY F 4 21.49 -40.61 -29.92
C GLY F 4 22.86 -40.85 -30.53
N SER F 5 23.53 -39.75 -30.93
CA SER F 5 24.86 -39.77 -31.54
C SER F 5 25.84 -38.92 -30.72
N ASN F 6 25.60 -38.84 -29.40
CA ASN F 6 26.42 -38.12 -28.40
C ASN F 6 27.85 -38.61 -28.52
N SER F 7 28.77 -37.71 -28.79
CA SER F 7 30.17 -38.06 -29.05
C SER F 7 31.10 -37.78 -27.87
N PRO F 8 32.24 -38.50 -27.72
CA PRO F 8 33.18 -38.15 -26.64
C PRO F 8 33.75 -36.73 -26.80
N GLN F 9 33.85 -36.25 -28.05
CA GLN F 9 34.37 -34.90 -28.36
C GLN F 9 33.49 -33.80 -27.80
N GLU F 10 32.16 -34.00 -27.76
CA GLU F 10 31.26 -33.01 -27.19
C GLU F 10 31.35 -33.00 -25.65
N GLU F 11 31.79 -34.10 -24.98
CA GLU F 11 31.98 -34.14 -23.51
C GLU F 11 33.07 -33.17 -23.08
N VAL F 12 34.10 -32.99 -23.93
CA VAL F 12 35.22 -32.07 -23.75
C VAL F 12 34.67 -30.63 -23.76
N GLU F 13 33.74 -30.33 -24.69
CA GLU F 13 33.14 -28.99 -24.78
C GLU F 13 32.19 -28.72 -23.65
N LEU F 14 31.43 -29.73 -23.23
CA LEU F 14 30.48 -29.61 -22.12
C LEU F 14 31.20 -29.36 -20.81
N LYS F 15 32.42 -29.92 -20.67
CA LYS F 15 33.26 -29.76 -19.49
C LYS F 15 33.75 -28.31 -19.38
N LYS F 16 34.15 -27.69 -20.51
CA LYS F 16 34.57 -26.29 -20.57
C LYS F 16 33.38 -25.40 -20.17
N LEU F 17 32.19 -25.70 -20.72
CA LEU F 17 30.94 -25.01 -20.42
C LEU F 17 30.53 -25.14 -18.94
N LYS F 18 30.74 -26.31 -18.30
CA LYS F 18 30.46 -26.56 -16.88
C LYS F 18 31.43 -25.76 -16.00
N HIS F 19 32.72 -25.68 -16.36
CA HIS F 19 33.70 -24.86 -15.63
C HIS F 19 33.27 -23.37 -15.70
N LEU F 20 32.74 -22.91 -16.86
CA LEU F 20 32.25 -21.53 -17.02
C LEU F 20 30.97 -21.28 -16.23
N GLU F 21 30.08 -22.30 -16.10
CA GLU F 21 28.86 -22.20 -15.27
C GLU F 21 29.22 -22.03 -13.79
N LYS F 22 30.25 -22.75 -13.30
CA LYS F 22 30.70 -22.67 -11.91
C LYS F 22 31.27 -21.28 -11.64
N SER F 23 31.99 -20.72 -12.62
CA SER F 23 32.53 -19.35 -12.53
C SER F 23 31.43 -18.31 -12.46
N VAL F 24 30.36 -18.47 -13.27
CA VAL F 24 29.19 -17.57 -13.28
C VAL F 24 28.54 -17.61 -11.91
N GLU F 25 28.35 -18.82 -11.34
CA GLU F 25 27.76 -18.98 -9.99
C GLU F 25 28.58 -18.24 -8.90
N LYS F 26 29.93 -18.21 -9.01
CA LYS F 26 30.78 -17.48 -8.05
C LYS F 26 30.56 -15.94 -8.19
N ILE F 27 30.53 -15.42 -9.43
CA ILE F 27 30.33 -13.98 -9.69
C ILE F 27 28.92 -13.56 -9.28
N ALA F 28 27.90 -14.40 -9.53
CA ALA F 28 26.51 -14.17 -9.17
C ALA F 28 26.33 -14.09 -7.64
N ASP F 29 27.16 -14.81 -6.86
CA ASP F 29 27.13 -14.76 -5.39
C ASP F 29 27.61 -13.41 -4.90
N GLN F 30 28.64 -12.85 -5.58
CA GLN F 30 29.20 -11.51 -5.33
C GLN F 30 28.14 -10.44 -5.64
N LEU F 31 27.46 -10.59 -6.78
CA LEU F 31 26.37 -9.71 -7.21
C LEU F 31 25.26 -9.74 -6.16
N GLU F 32 24.89 -10.94 -5.65
CA GLU F 32 23.85 -11.08 -4.62
C GLU F 32 24.21 -10.31 -3.33
N GLU F 33 25.50 -10.36 -2.91
CA GLU F 33 25.98 -9.61 -1.75
C GLU F 33 25.90 -8.10 -2.00
N LEU F 34 26.23 -7.68 -3.25
CA LEU F 34 26.16 -6.29 -3.68
C LEU F 34 24.71 -5.80 -3.63
N ASN F 35 23.76 -6.62 -4.11
CA ASN F 35 22.35 -6.33 -4.12
C ASN F 35 21.86 -6.11 -2.70
N LYS F 36 22.24 -7.01 -1.74
CA LYS F 36 21.86 -6.91 -0.32
C LYS F 36 22.40 -5.65 0.37
N GLU F 37 23.66 -5.30 0.11
CA GLU F 37 24.29 -4.09 0.64
C GLU F 37 23.64 -2.82 0.08
N LEU F 38 23.30 -2.84 -1.23
CA LEU F 38 22.63 -1.75 -1.93
C LEU F 38 21.25 -1.50 -1.32
N THR F 39 20.45 -2.57 -1.13
CA THR F 39 19.12 -2.52 -0.50
C THR F 39 19.24 -1.95 0.90
N GLY F 40 20.25 -2.40 1.65
CA GLY F 40 20.55 -1.94 3.02
C GLY F 40 20.72 -0.44 3.09
N ILE F 41 21.59 0.13 2.19
CA ILE F 41 21.83 1.57 2.07
C ILE F 41 20.54 2.31 1.71
N GLN F 42 19.80 1.80 0.70
CA GLN F 42 18.52 2.38 0.24
C GLN F 42 17.45 2.49 1.32
N GLN F 43 17.58 1.75 2.46
CA GLN F 43 16.61 1.88 3.57
C GLN F 43 16.72 3.24 4.36
N GLY F 44 17.82 3.97 4.17
CA GLY F 44 18.03 5.32 4.71
C GLY F 44 18.39 5.55 6.17
N PHE F 45 19.03 4.56 6.84
CA PHE F 45 19.46 4.74 8.25
C PHE F 45 20.81 5.46 8.37
N LEU F 46 21.51 5.63 7.23
CA LEU F 46 22.77 6.36 7.11
C LEU F 46 22.39 7.83 7.11
N PRO F 47 23.19 8.74 7.73
CA PRO F 47 22.77 10.15 7.71
C PRO F 47 22.78 10.65 6.28
N LYS F 48 21.90 11.59 5.95
CA LYS F 48 21.75 12.04 4.57
C LYS F 48 23.06 12.49 3.95
N ASP F 49 23.92 13.11 4.73
CA ASP F 49 25.21 13.52 4.21
C ASP F 49 26.06 12.33 3.73
N LEU F 50 25.98 11.21 4.45
CA LEU F 50 26.77 10.00 4.12
C LEU F 50 26.21 8.94 3.15
N GLN F 51 24.95 9.05 2.73
CA GLN F 51 24.33 8.06 1.82
C GLN F 51 25.03 8.00 0.43
N ALA F 52 25.20 9.15 -0.22
CA ALA F 52 25.86 9.29 -1.51
C ALA F 52 27.26 8.65 -1.56
N GLU F 53 28.10 8.88 -0.54
CA GLU F 53 29.46 8.31 -0.50
C GLU F 53 29.46 6.78 -0.39
N ALA F 54 28.65 6.20 0.54
CA ALA F 54 28.50 4.75 0.77
C ALA F 54 28.12 4.04 -0.50
N LEU F 55 27.16 4.62 -1.23
CA LEU F 55 26.71 4.15 -2.54
C LEU F 55 27.86 4.13 -3.56
N CYS F 56 28.60 5.25 -3.66
CA CYS F 56 29.71 5.40 -4.62
C CYS F 56 30.91 4.52 -4.20
N LYS F 57 30.96 4.00 -2.95
CA LYS F 57 32.00 3.08 -2.51
C LYS F 57 31.76 1.68 -3.10
N LEU F 58 30.51 1.38 -3.53
CA LEU F 58 30.14 0.12 -4.16
C LEU F 58 30.51 0.12 -5.64
N ASP F 59 30.84 1.31 -6.21
CA ASP F 59 31.17 1.49 -7.63
C ASP F 59 32.29 0.59 -8.11
N ARG F 60 33.44 0.57 -7.41
CA ARG F 60 34.58 -0.28 -7.74
C ARG F 60 34.14 -1.75 -7.79
N ARG F 61 33.31 -2.19 -6.81
CA ARG F 61 32.78 -3.55 -6.72
C ARG F 61 31.78 -3.94 -7.81
N VAL F 62 30.90 -3.01 -8.24
CA VAL F 62 29.92 -3.29 -9.30
C VAL F 62 30.69 -3.44 -10.63
N LYS F 63 31.61 -2.48 -10.88
CA LYS F 63 32.42 -2.46 -12.06
C LYS F 63 33.26 -3.75 -12.15
N ALA F 64 33.74 -4.26 -11.00
CA ALA F 64 34.54 -5.50 -10.93
C ALA F 64 33.66 -6.70 -11.29
N THR F 65 32.38 -6.69 -10.86
CA THR F 65 31.41 -7.73 -11.18
C THR F 65 31.08 -7.73 -12.69
N ILE F 66 30.82 -6.56 -13.28
CA ILE F 66 30.52 -6.39 -14.72
C ILE F 66 31.68 -6.94 -15.53
N GLU F 67 32.92 -6.51 -15.20
CA GLU F 67 34.14 -6.94 -15.87
C GLU F 67 34.30 -8.45 -15.85
N GLN F 68 34.10 -9.12 -14.70
CA GLN F 68 34.21 -10.57 -14.57
C GLN F 68 33.17 -11.27 -15.44
N PHE F 69 31.95 -10.69 -15.53
CA PHE F 69 30.92 -11.26 -16.40
C PHE F 69 31.32 -11.07 -17.86
N MET F 70 31.95 -9.90 -18.22
CA MET F 70 32.40 -9.62 -19.59
C MET F 70 33.46 -10.61 -20.02
N LYS F 71 34.41 -10.94 -19.11
CA LYS F 71 35.48 -11.91 -19.34
C LYS F 71 34.92 -13.33 -19.54
N ILE F 72 33.81 -13.69 -18.84
CA ILE F 72 33.14 -14.99 -19.02
C ILE F 72 32.59 -15.04 -20.45
N LEU F 73 31.91 -13.95 -20.88
CA LEU F 73 31.35 -13.85 -22.24
C LEU F 73 32.45 -13.98 -23.29
N GLU F 74 33.61 -13.39 -23.06
CA GLU F 74 34.75 -13.48 -24.00
C GLU F 74 35.29 -14.89 -24.09
N GLU F 75 35.32 -15.63 -22.97
CA GLU F 75 35.77 -17.02 -22.90
C GLU F 75 34.77 -17.91 -23.64
N ILE F 76 33.44 -17.72 -23.40
CA ILE F 76 32.36 -18.45 -24.10
C ILE F 76 32.49 -18.20 -25.63
N ASP F 77 32.79 -16.97 -26.03
CA ASP F 77 32.91 -16.56 -27.45
C ASP F 77 34.10 -17.22 -28.18
N THR F 78 35.04 -17.85 -27.45
CA THR F 78 36.16 -18.59 -28.08
C THR F 78 35.71 -20.00 -28.56
N LEU F 79 34.55 -20.52 -28.08
CA LEU F 79 34.08 -21.85 -28.51
C LEU F 79 33.45 -21.86 -29.91
N ILE F 80 33.69 -22.96 -30.64
CA ILE F 80 33.14 -23.28 -31.96
C ILE F 80 32.45 -24.61 -31.70
N LEU F 81 31.13 -24.61 -31.85
CA LEU F 81 30.36 -25.80 -31.58
C LEU F 81 29.64 -26.21 -32.84
N PRO F 82 29.97 -27.41 -33.40
CA PRO F 82 29.31 -27.85 -34.63
C PRO F 82 27.81 -27.97 -34.41
N GLU F 83 27.02 -27.95 -35.47
CA GLU F 83 25.58 -28.04 -35.37
C GLU F 83 25.14 -29.34 -34.68
N ASN F 84 25.87 -30.41 -34.92
CA ASN F 84 25.57 -31.70 -34.30
C ASN F 84 25.70 -31.69 -32.77
N PHE F 85 26.54 -30.82 -32.23
CA PHE F 85 26.72 -30.72 -30.78
C PHE F 85 25.55 -29.90 -30.25
N LYS F 86 24.36 -30.47 -30.32
CA LYS F 86 23.15 -29.79 -29.88
C LYS F 86 23.09 -29.42 -28.40
N ASP F 87 23.51 -30.33 -27.53
CA ASP F 87 23.49 -30.08 -26.10
C ASP F 87 24.44 -28.95 -25.70
N SER F 88 25.61 -28.93 -26.33
CA SER F 88 26.63 -27.90 -26.07
C SER F 88 26.09 -26.51 -26.48
N ARG F 89 25.38 -26.43 -27.62
CA ARG F 89 24.83 -25.16 -28.12
C ARG F 89 23.72 -24.65 -27.22
N LEU F 90 22.85 -25.52 -26.69
CA LEU F 90 21.78 -25.13 -25.75
C LEU F 90 22.39 -24.66 -24.41
N LYS F 91 23.35 -25.43 -23.85
CA LYS F 91 24.02 -25.05 -22.61
C LYS F 91 24.75 -23.67 -22.81
N ARG F 92 25.42 -23.44 -23.95
CA ARG F 92 26.09 -22.15 -24.23
C ARG F 92 25.08 -21.00 -24.28
N LYS F 93 23.98 -21.18 -25.05
CA LYS F 93 22.91 -20.18 -25.17
C LYS F 93 22.29 -19.85 -23.81
N GLY F 94 21.94 -20.88 -23.02
CA GLY F 94 21.37 -20.72 -21.69
C GLY F 94 22.30 -19.94 -20.76
N LEU F 95 23.62 -20.25 -20.82
CA LEU F 95 24.63 -19.58 -20.01
C LEU F 95 24.84 -18.13 -20.39
N VAL F 96 24.84 -17.80 -21.71
CA VAL F 96 24.99 -16.42 -22.19
C VAL F 96 23.78 -15.58 -21.72
N LYS F 97 22.54 -16.07 -21.91
CA LYS F 97 21.33 -15.37 -21.47
C LYS F 97 21.33 -15.12 -19.95
N LYS F 98 21.84 -16.07 -19.17
CA LYS F 98 21.94 -15.96 -17.69
C LYS F 98 22.93 -14.84 -17.33
N VAL F 99 24.13 -14.84 -17.95
CA VAL F 99 25.14 -13.77 -17.76
C VAL F 99 24.54 -12.42 -18.20
N GLN F 100 23.79 -12.39 -19.31
CA GLN F 100 23.17 -11.12 -19.77
C GLN F 100 22.10 -10.60 -18.82
N ALA F 101 21.32 -11.50 -18.20
CA ALA F 101 20.32 -11.14 -17.19
C ALA F 101 21.03 -10.57 -15.94
N PHE F 102 22.18 -11.16 -15.54
CA PHE F 102 22.97 -10.65 -14.40
C PHE F 102 23.61 -9.29 -14.73
N LEU F 103 24.06 -9.09 -16.00
CA LEU F 103 24.65 -7.81 -16.44
C LEU F 103 23.58 -6.71 -16.45
N ALA F 104 22.30 -7.06 -16.75
CA ALA F 104 21.15 -6.15 -16.70
C ALA F 104 20.93 -5.72 -15.22
N GLU F 105 21.09 -6.65 -14.26
CA GLU F 105 20.99 -6.36 -12.81
C GLU F 105 22.14 -5.45 -12.36
N CYS F 106 23.39 -5.72 -12.85
CA CYS F 106 24.58 -4.88 -12.56
C CYS F 106 24.33 -3.46 -13.06
N ASP F 107 23.75 -3.31 -14.26
CA ASP F 107 23.39 -2.01 -14.86
C ASP F 107 22.43 -1.26 -13.97
N THR F 108 21.41 -1.94 -13.34
CA THR F 108 20.46 -1.24 -12.46
C THR F 108 21.19 -0.72 -11.21
N VAL F 109 22.15 -1.50 -10.65
CA VAL F 109 22.98 -1.04 -9.52
C VAL F 109 23.78 0.21 -9.95
N GLU F 110 24.43 0.18 -11.12
CA GLU F 110 25.21 1.29 -11.66
C GLU F 110 24.39 2.59 -11.78
N GLN F 111 23.11 2.49 -12.19
CA GLN F 111 22.14 3.59 -12.34
C GLN F 111 21.64 4.09 -10.97
N ASN F 112 22.03 3.43 -9.88
CA ASN F 112 21.57 3.78 -8.53
C ASN F 112 22.69 4.34 -7.64
N ILE F 113 23.93 4.32 -8.12
CA ILE F 113 25.11 4.79 -7.41
C ILE F 113 25.80 5.86 -8.21
N CYS F 114 26.60 6.72 -7.51
CA CYS F 114 27.38 7.83 -8.05
C CYS F 114 26.54 8.84 -8.87
N GLN F 115 25.24 9.00 -8.50
CA GLN F 115 24.29 9.88 -9.18
C GLN F 115 24.28 11.31 -8.65
#